data_5JPN
#
_entry.id   5JPN
#
_cell.length_a   85.450
_cell.length_b   103.310
_cell.length_c   256.030
_cell.angle_alpha   90.000
_cell.angle_beta   90.000
_cell.angle_gamma   90.000
#
_symmetry.space_group_name_H-M   'P 21 21 21'
#
loop_
_entity.id
_entity.type
_entity.pdbx_description
1 polymer 'Complement C4-A'
2 polymer 'Complement C4-A'
3 polymer 'Complement C4-A'
4 branched beta-D-mannopyranose-(1-4)-2-acetamido-2-deoxy-beta-D-glucopyranose-(1-4)-2-acetamido-2-deoxy-beta-D-glucopyranose
5 branched 2-acetamido-2-deoxy-beta-D-glucopyranose-(1-4)-2-acetamido-2-deoxy-beta-D-glucopyranose
6 branched alpha-D-mannopyranose-(1-3)-[alpha-D-mannopyranose-(1-6)]beta-D-mannopyranose-(1-4)-2-acetamido-2-deoxy-beta-D-glucopyranose-(1-4)-2-acetamido-2-deoxy-beta-D-glucopyranose
7 non-polymer 'TRIMETHYL LEAD ION'
8 non-polymer 2-acetamido-2-deoxy-alpha-D-galactopyranose
#
loop_
_entity_poly.entity_id
_entity_poly.type
_entity_poly.pdbx_seq_one_letter_code
_entity_poly.pdbx_strand_id
1 'polypeptide(L)'
;KPRLLLFSPSVVHLGVPLSVGVQLQDVPRGQVVKGSVFLRNPSRNNVPCSPKVDFTLSSERDFALLSLQVPLKDAKSCGL
HQLLRGPEVQLVAHSPWLKDSLSRTTNIQGINLLFSSRRGHLFLQTDQPIYNPGQRVRYRVFALDQKMRPSTDTITVMVE
NSHGLRVRKKEVYMPSSIFQDDFVIPDISEPGTWKISARFSDGLESNSSTQFEVKKYVLPNFEVKITPGKPYILTVPGHL
DEMQLDIQARYIYGKPVQGVAYVRFGLLDEDGKKTFFRGLESQTKLVNGQSHISLSKAEFQDALEKLNMGITDLQGLRLY
VAAAIIESPGGEMEEAELTSWYFVSSPFSLDLSKTKRHLVPGAPFLLQALVREMSGSPASGIPVKVSATVSSPGSVPEVQ
DIQQNTDGSGQVSIPIIIPQTISELQLSVSAGSPHPAIARLTVAAPPSGGPGFLSIERPDSRPPRVGDTLNLNLRAVGSG
ATFSHYYYMILSRGQIVFMNREPKRTLTSVSVFVDHHLAPSFYFVAFYYHGDHPVANSLRVDVQAGACEGKLELSVDGAK
QYRNGESVKLHLETDSLALVALGALDTALYAAGSKSHKPLNMGKVFEAMNSYDLGCGPGGGDSALQVFQAAGLAFSDGDQ
WTLSRKRLSCPKEKTT
;
A
2 'polypeptide(L)'
;NVNFQKAINEKLGQYASPTAKRCCQDGVTRLPMMRSCEQRAARVQQPDCREPFLSCCQFAESLRKKSRDKGQAGLQRALE
ILQEEDLIDEDDIPVRSFFPENWLWRVETVDRFQILTLWLPDSLTTWEIHGLSLSKTKGLCVATPVQLRVFREFHLHLRL
PMSVRRFEQLELRPVLYNYLDKNLTVSVHVSPVEGLCLAGGGGLAQQVLVPAGSARPVAFSVVPTAAAAVSLKVVARGSF
EFPVGDAVSKVLQIEKEGAIHREELVYELNPLDHRGRTLEIPGNSDPNMIPDGDFNSYVRVTASDPLDTLGSEGALSPGG
VASLLRLPRGCGEQTMIYLAPTLAASRYLDKTEQWSTLPPETKDHAVDLIQKGYMRIQQFRKADGSYAAWLSRDSSTWLT
AFVLKVLSLAQEQVGGSPEKLQETSNWLLSQQQADGSFQDPCPVLDRSMQGGLVGNDETVALTAFVTIALHHGLAVFQDE
GAEPLKQRVEASISKANSFLGEKASAGLLGAHAAAITAYALSLTKAPVDLLGVAHNNLMAMAQETGDNLYWGSVTGSQSN
AVSPTPAPRNPSDPMPQAPALWIETTAYALLHLLLHEGKAEMADQASAWLTRQGSFQGGFRSTQDTVIALDALSAYWIAS
HTTEERGLNVTLSSTGRNGFKSHALQLNNRQIRGLEEELQFSLGSKINVKVGGNSKGTLKVLRTYNVLDMKNTTCQDLQI
EVTVKGHVEYTMEANEDYEDYEYDELPAKDDPDAPLQPVTPLQLFEG
;
B
3 'polypeptide(L)'
;APKVVEEQESRVHYTVCIWRNGKVGLSGMAIADVTLLSGFHALRADLEKLTSLSDRYVSHFETEGPHVLLYFDSVPTSRE
CVGFEAVQEVPVGLVQPASATLYDYYNPERRCSVFYGAPSKSRLLATLCSAEVCQCAEGKCPRQRRALERGLQDEDGYRM
KFACYYPRVEYGFQVKVLREDSRAAFRLFETKITQVLHFTKDVKAAANQMRNFLVRASCRLRLEPGKEYLIMGLDGATYD
LEGHPQYLLDSNSWIEEMPSERLCRSTRQRAACAQLNDFLQEYGTQGCQV
;
C
#
loop_
_chem_comp.id
_chem_comp.type
_chem_comp.name
_chem_comp.formula
A2G D-saccharide, alpha linking 2-acetamido-2-deoxy-alpha-D-galactopyranose 'C8 H15 N O6'
BMA D-saccharide, beta linking beta-D-mannopyranose 'C6 H12 O6'
MAN D-saccharide, alpha linking alpha-D-mannopyranose 'C6 H12 O6'
NAG D-saccharide, beta linking 2-acetamido-2-deoxy-beta-D-glucopyranose 'C8 H15 N O6'
PBM non-polymer 'TRIMETHYL LEAD ION' 'C3 H9 Pb 1'
#
# COMPACT_ATOMS: atom_id res chain seq x y z
N LYS A 1 -50.12 9.06 50.40
CA LYS A 1 -50.36 7.66 50.09
C LYS A 1 -49.04 6.90 49.95
N PRO A 2 -48.88 5.83 50.72
CA PRO A 2 -47.66 5.02 50.61
C PRO A 2 -47.46 4.48 49.20
N ARG A 3 -46.22 4.50 48.74
CA ARG A 3 -45.91 4.11 47.37
C ARG A 3 -44.45 3.66 47.30
N LEU A 4 -44.14 2.97 46.20
CA LEU A 4 -42.79 2.48 45.93
C LEU A 4 -42.26 3.19 44.70
N LEU A 5 -41.09 3.82 44.83
CA LEU A 5 -40.46 4.54 43.73
C LEU A 5 -39.40 3.66 43.08
N LEU A 6 -39.43 3.58 41.76
CA LEU A 6 -38.49 2.76 40.99
C LEU A 6 -37.72 3.65 40.04
N PHE A 7 -36.39 3.67 40.18
CA PHE A 7 -35.51 4.45 39.33
C PHE A 7 -34.57 3.53 38.56
N SER A 8 -34.23 3.95 37.34
CA SER A 8 -33.29 3.23 36.50
C SER A 8 -32.89 4.10 35.30
N PRO A 9 -31.71 3.89 34.73
CA PRO A 9 -31.33 4.63 33.52
C PRO A 9 -32.32 4.38 32.39
N SER A 10 -32.32 5.30 31.42
CA SER A 10 -33.34 5.28 30.37
C SER A 10 -33.17 4.07 29.47
N VAL A 11 -31.93 3.67 29.16
CA VAL A 11 -31.68 2.58 28.23
C VAL A 11 -30.91 1.48 28.95
N VAL A 12 -31.06 0.26 28.45
CA VAL A 12 -30.34 -0.91 28.95
C VAL A 12 -29.21 -1.23 27.99
N HIS A 13 -28.04 -1.55 28.54
CA HIS A 13 -26.88 -1.96 27.75
C HIS A 13 -26.58 -3.42 28.06
N LEU A 14 -26.64 -4.26 27.03
CA LEU A 14 -26.43 -5.69 27.21
C LEU A 14 -25.00 -5.96 27.67
N GLY A 15 -24.87 -6.84 28.66
CA GLY A 15 -23.58 -7.14 29.25
C GLY A 15 -23.10 -6.13 30.26
N VAL A 16 -23.87 -5.07 30.51
CA VAL A 16 -23.51 -4.02 31.45
C VAL A 16 -24.53 -4.04 32.58
N PRO A 17 -24.11 -4.13 33.84
CA PRO A 17 -25.06 -4.12 34.95
C PRO A 17 -25.87 -2.83 34.99
N LEU A 18 -27.19 -2.98 35.06
CA LEU A 18 -28.10 -1.84 35.16
C LEU A 18 -28.31 -1.50 36.63
N SER A 19 -27.94 -0.28 37.03
CA SER A 19 -28.10 0.16 38.40
C SER A 19 -29.52 0.65 38.60
N VAL A 20 -30.33 -0.14 39.31
CA VAL A 20 -31.73 0.18 39.56
C VAL A 20 -31.87 0.63 41.01
N GLY A 21 -32.66 1.68 41.21
CA GLY A 21 -32.85 2.26 42.54
C GLY A 21 -34.29 2.12 42.98
N VAL A 22 -34.46 1.71 44.24
CA VAL A 22 -35.77 1.56 44.86
C VAL A 22 -35.85 2.48 46.07
N GLN A 23 -36.97 3.17 46.22
CA GLN A 23 -37.17 4.10 47.32
C GLN A 23 -38.59 3.95 47.85
N LEU A 24 -38.72 3.85 49.17
CA LEU A 24 -39.99 3.63 49.84
C LEU A 24 -40.47 4.95 50.44
N GLN A 25 -41.69 5.36 50.09
CA GLN A 25 -42.18 6.69 50.40
C GLN A 25 -43.50 6.62 51.18
N ASP A 26 -43.60 7.43 52.24
CA ASP A 26 -44.84 7.71 52.95
C ASP A 26 -45.36 6.51 53.73
N VAL A 27 -44.50 5.55 54.07
CA VAL A 27 -44.93 4.34 54.76
C VAL A 27 -45.01 4.60 56.27
N PRO A 28 -45.82 3.84 57.00
CA PRO A 28 -45.83 3.96 58.47
C PRO A 28 -44.45 3.65 59.06
N ARG A 29 -44.28 4.05 60.32
CA ARG A 29 -42.95 4.06 60.93
C ARG A 29 -42.37 2.64 61.07
N GLY A 30 -43.20 1.67 61.41
CA GLY A 30 -42.71 0.32 61.61
C GLY A 30 -42.79 -0.58 60.40
N GLN A 31 -43.13 -0.05 59.22
CA GLN A 31 -43.37 -0.87 58.05
C GLN A 31 -42.07 -1.41 57.47
N VAL A 32 -42.12 -2.65 57.00
CA VAL A 32 -41.00 -3.29 56.31
C VAL A 32 -41.55 -4.02 55.09
N VAL A 33 -40.95 -3.78 53.92
CA VAL A 33 -41.35 -4.43 52.69
C VAL A 33 -40.12 -5.03 52.02
N LYS A 34 -40.27 -6.26 51.52
CA LYS A 34 -39.23 -6.92 50.75
C LYS A 34 -39.80 -7.36 49.42
N GLY A 35 -38.96 -7.33 48.39
CA GLY A 35 -39.40 -7.68 47.06
C GLY A 35 -38.24 -8.07 46.16
N SER A 36 -38.50 -8.05 44.86
CA SER A 36 -37.52 -8.43 43.87
C SER A 36 -37.71 -7.58 42.62
N VAL A 37 -36.60 -7.29 41.94
CA VAL A 37 -36.60 -6.49 40.73
C VAL A 37 -35.84 -7.24 39.64
N PHE A 38 -36.36 -7.19 38.42
CA PHE A 38 -35.75 -7.89 37.29
C PHE A 38 -36.28 -7.30 36.00
N LEU A 39 -35.65 -7.68 34.89
CA LEU A 39 -36.08 -7.27 33.56
C LEU A 39 -36.85 -8.41 32.90
N ARG A 40 -37.77 -8.03 32.00
CA ARG A 40 -38.58 -9.02 31.30
C ARG A 40 -39.00 -8.45 29.95
N ASN A 41 -39.38 -9.37 29.04
CA ASN A 41 -39.67 -9.06 27.64
C ASN A 41 -41.17 -8.83 27.47
N PRO A 42 -41.57 -7.70 26.86
CA PRO A 42 -42.99 -7.53 26.52
C PRO A 42 -43.32 -7.94 25.09
N SER A 43 -42.29 -8.02 24.23
CA SER A 43 -42.52 -8.40 22.84
C SER A 43 -43.04 -9.83 22.75
N ARG A 44 -42.40 -10.76 23.46
CA ARG A 44 -42.95 -12.08 23.67
C ARG A 44 -43.78 -12.07 24.95
N ASN A 45 -44.22 -13.25 25.39
CA ASN A 45 -44.80 -13.34 26.73
C ASN A 45 -43.72 -13.07 27.78
N ASN A 46 -44.16 -12.55 28.92
CA ASN A 46 -43.25 -11.91 29.86
C ASN A 46 -42.27 -12.87 30.51
N VAL A 47 -41.29 -13.34 29.74
CA VAL A 47 -40.19 -14.16 30.25
C VAL A 47 -39.11 -13.23 30.78
N PRO A 48 -38.52 -13.49 31.94
CA PRO A 48 -37.42 -12.65 32.42
C PRO A 48 -36.22 -12.74 31.50
N CYS A 49 -35.64 -11.57 31.20
CA CYS A 49 -34.43 -11.48 30.40
C CYS A 49 -33.17 -11.30 31.24
N SER A 50 -33.28 -11.48 32.56
CA SER A 50 -32.17 -11.21 33.46
C SER A 50 -32.39 -12.00 34.74
N PRO A 51 -31.36 -12.14 35.57
CA PRO A 51 -31.57 -12.64 36.93
C PRO A 51 -32.42 -11.66 37.74
N LYS A 52 -32.90 -12.14 38.86
CA LYS A 52 -33.72 -11.35 39.78
C LYS A 52 -32.98 -11.18 41.10
N VAL A 53 -32.89 -9.94 41.57
CA VAL A 53 -32.22 -9.63 42.83
C VAL A 53 -33.27 -9.17 43.83
N ASP A 54 -33.09 -9.55 45.08
CA ASP A 54 -34.04 -9.24 46.14
C ASP A 54 -33.61 -7.98 46.89
N PHE A 55 -34.58 -7.34 47.54
CA PHE A 55 -34.32 -6.16 48.32
C PHE A 55 -35.23 -6.15 49.53
N THR A 56 -34.87 -5.34 50.53
CA THR A 56 -35.67 -5.15 51.73
C THR A 56 -35.52 -3.70 52.17
N LEU A 57 -36.65 -3.00 52.27
CA LEU A 57 -36.66 -1.60 52.68
C LEU A 57 -37.46 -1.47 53.97
N SER A 58 -36.86 -0.83 54.97
CA SER A 58 -37.56 -0.42 56.17
C SER A 58 -37.97 1.05 56.05
N SER A 59 -38.82 1.49 56.97
CA SER A 59 -39.20 2.90 56.97
C SER A 59 -38.04 3.81 57.37
N GLU A 60 -37.08 3.28 58.13
CA GLU A 60 -35.86 4.00 58.49
C GLU A 60 -34.64 3.49 57.74
N ARG A 61 -34.85 2.67 56.73
CA ARG A 61 -33.81 2.14 55.84
C ARG A 61 -34.46 2.00 54.47
N ASP A 62 -34.86 3.13 53.89
CA ASP A 62 -35.93 3.18 52.91
C ASP A 62 -35.48 3.18 51.46
N PHE A 63 -34.17 3.17 51.19
CA PHE A 63 -33.71 3.17 49.81
C PHE A 63 -32.55 2.22 49.63
N ALA A 64 -32.38 1.74 48.41
CA ALA A 64 -31.29 0.84 48.05
C ALA A 64 -30.99 0.99 46.57
N LEU A 65 -29.71 1.01 46.23
CA LEU A 65 -29.26 1.08 44.85
C LEU A 65 -28.70 -0.29 44.48
N LEU A 66 -29.36 -0.97 43.55
CA LEU A 66 -29.08 -2.36 43.23
C LEU A 66 -28.47 -2.48 41.84
N SER A 67 -27.48 -3.36 41.71
CA SER A 67 -26.87 -3.65 40.41
C SER A 67 -27.54 -4.88 39.81
N LEU A 68 -28.18 -4.70 38.66
CA LEU A 68 -28.87 -5.77 37.95
C LEU A 68 -28.06 -6.11 36.71
N GLN A 69 -27.44 -7.28 36.72
CA GLN A 69 -26.66 -7.73 35.58
C GLN A 69 -27.56 -8.30 34.48
N VAL A 70 -27.25 -7.95 33.25
CA VAL A 70 -28.01 -8.38 32.08
C VAL A 70 -27.07 -9.11 31.13
N PRO A 71 -27.01 -10.44 31.21
CA PRO A 71 -26.09 -11.20 30.36
C PRO A 71 -26.69 -11.54 29.00
N LEU A 72 -25.82 -12.05 28.12
CA LEU A 72 -26.23 -12.36 26.76
C LEU A 72 -27.14 -13.59 26.71
N LYS A 73 -26.83 -14.62 27.49
CA LYS A 73 -27.57 -15.88 27.40
C LYS A 73 -29.04 -15.69 27.78
N ASP A 74 -29.31 -14.82 28.76
CA ASP A 74 -30.70 -14.61 29.17
C ASP A 74 -31.44 -13.69 28.22
N ALA A 75 -30.73 -12.77 27.56
CA ALA A 75 -31.35 -11.97 26.51
C ALA A 75 -31.70 -12.83 25.30
N LYS A 76 -30.80 -13.76 24.94
CA LYS A 76 -31.11 -14.74 23.91
C LYS A 76 -32.23 -15.69 24.34
N SER A 77 -32.27 -16.05 25.64
CA SER A 77 -33.27 -16.99 26.14
C SER A 77 -34.68 -16.41 26.10
N CYS A 78 -34.84 -15.11 26.36
CA CYS A 78 -36.14 -14.46 26.30
C CYS A 78 -36.50 -13.99 24.89
N GLY A 79 -35.73 -14.38 23.89
CA GLY A 79 -36.06 -14.13 22.49
C GLY A 79 -36.05 -12.67 22.11
N LEU A 80 -34.98 -11.96 22.43
CA LEU A 80 -34.94 -10.51 22.30
C LEU A 80 -33.91 -9.99 21.31
N HIS A 81 -32.82 -10.71 21.09
CA HIS A 81 -31.62 -10.10 20.54
C HIS A 81 -31.50 -10.30 19.03
N GLN A 82 -30.28 -10.18 18.51
CA GLN A 82 -29.87 -10.31 17.12
C GLN A 82 -30.22 -9.04 16.32
N LEU A 83 -30.49 -9.20 15.03
CA LEU A 83 -30.31 -8.11 14.07
C LEU A 83 -31.21 -6.91 14.36
N LEU A 84 -32.47 -7.15 14.73
CA LEU A 84 -33.42 -6.05 14.90
C LEU A 84 -32.94 -5.10 16.00
N ARG A 85 -32.77 -3.83 15.64
CA ARG A 85 -32.16 -2.84 16.52
C ARG A 85 -33.23 -2.03 17.26
N GLY A 86 -32.93 -1.73 18.52
CA GLY A 86 -33.76 -0.88 19.34
C GLY A 86 -35.12 -1.44 19.74
N PRO A 87 -35.16 -2.61 20.38
CA PRO A 87 -36.42 -3.06 20.99
C PRO A 87 -36.57 -2.45 22.38
N GLU A 88 -37.72 -2.73 22.98
CA GLU A 88 -38.07 -2.21 24.30
C GLU A 88 -38.21 -3.36 25.29
N VAL A 89 -37.68 -3.15 26.50
CA VAL A 89 -37.67 -4.15 27.56
C VAL A 89 -38.30 -3.54 28.80
N GLN A 90 -39.06 -4.35 29.52
CA GLN A 90 -39.68 -3.93 30.78
C GLN A 90 -38.74 -4.23 31.95
N LEU A 91 -38.53 -3.24 32.81
CA LEU A 91 -37.91 -3.43 34.11
C LEU A 91 -38.99 -3.29 35.17
N VAL A 92 -39.25 -4.40 35.88
CA VAL A 92 -40.37 -4.45 36.82
C VAL A 92 -39.82 -4.70 38.23
N ALA A 93 -40.48 -4.11 39.21
CA ALA A 93 -40.23 -4.38 40.62
C ALA A 93 -41.42 -5.13 41.19
N HIS A 94 -41.16 -6.29 41.79
CA HIS A 94 -42.22 -7.19 42.23
C HIS A 94 -42.19 -7.34 43.73
N SER A 95 -43.38 -7.25 44.35
CA SER A 95 -43.56 -7.48 45.77
C SER A 95 -45.03 -7.67 46.04
N PRO A 96 -45.41 -8.49 47.03
CA PRO A 96 -46.84 -8.62 47.37
C PRO A 96 -47.44 -7.34 47.92
N TRP A 97 -46.59 -6.40 48.37
CA TRP A 97 -47.04 -5.23 49.12
C TRP A 97 -47.95 -4.32 48.29
N LEU A 98 -47.75 -4.25 46.97
CA LEU A 98 -48.62 -3.40 46.15
C LEU A 98 -50.05 -3.91 46.14
N LYS A 99 -50.23 -5.25 46.06
CA LYS A 99 -51.56 -5.85 46.11
C LYS A 99 -52.01 -6.11 47.55
N ASP A 100 -51.11 -6.55 48.42
CA ASP A 100 -51.49 -6.93 49.77
C ASP A 100 -51.88 -5.71 50.61
N SER A 101 -51.14 -4.62 50.48
CA SER A 101 -51.37 -3.42 51.29
C SER A 101 -52.05 -2.31 50.50
N LEU A 102 -51.43 -1.84 49.41
CA LEU A 102 -51.99 -0.72 48.66
C LEU A 102 -53.24 -1.10 47.87
N SER A 103 -53.47 -2.40 47.65
CA SER A 103 -54.60 -2.89 46.88
C SER A 103 -54.59 -2.35 45.45
N ARG A 104 -53.39 -2.33 44.85
CA ARG A 104 -53.27 -1.98 43.44
C ARG A 104 -53.68 -3.17 42.59
N THR A 105 -53.62 -2.99 41.26
CA THR A 105 -54.15 -4.01 40.36
C THR A 105 -53.31 -5.29 40.40
N THR A 106 -51.99 -5.16 40.49
CA THR A 106 -51.12 -6.33 40.48
C THR A 106 -49.89 -6.06 41.32
N ASN A 107 -49.09 -7.11 41.52
CA ASN A 107 -47.88 -7.01 42.34
C ASN A 107 -46.85 -6.09 41.71
N ILE A 108 -46.73 -6.13 40.38
CA ILE A 108 -45.60 -5.51 39.71
C ILE A 108 -45.90 -4.05 39.39
N GLN A 109 -44.84 -3.26 39.34
CA GLN A 109 -44.84 -1.94 38.72
C GLN A 109 -43.50 -1.77 38.03
N GLY A 110 -43.49 -1.04 36.92
CA GLY A 110 -42.25 -0.91 36.18
C GLY A 110 -42.33 0.13 35.10
N ILE A 111 -41.25 0.21 34.32
CA ILE A 111 -41.12 1.18 33.24
C ILE A 111 -40.53 0.47 32.03
N ASN A 112 -40.77 1.06 30.85
CA ASN A 112 -40.27 0.52 29.60
C ASN A 112 -38.93 1.17 29.26
N LEU A 113 -37.91 0.36 29.02
CA LEU A 113 -36.56 0.84 28.79
C LEU A 113 -36.09 0.42 27.40
N LEU A 114 -35.46 1.35 26.69
CA LEU A 114 -34.86 1.04 25.42
C LEU A 114 -33.68 0.09 25.60
N PHE A 115 -33.48 -0.80 24.63
CA PHE A 115 -32.49 -1.87 24.73
C PHE A 115 -31.43 -1.67 23.65
N SER A 116 -30.17 -1.60 24.07
CA SER A 116 -29.04 -1.49 23.16
C SER A 116 -28.01 -2.56 23.49
N SER A 117 -27.40 -3.12 22.45
CA SER A 117 -26.35 -4.13 22.61
C SER A 117 -24.96 -3.52 22.65
N ARG A 118 -24.85 -2.19 22.50
CA ARG A 118 -23.55 -1.54 22.52
C ARG A 118 -22.98 -1.53 23.93
N ARG A 119 -21.69 -1.82 24.04
CA ARG A 119 -21.03 -1.88 25.34
C ARG A 119 -19.53 -1.62 25.15
N GLY A 120 -18.90 -1.14 26.22
CA GLY A 120 -17.47 -0.95 26.22
C GLY A 120 -17.00 0.18 25.32
N HIS A 121 -15.69 0.39 25.33
CA HIS A 121 -15.03 1.40 24.50
C HIS A 121 -13.95 0.73 23.68
N LEU A 122 -13.96 0.98 22.37
CA LEU A 122 -12.97 0.42 21.45
C LEU A 122 -12.29 1.55 20.71
N PHE A 123 -10.98 1.70 20.94
CA PHE A 123 -10.16 2.70 20.26
C PHE A 123 -9.24 2.01 19.26
N LEU A 124 -9.04 2.65 18.11
CA LEU A 124 -8.22 2.08 17.06
C LEU A 124 -7.55 3.20 16.29
N GLN A 125 -6.31 2.94 15.88
CA GLN A 125 -5.48 3.96 15.24
C GLN A 125 -4.54 3.29 14.25
N THR A 126 -4.23 4.01 13.18
CA THR A 126 -3.28 3.55 12.17
C THR A 126 -1.93 4.23 12.36
N ASP A 127 -0.88 3.61 11.82
CA ASP A 127 0.45 4.16 11.99
C ASP A 127 0.68 5.41 11.16
N GLN A 128 -0.15 5.63 10.14
CA GLN A 128 -0.16 6.86 9.36
C GLN A 128 -1.60 7.20 9.03
N PRO A 129 -1.92 8.49 8.88
CA PRO A 129 -3.29 8.88 8.54
C PRO A 129 -3.58 8.99 7.04
N ILE A 130 -2.55 9.04 6.20
CA ILE A 130 -2.71 9.16 4.76
C ILE A 130 -1.67 8.26 4.08
N TYR A 131 -2.09 7.58 3.02
CA TYR A 131 -1.25 6.57 2.39
C TYR A 131 -1.23 6.74 0.88
N ASN A 132 -0.24 6.10 0.25
CA ASN A 132 -0.11 5.94 -1.17
C ASN A 132 -0.27 4.47 -1.53
N PRO A 133 -0.85 4.16 -2.69
CA PRO A 133 -1.01 2.77 -3.09
C PRO A 133 0.32 2.03 -3.11
N GLY A 134 0.36 0.87 -2.44
CA GLY A 134 1.56 0.09 -2.28
C GLY A 134 2.14 0.13 -0.88
N GLN A 135 1.78 1.14 -0.09
CA GLN A 135 2.33 1.26 1.26
C GLN A 135 1.69 0.25 2.20
N ARG A 136 2.45 -0.15 3.22
CA ARG A 136 1.94 -1.01 4.27
C ARG A 136 1.31 -0.16 5.36
N VAL A 137 0.10 -0.51 5.75
CA VAL A 137 -0.63 0.18 6.80
C VAL A 137 -0.68 -0.73 8.02
N ARG A 138 -0.20 -0.22 9.15
CA ARG A 138 -0.25 -0.91 10.43
C ARG A 138 -1.27 -0.21 11.32
N TYR A 139 -2.07 -1.00 12.03
CA TYR A 139 -3.07 -0.45 12.94
C TYR A 139 -3.10 -1.27 14.22
N ARG A 140 -3.71 -0.69 15.24
CA ARG A 140 -3.88 -1.34 16.52
C ARG A 140 -5.24 -0.98 17.11
N VAL A 141 -5.78 -1.89 17.92
CA VAL A 141 -7.10 -1.72 18.51
C VAL A 141 -6.99 -1.94 20.02
N PHE A 142 -7.53 -1.01 20.79
CA PHE A 142 -7.60 -1.12 22.24
C PHE A 142 -9.03 -1.46 22.65
N ALA A 143 -9.17 -2.30 23.68
CA ALA A 143 -10.48 -2.73 24.15
C ALA A 143 -10.60 -2.44 25.64
N LEU A 144 -11.59 -1.63 26.00
CA LEU A 144 -11.87 -1.31 27.41
C LEU A 144 -13.37 -1.48 27.66
N ASP A 145 -13.71 -1.65 28.94
CA ASP A 145 -15.10 -1.86 29.31
C ASP A 145 -15.75 -0.52 29.70
N GLN A 146 -16.93 -0.58 30.33
CA GLN A 146 -17.65 0.64 30.67
C GLN A 146 -16.90 1.45 31.73
N LYS A 147 -16.34 0.79 32.73
CA LYS A 147 -15.59 1.49 33.78
C LYS A 147 -14.18 1.84 33.34
N MET A 148 -13.89 1.78 32.04
CA MET A 148 -12.65 2.29 31.46
C MET A 148 -11.42 1.49 31.92
N ARG A 149 -11.59 0.18 32.06
CA ARG A 149 -10.49 -0.73 32.34
C ARG A 149 -10.35 -1.71 31.19
N PRO A 150 -9.14 -2.23 30.94
CA PRO A 150 -8.94 -3.11 29.77
C PRO A 150 -9.83 -4.35 29.84
N SER A 151 -10.41 -4.70 28.69
CA SER A 151 -11.33 -5.81 28.58
C SER A 151 -10.67 -6.98 27.87
N THR A 152 -11.01 -8.19 28.30
CA THR A 152 -10.44 -9.41 27.75
C THR A 152 -11.35 -10.09 26.73
N ASP A 153 -12.51 -9.51 26.44
CA ASP A 153 -13.45 -10.12 25.51
C ASP A 153 -12.90 -10.07 24.09
N THR A 154 -13.25 -11.10 23.30
CA THR A 154 -12.82 -11.17 21.93
C THR A 154 -13.52 -10.11 21.08
N ILE A 155 -12.84 -9.68 20.02
CA ILE A 155 -13.35 -8.63 19.14
C ILE A 155 -13.31 -9.13 17.70
N THR A 156 -14.16 -8.52 16.87
CA THR A 156 -14.21 -8.78 15.44
C THR A 156 -13.84 -7.50 14.70
N VAL A 157 -12.80 -7.58 13.87
CA VAL A 157 -12.26 -6.43 13.16
C VAL A 157 -12.41 -6.66 11.67
N MET A 158 -12.76 -5.60 10.94
CA MET A 158 -12.93 -5.69 9.50
C MET A 158 -12.49 -4.38 8.86
N VAL A 159 -12.00 -4.49 7.62
CA VAL A 159 -11.56 -3.36 6.82
C VAL A 159 -12.41 -3.32 5.55
N GLU A 160 -12.87 -2.12 5.19
CA GLU A 160 -13.59 -1.91 3.94
C GLU A 160 -12.96 -0.74 3.19
N ASN A 161 -12.95 -0.86 1.86
CA ASN A 161 -12.14 0.01 1.02
C ASN A 161 -12.95 1.25 0.59
N SER A 162 -12.55 1.86 -0.53
CA SER A 162 -13.16 3.12 -0.96
C SER A 162 -14.62 2.93 -1.35
N HIS A 163 -14.95 1.79 -1.96
CA HIS A 163 -16.31 1.53 -2.41
C HIS A 163 -17.10 0.68 -1.41
N GLY A 164 -16.60 0.53 -0.19
CA GLY A 164 -17.35 -0.14 0.85
C GLY A 164 -17.35 -1.65 0.79
N LEU A 165 -16.36 -2.26 0.13
CA LEU A 165 -16.27 -3.71 0.02
C LEU A 165 -15.46 -4.26 1.19
N ARG A 166 -16.07 -5.16 1.96
CA ARG A 166 -15.38 -5.83 3.06
C ARG A 166 -14.19 -6.60 2.52
N VAL A 167 -12.98 -6.12 2.80
CA VAL A 167 -11.79 -6.59 2.12
C VAL A 167 -10.88 -7.42 3.03
N ARG A 168 -10.91 -7.20 4.35
CA ARG A 168 -10.17 -8.04 5.27
C ARG A 168 -10.96 -8.16 6.57
N LYS A 169 -11.24 -9.40 6.98
CA LYS A 169 -11.93 -9.68 8.23
C LYS A 169 -11.03 -10.52 9.12
N LYS A 170 -10.98 -10.16 10.40
CA LYS A 170 -10.14 -10.89 11.36
C LYS A 170 -10.80 -10.85 12.72
N GLU A 171 -10.88 -12.02 13.36
CA GLU A 171 -11.47 -12.18 14.68
C GLU A 171 -10.41 -12.75 15.62
N VAL A 172 -10.18 -12.07 16.74
CA VAL A 172 -9.03 -12.36 17.58
C VAL A 172 -9.44 -12.40 19.05
N TYR A 173 -8.71 -13.22 19.81
CA TYR A 173 -8.76 -13.16 21.26
C TYR A 173 -8.00 -11.93 21.75
N MET A 174 -8.30 -11.52 22.99
CA MET A 174 -7.72 -10.33 23.58
C MET A 174 -7.21 -10.63 24.99
N PRO A 175 -6.13 -11.42 25.11
CA PRO A 175 -5.56 -11.66 26.45
C PRO A 175 -4.81 -10.47 26.99
N SER A 176 -4.28 -9.61 26.11
CA SER A 176 -3.59 -8.40 26.52
C SER A 176 -4.43 -7.15 26.34
N SER A 177 -5.67 -7.30 25.87
CA SER A 177 -6.61 -6.20 25.61
C SER A 177 -6.10 -5.23 24.54
N ILE A 178 -5.16 -5.67 23.71
CA ILE A 178 -4.66 -4.87 22.61
C ILE A 178 -4.38 -5.79 21.43
N PHE A 179 -4.71 -5.33 20.22
CA PHE A 179 -4.58 -6.11 19.01
C PHE A 179 -3.83 -5.31 17.96
N GLN A 180 -2.84 -5.93 17.33
CA GLN A 180 -2.04 -5.28 16.30
C GLN A 180 -2.01 -6.14 15.05
N ASP A 181 -2.13 -5.49 13.90
CA ASP A 181 -2.17 -6.17 12.61
C ASP A 181 -1.61 -5.24 11.54
N ASP A 182 -1.34 -5.80 10.37
CA ASP A 182 -0.81 -5.04 9.26
C ASP A 182 -1.30 -5.64 7.95
N PHE A 183 -1.43 -4.77 6.94
CA PHE A 183 -1.72 -5.22 5.58
C PHE A 183 -1.20 -4.17 4.62
N VAL A 184 -1.13 -4.55 3.34
CA VAL A 184 -0.56 -3.70 2.31
C VAL A 184 -1.69 -3.21 1.40
N ILE A 185 -1.77 -1.90 1.23
CA ILE A 185 -2.76 -1.28 0.34
C ILE A 185 -2.36 -1.60 -1.09
N PRO A 186 -3.24 -2.21 -1.89
CA PRO A 186 -2.84 -2.68 -3.22
C PRO A 186 -2.29 -1.57 -4.09
N ASP A 187 -1.32 -1.94 -4.94
CA ASP A 187 -0.66 -0.98 -5.81
C ASP A 187 -1.57 -0.39 -6.87
N ILE A 188 -2.69 -1.06 -7.18
CA ILE A 188 -3.63 -0.61 -8.21
C ILE A 188 -4.83 0.10 -7.60
N SER A 189 -4.78 0.44 -6.32
CA SER A 189 -5.95 0.93 -5.61
C SER A 189 -6.41 2.28 -6.13
N GLU A 190 -7.73 2.47 -6.12
CA GLU A 190 -8.29 3.78 -6.43
C GLU A 190 -8.10 4.71 -5.25
N PRO A 191 -7.91 6.00 -5.50
CA PRO A 191 -7.84 6.96 -4.39
C PRO A 191 -9.20 7.11 -3.71
N GLY A 192 -9.16 7.30 -2.41
CA GLY A 192 -10.36 7.43 -1.63
C GLY A 192 -10.11 7.10 -0.18
N THR A 193 -11.19 7.17 0.60
CA THR A 193 -11.15 6.98 2.04
C THR A 193 -11.51 5.52 2.37
N TRP A 194 -10.56 4.81 2.96
CA TRP A 194 -10.82 3.48 3.49
C TRP A 194 -11.29 3.59 4.95
N LYS A 195 -11.79 2.49 5.48
CA LYS A 195 -12.40 2.49 6.81
C LYS A 195 -12.09 1.18 7.52
N ILE A 196 -11.68 1.30 8.78
CA ILE A 196 -11.44 0.15 9.65
C ILE A 196 -12.49 0.17 10.76
N SER A 197 -13.19 -0.95 10.95
CA SER A 197 -14.22 -1.07 11.97
C SER A 197 -13.92 -2.24 12.88
N ALA A 198 -14.26 -2.08 14.17
CA ALA A 198 -14.01 -3.11 15.15
C ALA A 198 -15.14 -3.12 16.17
N ARG A 199 -15.54 -4.32 16.59
CA ARG A 199 -16.60 -4.46 17.57
C ARG A 199 -16.32 -5.71 18.41
N PHE A 200 -16.92 -5.74 19.60
CA PHE A 200 -16.87 -6.95 20.40
C PHE A 200 -17.65 -8.06 19.71
N SER A 201 -17.18 -9.30 19.85
CA SER A 201 -17.74 -10.40 19.07
C SER A 201 -19.23 -10.59 19.35
N ASP A 202 -19.63 -10.48 20.62
CA ASP A 202 -21.03 -10.63 21.00
C ASP A 202 -21.74 -9.29 21.13
N GLY A 203 -21.10 -8.20 20.74
CA GLY A 203 -21.67 -6.87 20.89
C GLY A 203 -22.63 -6.49 19.79
N LEU A 204 -22.29 -6.81 18.54
CA LEU A 204 -23.13 -6.56 17.37
C LEU A 204 -23.34 -5.07 17.12
N GLU A 205 -23.74 -4.32 18.14
CA GLU A 205 -24.02 -2.89 18.03
C GLU A 205 -22.92 -2.02 18.62
N SER A 206 -21.83 -2.62 19.10
CA SER A 206 -20.81 -1.91 19.86
C SER A 206 -19.64 -1.44 18.99
N ASN A 207 -19.86 -1.23 17.69
CA ASN A 207 -18.74 -0.96 16.78
C ASN A 207 -18.27 0.48 16.87
N SER A 208 -16.96 0.66 16.84
CA SER A 208 -16.31 1.93 16.62
C SER A 208 -15.43 1.82 15.38
N SER A 209 -15.02 2.96 14.83
CA SER A 209 -14.31 2.92 13.57
C SER A 209 -13.35 4.10 13.46
N THR A 210 -12.27 3.86 12.72
CA THR A 210 -11.38 4.91 12.25
C THR A 210 -11.21 4.77 10.75
N GLN A 211 -10.78 5.84 10.10
CA GLN A 211 -10.66 5.83 8.65
C GLN A 211 -9.43 6.61 8.21
N PHE A 212 -8.89 6.20 7.06
CA PHE A 212 -7.72 6.83 6.47
C PHE A 212 -7.97 6.99 4.97
N GLU A 213 -7.25 7.91 4.36
CA GLU A 213 -7.39 8.19 2.94
C GLU A 213 -6.14 7.73 2.20
N VAL A 214 -6.34 6.91 1.17
CA VAL A 214 -5.29 6.58 0.22
C VAL A 214 -5.52 7.45 -1.01
N LYS A 215 -4.42 7.99 -1.54
CA LYS A 215 -4.51 8.81 -2.75
C LYS A 215 -3.15 8.86 -3.41
N LYS A 216 -3.12 9.43 -4.61
CA LYS A 216 -1.99 9.29 -5.52
C LYS A 216 -0.73 9.94 -4.96
N TYR A 217 0.41 9.46 -5.44
CA TYR A 217 1.71 9.91 -4.96
C TYR A 217 1.99 11.32 -5.44
N VAL A 218 2.12 12.26 -4.49
CA VAL A 218 2.44 13.65 -4.78
C VAL A 218 3.54 14.08 -3.82
N LEU A 219 4.74 14.32 -4.36
CA LEU A 219 5.86 14.86 -3.60
C LEU A 219 6.47 15.99 -4.42
N PRO A 220 6.27 17.24 -4.04
CA PRO A 220 6.68 18.35 -4.90
C PRO A 220 8.15 18.70 -4.73
N ASN A 221 8.62 19.58 -5.62
CA ASN A 221 9.97 20.11 -5.49
C ASN A 221 10.10 21.04 -4.29
N PHE A 222 9.02 21.73 -3.93
CA PHE A 222 9.02 22.66 -2.82
C PHE A 222 7.61 22.77 -2.25
N GLU A 223 7.54 23.09 -0.96
CA GLU A 223 6.26 23.29 -0.30
C GLU A 223 5.87 24.77 -0.34
N VAL A 224 4.57 25.02 -0.46
CA VAL A 224 4.02 26.37 -0.58
C VAL A 224 3.04 26.58 0.56
N LYS A 225 3.14 27.75 1.21
CA LYS A 225 2.32 28.07 2.37
C LYS A 225 1.70 29.45 2.18
N ILE A 226 0.40 29.55 2.43
CA ILE A 226 -0.33 30.81 2.39
C ILE A 226 -0.71 31.19 3.81
N THR A 227 -0.37 32.42 4.20
CA THR A 227 -0.61 32.89 5.57
C THR A 227 -1.27 34.26 5.54
N PRO A 228 -2.57 34.34 5.83
CA PRO A 228 -3.22 35.64 5.93
C PRO A 228 -2.69 36.44 7.13
N GLY A 229 -2.76 37.76 7.00
CA GLY A 229 -2.40 38.61 8.13
C GLY A 229 -3.39 38.48 9.28
N LYS A 230 -4.68 38.39 8.95
CA LYS A 230 -5.73 38.04 9.89
C LYS A 230 -6.42 36.79 9.36
N PRO A 231 -6.51 35.70 10.14
CA PRO A 231 -7.20 34.50 9.65
C PRO A 231 -8.72 34.66 9.63
N TYR A 232 -9.18 35.91 9.62
CA TYR A 232 -10.60 36.23 9.58
C TYR A 232 -10.74 37.64 9.02
N ILE A 233 -11.89 37.89 8.38
CA ILE A 233 -12.21 39.19 7.83
C ILE A 233 -13.52 39.66 8.45
N LEU A 234 -13.47 40.81 9.12
CA LEU A 234 -14.65 41.34 9.79
C LEU A 234 -15.67 41.82 8.75
N THR A 235 -16.91 41.35 8.89
CA THR A 235 -17.99 41.73 7.98
C THR A 235 -18.79 42.93 8.47
N VAL A 236 -18.35 43.57 9.55
CA VAL A 236 -19.05 44.75 10.07
C VAL A 236 -18.95 45.88 9.05
N PRO A 237 -20.06 46.53 8.67
CA PRO A 237 -20.00 47.60 7.67
C PRO A 237 -19.10 48.74 8.06
N GLY A 238 -18.80 48.91 9.34
CA GLY A 238 -17.86 49.91 9.78
C GLY A 238 -16.39 49.55 9.66
N HIS A 239 -16.05 48.33 9.22
CA HIS A 239 -14.66 47.90 9.21
C HIS A 239 -14.61 46.62 8.37
N LEU A 240 -14.25 46.79 7.09
CA LEU A 240 -14.13 45.68 6.16
C LEU A 240 -12.74 45.62 5.53
N ASP A 241 -11.76 46.34 6.09
CA ASP A 241 -10.54 46.69 5.36
C ASP A 241 -9.32 45.84 5.73
N GLU A 242 -9.53 44.65 6.31
CA GLU A 242 -8.40 43.91 6.88
C GLU A 242 -7.59 43.13 5.84
N MET A 243 -8.25 42.64 4.79
CA MET A 243 -7.70 41.55 3.98
C MET A 243 -6.30 41.83 3.46
N GLN A 244 -5.35 41.00 3.90
CA GLN A 244 -3.97 41.01 3.46
C GLN A 244 -3.37 39.65 3.81
N LEU A 245 -2.38 39.22 3.03
CA LEU A 245 -1.83 37.88 3.21
C LEU A 245 -0.35 37.86 2.84
N ASP A 246 0.36 36.89 3.42
CA ASP A 246 1.75 36.63 3.11
C ASP A 246 1.87 35.30 2.38
N ILE A 247 2.77 35.26 1.39
CA ILE A 247 3.04 34.06 0.61
C ILE A 247 4.47 33.61 0.92
N GLN A 248 4.66 32.30 1.02
CA GLN A 248 5.97 31.75 1.34
C GLN A 248 6.13 30.41 0.64
N ALA A 249 7.33 30.18 0.10
CA ALA A 249 7.65 28.92 -0.56
C ALA A 249 9.13 28.64 -0.41
N ARG A 250 9.46 27.39 -0.10
CA ARG A 250 10.86 26.99 0.10
C ARG A 250 10.99 25.51 -0.17
N TYR A 251 12.19 25.10 -0.56
CA TYR A 251 12.48 23.71 -0.87
C TYR A 251 12.29 22.82 0.36
N ILE A 252 12.24 21.51 0.10
CA ILE A 252 12.24 20.55 1.20
C ILE A 252 13.54 20.64 1.99
N TYR A 253 14.65 20.89 1.29
CA TYR A 253 15.96 21.03 1.93
C TYR A 253 16.28 22.47 2.32
N GLY A 254 15.31 23.39 2.24
CA GLY A 254 15.39 24.68 2.87
C GLY A 254 15.60 25.86 1.96
N LYS A 255 16.04 25.64 0.72
CA LYS A 255 16.38 26.76 -0.15
C LYS A 255 15.12 27.54 -0.55
N PRO A 256 15.11 28.86 -0.42
CA PRO A 256 13.94 29.64 -0.86
C PRO A 256 13.70 29.51 -2.35
N VAL A 257 12.44 29.63 -2.74
CA VAL A 257 12.03 29.46 -4.14
C VAL A 257 11.97 30.83 -4.81
N GLN A 258 12.73 30.98 -5.89
CA GLN A 258 12.72 32.21 -6.67
C GLN A 258 11.91 31.99 -7.94
N GLY A 259 10.83 32.73 -8.09
CA GLY A 259 9.96 32.62 -9.24
C GLY A 259 8.91 33.71 -9.24
N VAL A 260 7.78 33.45 -9.88
CA VAL A 260 6.66 34.37 -9.93
C VAL A 260 5.43 33.66 -9.37
N ALA A 261 4.81 34.26 -8.36
CA ALA A 261 3.63 33.70 -7.72
C ALA A 261 2.39 34.44 -8.19
N TYR A 262 1.38 33.69 -8.62
CA TYR A 262 0.11 34.23 -9.08
C TYR A 262 -0.98 33.84 -8.08
N VAL A 263 -1.64 34.82 -7.49
CA VAL A 263 -2.75 34.58 -6.56
C VAL A 263 -4.03 35.12 -7.19
N ARG A 264 -5.05 34.27 -7.23
CA ARG A 264 -6.36 34.61 -7.77
C ARG A 264 -7.39 34.50 -6.66
N PHE A 265 -8.29 35.47 -6.58
CA PHE A 265 -9.18 35.62 -5.46
C PHE A 265 -10.61 35.23 -5.83
N GLY A 266 -11.36 34.80 -4.83
CA GLY A 266 -12.74 34.40 -5.04
C GLY A 266 -13.49 34.25 -3.75
N LEU A 267 -14.63 33.56 -3.84
CA LEU A 267 -15.52 33.34 -2.70
C LEU A 267 -15.87 31.86 -2.60
N LEU A 268 -15.86 31.34 -1.37
CA LEU A 268 -16.27 29.97 -1.10
C LEU A 268 -17.49 29.98 -0.20
N ASP A 269 -18.29 28.92 -0.31
CA ASP A 269 -19.59 28.85 0.36
C ASP A 269 -19.72 27.58 1.18
N GLU A 270 -20.93 27.24 1.61
CA GLU A 270 -21.17 25.99 2.31
C GLU A 270 -20.94 24.81 1.37
N ASP A 271 -20.22 23.80 1.85
CA ASP A 271 -19.93 22.59 1.09
C ASP A 271 -19.27 22.93 -0.26
N GLY A 272 -18.25 23.78 -0.20
CA GLY A 272 -17.49 24.14 -1.38
C GLY A 272 -18.17 25.19 -2.25
N LYS A 273 -18.55 24.80 -3.47
CA LYS A 273 -19.21 25.68 -4.43
C LYS A 273 -18.33 26.89 -4.75
N LYS A 274 -17.27 26.62 -5.51
CA LYS A 274 -16.29 27.63 -5.84
C LYS A 274 -16.87 28.69 -6.78
N THR A 275 -16.49 29.94 -6.55
CA THR A 275 -16.71 31.03 -7.49
C THR A 275 -15.61 32.05 -7.26
N PHE A 276 -15.12 32.65 -8.34
CA PHE A 276 -13.97 33.53 -8.24
C PHE A 276 -14.01 34.57 -9.35
N PHE A 277 -13.13 35.56 -9.22
CA PHE A 277 -13.09 36.70 -10.13
C PHE A 277 -12.27 36.34 -11.37
N ARG A 278 -12.89 36.44 -12.55
CA ARG A 278 -12.20 36.19 -13.80
C ARG A 278 -11.41 37.40 -14.29
N GLY A 279 -11.55 38.56 -13.64
CA GLY A 279 -10.88 39.76 -14.10
C GLY A 279 -9.83 40.28 -13.14
N LEU A 280 -9.71 39.66 -11.97
CA LEU A 280 -8.76 40.10 -10.94
C LEU A 280 -7.76 38.98 -10.68
N GLU A 281 -6.48 39.29 -10.88
CA GLU A 281 -5.40 38.38 -10.56
C GLU A 281 -4.14 39.21 -10.29
N SER A 282 -3.39 38.83 -9.26
CA SER A 282 -2.22 39.57 -8.82
C SER A 282 -1.00 38.67 -8.85
N GLN A 283 0.07 39.15 -9.47
CA GLN A 283 1.31 38.39 -9.61
C GLN A 283 2.48 39.18 -9.03
N THR A 284 3.40 38.46 -8.38
CA THR A 284 4.57 39.07 -7.78
C THR A 284 5.78 38.16 -7.92
N LYS A 285 6.93 38.76 -8.17
CA LYS A 285 8.19 38.03 -8.10
C LYS A 285 8.55 37.80 -6.64
N LEU A 286 8.90 36.56 -6.30
CA LEU A 286 9.24 36.24 -4.91
C LEU A 286 10.55 36.90 -4.51
N VAL A 287 10.60 37.37 -3.27
CA VAL A 287 11.83 37.90 -2.67
C VAL A 287 12.06 37.16 -1.35
N ASN A 288 13.26 36.61 -1.19
CA ASN A 288 13.57 35.72 -0.06
C ASN A 288 12.56 34.58 0.03
N GLY A 289 12.05 34.14 -1.11
CA GLY A 289 11.02 33.12 -1.15
C GLY A 289 9.70 33.55 -0.57
N GLN A 290 9.43 34.85 -0.50
CA GLN A 290 8.21 35.36 0.12
C GLN A 290 7.62 36.48 -0.73
N SER A 291 6.38 36.83 -0.40
CA SER A 291 5.69 37.95 -1.02
C SER A 291 4.57 38.38 -0.08
N HIS A 292 4.20 39.66 -0.15
CA HIS A 292 3.18 40.24 0.70
C HIS A 292 2.13 40.91 -0.17
N ILE A 293 0.88 40.46 -0.05
CA ILE A 293 -0.20 40.86 -0.95
C ILE A 293 -1.30 41.53 -0.14
N SER A 294 -1.91 42.56 -0.71
CA SER A 294 -3.07 43.22 -0.15
C SER A 294 -4.16 43.32 -1.22
N LEU A 295 -5.38 43.55 -0.77
CA LEU A 295 -6.54 43.67 -1.66
C LEU A 295 -7.26 44.97 -1.34
N SER A 296 -7.43 45.82 -2.35
CA SER A 296 -8.02 47.13 -2.14
C SER A 296 -9.54 47.05 -2.07
N LYS A 297 -10.14 48.02 -1.37
CA LYS A 297 -11.59 48.08 -1.28
C LYS A 297 -12.21 48.36 -2.64
N ALA A 298 -11.56 49.20 -3.47
CA ALA A 298 -12.08 49.48 -4.80
C ALA A 298 -12.01 48.25 -5.69
N GLU A 299 -10.91 47.50 -5.61
CA GLU A 299 -10.83 46.24 -6.34
C GLU A 299 -11.87 45.25 -5.85
N PHE A 300 -12.14 45.25 -4.54
CA PHE A 300 -13.15 44.37 -3.98
C PHE A 300 -14.55 44.79 -4.43
N GLN A 301 -14.82 46.10 -4.44
CA GLN A 301 -16.11 46.59 -4.93
C GLN A 301 -16.28 46.30 -6.40
N ASP A 302 -15.23 46.49 -7.20
CA ASP A 302 -15.31 46.20 -8.63
C ASP A 302 -15.57 44.73 -8.88
N ALA A 303 -14.98 43.86 -8.06
CA ALA A 303 -15.21 42.42 -8.20
C ALA A 303 -16.61 42.03 -7.73
N LEU A 304 -17.12 42.70 -6.70
CA LEU A 304 -18.47 42.41 -6.22
C LEU A 304 -19.52 42.79 -7.26
N GLU A 305 -19.31 43.90 -7.97
CA GLU A 305 -20.20 44.25 -9.07
C GLU A 305 -20.03 43.30 -10.24
N LYS A 306 -18.82 42.80 -10.47
CA LYS A 306 -18.61 41.81 -11.52
C LYS A 306 -19.38 40.53 -11.24
N LEU A 307 -19.41 40.11 -9.98
CA LEU A 307 -20.22 38.96 -9.57
C LEU A 307 -21.66 39.34 -9.28
N ASN A 308 -22.04 40.60 -9.54
CA ASN A 308 -23.41 41.08 -9.38
C ASN A 308 -23.91 40.93 -7.95
N MET A 309 -22.99 41.01 -6.98
CA MET A 309 -23.28 40.91 -5.56
C MET A 309 -23.92 39.59 -5.16
N GLY A 310 -23.70 38.54 -5.96
CA GLY A 310 -24.06 37.19 -5.55
C GLY A 310 -25.53 37.02 -5.19
N ILE A 311 -25.77 36.46 -4.01
CA ILE A 311 -27.11 36.15 -3.54
C ILE A 311 -27.65 37.29 -2.69
N THR A 312 -26.90 37.65 -1.64
CA THR A 312 -27.31 38.74 -0.76
C THR A 312 -26.09 39.46 -0.19
N ASP A 313 -25.34 38.80 0.69
CA ASP A 313 -24.18 39.42 1.31
C ASP A 313 -23.16 38.34 1.64
N LEU A 314 -22.00 38.77 2.12
CA LEU A 314 -20.84 37.91 2.30
C LEU A 314 -20.72 37.31 3.69
N GLN A 315 -21.75 37.44 4.53
CA GLN A 315 -21.63 37.00 5.92
C GLN A 315 -21.45 35.49 6.03
N GLY A 316 -22.16 34.72 5.20
CA GLY A 316 -22.03 33.28 5.24
C GLY A 316 -20.90 32.70 4.44
N LEU A 317 -20.11 33.54 3.76
CA LEU A 317 -19.09 33.09 2.84
C LEU A 317 -17.71 33.13 3.49
N ARG A 318 -16.70 32.79 2.70
CA ARG A 318 -15.30 32.81 3.13
C ARG A 318 -14.42 33.21 1.96
N LEU A 319 -13.44 34.07 2.22
CA LEU A 319 -12.54 34.52 1.18
C LEU A 319 -11.67 33.35 0.69
N TYR A 320 -11.50 33.26 -0.62
CA TYR A 320 -10.88 32.11 -1.26
C TYR A 320 -9.69 32.57 -2.10
N VAL A 321 -8.51 32.01 -1.80
CA VAL A 321 -7.27 32.36 -2.48
C VAL A 321 -6.66 31.09 -3.05
N ALA A 322 -6.44 31.09 -4.37
CA ALA A 322 -5.73 30.01 -5.05
C ALA A 322 -4.40 30.54 -5.56
N ALA A 323 -3.32 29.87 -5.19
CA ALA A 323 -1.96 30.33 -5.47
C ALA A 323 -1.27 29.38 -6.44
N ALA A 324 -0.71 29.94 -7.49
CA ALA A 324 0.11 29.19 -8.44
C ALA A 324 1.47 29.85 -8.53
N ILE A 325 2.52 29.09 -8.23
CA ILE A 325 3.88 29.61 -8.20
C ILE A 325 4.75 28.73 -9.11
N ILE A 326 5.48 29.36 -10.01
CA ILE A 326 6.33 28.67 -10.98
C ILE A 326 7.76 29.19 -10.81
N GLU A 327 8.70 28.28 -10.60
CA GLU A 327 10.08 28.66 -10.33
C GLU A 327 10.75 29.16 -11.62
N SER A 328 11.62 30.16 -11.46
CA SER A 328 12.29 30.73 -12.64
C SER A 328 13.32 29.78 -13.24
N PRO A 329 14.21 29.13 -12.47
CA PRO A 329 15.20 28.24 -13.11
C PRO A 329 14.58 27.00 -13.73
N GLY A 330 13.73 26.31 -12.96
CA GLY A 330 13.20 25.03 -13.41
C GLY A 330 12.02 25.13 -14.35
N GLY A 331 11.21 26.18 -14.20
CA GLY A 331 10.03 26.32 -15.04
C GLY A 331 8.91 25.38 -14.70
N GLU A 332 8.81 24.94 -13.46
CA GLU A 332 7.77 24.03 -13.01
C GLU A 332 6.82 24.75 -12.07
N MET A 333 5.52 24.55 -12.27
CA MET A 333 4.48 25.25 -11.52
C MET A 333 3.94 24.36 -10.41
N GLU A 334 3.76 24.96 -9.23
CA GLU A 334 3.18 24.30 -8.07
C GLU A 334 1.99 25.10 -7.58
N GLU A 335 1.05 24.42 -6.94
CA GLU A 335 -0.25 25.00 -6.59
C GLU A 335 -0.51 24.88 -5.09
N ALA A 336 -1.16 25.91 -4.54
CA ALA A 336 -1.60 25.91 -3.15
C ALA A 336 -2.98 26.56 -3.08
N GLU A 337 -3.64 26.41 -1.93
CA GLU A 337 -4.99 26.90 -1.76
C GLU A 337 -5.26 27.23 -0.31
N LEU A 338 -5.94 28.35 -0.06
CA LEU A 338 -6.33 28.78 1.27
C LEU A 338 -7.85 28.80 1.34
N THR A 339 -8.43 27.99 2.22
CA THR A 339 -9.87 27.77 2.28
C THR A 339 -10.47 28.05 3.64
N SER A 340 -9.74 28.75 4.52
CA SER A 340 -10.17 28.95 5.90
C SER A 340 -10.49 30.39 6.23
N TRP A 341 -10.57 31.27 5.23
CA TRP A 341 -10.64 32.71 5.45
C TRP A 341 -12.10 33.15 5.50
N TYR A 342 -12.74 32.91 6.65
CA TYR A 342 -14.16 33.20 6.81
C TYR A 342 -14.40 34.68 7.05
N PHE A 343 -15.52 35.18 6.51
CA PHE A 343 -16.04 36.48 6.90
C PHE A 343 -16.84 36.34 8.18
N VAL A 344 -16.48 37.12 9.19
CA VAL A 344 -16.99 36.93 10.55
C VAL A 344 -17.76 38.17 10.98
N SER A 345 -18.84 37.94 11.74
CA SER A 345 -19.49 39.04 12.44
C SER A 345 -18.58 39.60 13.53
N SER A 346 -17.80 38.74 14.16
CA SER A 346 -16.77 39.11 15.13
C SER A 346 -15.86 37.92 15.31
N PRO A 347 -14.58 38.14 15.62
CA PRO A 347 -13.67 37.00 15.84
C PRO A 347 -14.08 36.15 17.02
N PHE A 348 -14.72 36.74 18.03
CA PHE A 348 -15.22 35.99 19.17
C PHE A 348 -16.66 35.55 18.91
N SER A 349 -17.05 34.44 19.51
CA SER A 349 -18.37 33.87 19.31
C SER A 349 -18.91 33.33 20.62
N LEU A 350 -20.20 33.51 20.85
CA LEU A 350 -20.86 33.14 22.10
C LEU A 350 -21.56 31.80 21.96
N ASP A 351 -21.55 31.02 23.04
CA ASP A 351 -22.23 29.73 23.11
C ASP A 351 -22.94 29.65 24.45
N LEU A 352 -24.27 29.52 24.42
CA LEU A 352 -25.09 29.47 25.62
C LEU A 352 -25.72 28.08 25.83
N SER A 353 -24.96 27.03 25.50
CA SER A 353 -25.51 25.67 25.60
C SER A 353 -25.73 25.26 27.04
N LYS A 354 -24.87 25.70 27.96
CA LYS A 354 -24.92 25.26 29.35
C LYS A 354 -25.88 26.07 30.21
N THR A 355 -26.65 26.98 29.60
CA THR A 355 -27.62 27.77 30.34
C THR A 355 -28.97 27.06 30.36
N LYS A 356 -29.51 26.85 31.55
CA LYS A 356 -30.79 26.17 31.69
C LYS A 356 -31.90 26.99 31.06
N ARG A 357 -32.95 26.30 30.61
CA ARG A 357 -34.08 26.92 29.93
C ARG A 357 -35.32 27.01 30.82
N HIS A 358 -35.15 27.00 32.14
CA HIS A 358 -36.28 27.00 33.05
C HIS A 358 -35.95 27.80 34.29
N LEU A 359 -36.81 28.76 34.62
CA LEU A 359 -36.63 29.61 35.78
C LEU A 359 -37.19 28.94 37.04
N VAL A 360 -36.71 29.40 38.18
CA VAL A 360 -37.27 29.02 39.48
C VAL A 360 -37.60 30.31 40.23
N PRO A 361 -38.88 30.65 40.40
CA PRO A 361 -39.25 31.92 41.03
C PRO A 361 -38.68 32.05 42.44
N GLY A 362 -38.02 33.18 42.70
CA GLY A 362 -37.39 33.41 43.99
C GLY A 362 -36.00 32.84 44.15
N ALA A 363 -35.49 32.13 43.14
CA ALA A 363 -34.15 31.55 43.17
C ALA A 363 -33.33 32.09 42.01
N PRO A 364 -32.02 32.24 42.19
CA PRO A 364 -31.19 32.83 41.13
C PRO A 364 -31.12 31.95 39.89
N PHE A 365 -30.88 32.59 38.75
CA PHE A 365 -30.78 31.93 37.46
C PHE A 365 -29.39 32.20 36.89
N LEU A 366 -28.72 31.14 36.45
CA LEU A 366 -27.32 31.20 36.05
C LEU A 366 -27.23 31.30 34.53
N LEU A 367 -26.79 32.45 34.03
CA LEU A 367 -26.41 32.58 32.63
C LEU A 367 -24.98 32.08 32.48
N GLN A 368 -24.78 31.04 31.67
CA GLN A 368 -23.48 30.41 31.50
C GLN A 368 -23.09 30.49 30.03
N ALA A 369 -21.98 31.16 29.75
CA ALA A 369 -21.57 31.46 28.39
C ALA A 369 -20.15 30.96 28.12
N LEU A 370 -19.92 30.55 26.88
CA LEU A 370 -18.61 30.16 26.40
C LEU A 370 -18.23 31.04 25.23
N VAL A 371 -17.02 31.61 25.27
CA VAL A 371 -16.53 32.49 24.22
C VAL A 371 -15.29 31.87 23.61
N ARG A 372 -15.33 31.60 22.31
CA ARG A 372 -14.23 30.99 21.59
C ARG A 372 -13.78 31.90 20.45
N GLU A 373 -12.46 32.06 20.30
CA GLU A 373 -11.90 33.00 19.34
C GLU A 373 -11.55 32.27 18.05
N MET A 374 -12.01 32.82 16.93
CA MET A 374 -11.81 32.21 15.61
C MET A 374 -12.18 30.73 15.64
N SER A 375 -11.31 29.88 15.09
CA SER A 375 -11.51 28.45 15.21
C SER A 375 -10.38 27.80 16.01
N GLY A 376 -9.63 28.57 16.79
CA GLY A 376 -8.39 28.06 17.33
C GLY A 376 -8.41 27.70 18.80
N SER A 377 -9.07 28.49 19.64
CA SER A 377 -8.96 28.31 21.08
C SER A 377 -10.15 29.00 21.75
N PRO A 378 -10.49 28.59 22.97
CA PRO A 378 -11.41 29.41 23.78
C PRO A 378 -10.73 30.70 24.23
N ALA A 379 -11.50 31.79 24.24
CA ALA A 379 -10.95 33.09 24.57
C ALA A 379 -10.96 33.28 26.09
N SER A 380 -9.79 33.51 26.67
CA SER A 380 -9.63 33.66 28.11
C SER A 380 -9.25 35.10 28.43
N GLY A 381 -10.09 35.77 29.23
CA GLY A 381 -9.83 37.13 29.67
C GLY A 381 -10.74 38.17 29.08
N ILE A 382 -11.54 37.82 28.07
CA ILE A 382 -12.42 38.75 27.35
C ILE A 382 -13.65 39.06 28.20
N PRO A 383 -14.02 40.33 28.35
CA PRO A 383 -15.22 40.68 29.11
C PRO A 383 -16.49 40.25 28.39
N VAL A 384 -17.48 39.85 29.20
CA VAL A 384 -18.79 39.45 28.71
C VAL A 384 -19.84 40.21 29.50
N LYS A 385 -20.58 41.08 28.83
CA LYS A 385 -21.61 41.90 29.47
C LYS A 385 -22.98 41.28 29.23
N VAL A 386 -23.79 41.21 30.27
CA VAL A 386 -25.11 40.58 30.23
C VAL A 386 -26.16 41.61 30.61
N SER A 387 -27.21 41.70 29.80
CA SER A 387 -28.36 42.54 30.07
C SER A 387 -29.59 41.66 30.23
N ALA A 388 -30.10 41.56 31.46
CA ALA A 388 -31.24 40.70 31.77
C ALA A 388 -32.42 41.57 32.17
N THR A 389 -33.52 41.45 31.43
CA THR A 389 -34.75 42.20 31.69
C THR A 389 -35.79 41.25 32.26
N VAL A 390 -36.25 41.52 33.48
CA VAL A 390 -37.26 40.70 34.13
C VAL A 390 -38.63 41.21 33.73
N SER A 391 -39.48 40.29 33.25
CA SER A 391 -40.86 40.62 32.90
C SER A 391 -41.76 40.12 34.03
N SER A 392 -42.31 41.05 34.81
CA SER A 392 -43.19 40.74 35.92
C SER A 392 -44.59 41.28 35.66
N PRO A 393 -45.64 40.54 36.01
CA PRO A 393 -47.01 40.94 35.63
C PRO A 393 -47.48 42.16 36.41
N GLY A 394 -47.97 43.15 35.68
CA GLY A 394 -48.49 44.40 36.25
C GLY A 394 -47.59 45.06 37.27
N SER A 395 -46.29 45.07 37.04
CA SER A 395 -45.33 45.62 37.98
C SER A 395 -44.10 46.10 37.22
N VAL A 396 -43.11 46.56 37.95
CA VAL A 396 -41.93 47.19 37.33
C VAL A 396 -41.12 46.13 36.59
N PRO A 397 -40.73 46.37 35.28
CA PRO A 397 -39.83 45.44 34.54
C PRO A 397 -38.35 45.76 34.79
N GLU A 398 -37.85 45.25 35.91
CA GLU A 398 -36.48 45.54 36.34
C GLU A 398 -35.46 44.92 35.39
N VAL A 399 -34.34 45.62 35.24
CA VAL A 399 -33.24 45.20 34.36
C VAL A 399 -31.98 45.07 35.19
N GLN A 400 -31.20 44.03 34.93
CA GLN A 400 -29.96 43.77 35.65
C GLN A 400 -28.80 43.80 34.67
N ASP A 401 -27.79 44.61 34.97
CA ASP A 401 -26.64 44.83 34.10
C ASP A 401 -25.39 44.41 34.86
N ILE A 402 -24.64 43.46 34.28
CA ILE A 402 -23.49 42.86 34.96
C ILE A 402 -22.56 42.29 33.91
N GLN A 403 -21.25 42.35 34.19
CA GLN A 403 -20.25 41.81 33.29
C GLN A 403 -19.26 40.97 34.08
N GLN A 404 -18.55 40.10 33.35
CA GLN A 404 -17.60 39.17 33.95
C GLN A 404 -16.57 38.77 32.91
N ASN A 405 -15.32 38.61 33.35
CA ASN A 405 -14.24 38.20 32.45
C ASN A 405 -14.17 36.69 32.36
N THR A 406 -13.93 36.18 31.15
CA THR A 406 -13.72 34.76 30.96
C THR A 406 -12.37 34.34 31.55
N ASP A 407 -12.33 33.11 32.07
CA ASP A 407 -11.09 32.57 32.59
C ASP A 407 -11.13 31.05 32.51
N GLY A 408 -9.97 30.43 32.65
CA GLY A 408 -9.86 28.99 32.61
C GLY A 408 -10.13 28.41 31.23
N SER A 409 -11.35 27.91 31.02
CA SER A 409 -11.75 27.33 29.75
C SER A 409 -12.51 28.32 28.88
N GLY A 410 -12.39 29.61 29.16
CA GLY A 410 -13.09 30.61 28.38
C GLY A 410 -14.56 30.74 28.70
N GLN A 411 -14.97 30.42 29.93
CA GLN A 411 -16.37 30.41 30.31
C GLN A 411 -16.68 31.56 31.26
N VAL A 412 -17.95 31.98 31.25
CA VAL A 412 -18.49 32.97 32.16
C VAL A 412 -19.81 32.45 32.70
N SER A 413 -19.95 32.46 34.03
CA SER A 413 -21.18 32.07 34.69
C SER A 413 -21.64 33.22 35.57
N ILE A 414 -22.80 33.78 35.25
CA ILE A 414 -23.29 35.01 35.87
C ILE A 414 -24.63 34.73 36.53
N PRO A 415 -24.74 34.90 37.85
CA PRO A 415 -26.05 34.77 38.50
C PRO A 415 -26.95 35.95 38.18
N ILE A 416 -28.21 35.64 37.88
CA ILE A 416 -29.25 36.64 37.67
C ILE A 416 -30.33 36.39 38.70
N ILE A 417 -30.64 37.42 39.50
CA ILE A 417 -31.61 37.28 40.59
C ILE A 417 -33.01 37.35 40.01
N ILE A 418 -33.80 36.31 40.26
CA ILE A 418 -35.15 36.18 39.74
C ILE A 418 -36.12 36.45 40.88
N PRO A 419 -36.99 37.45 40.78
CA PRO A 419 -37.97 37.71 41.84
C PRO A 419 -38.95 36.54 41.99
N GLN A 420 -39.76 36.63 43.05
CA GLN A 420 -40.73 35.59 43.36
C GLN A 420 -41.96 35.63 42.46
N THR A 421 -42.18 36.72 41.73
CA THR A 421 -43.28 36.83 40.77
C THR A 421 -42.68 37.24 39.43
N ILE A 422 -42.72 36.33 38.45
CA ILE A 422 -42.11 36.56 37.16
C ILE A 422 -42.97 35.92 36.07
N SER A 423 -42.92 36.50 34.87
CA SER A 423 -43.57 35.96 33.69
C SER A 423 -42.59 35.40 32.67
N GLU A 424 -41.42 36.02 32.53
CA GLU A 424 -40.37 35.53 31.66
C GLU A 424 -39.11 36.36 31.94
N LEU A 425 -38.00 35.91 31.39
CA LEU A 425 -36.71 36.62 31.48
C LEU A 425 -36.20 36.88 30.07
N GLN A 426 -36.16 38.14 29.68
CA GLN A 426 -35.60 38.54 28.40
C GLN A 426 -34.11 38.80 28.57
N LEU A 427 -33.29 38.03 27.86
CA LEU A 427 -31.85 38.00 28.10
C LEU A 427 -31.10 38.36 26.82
N SER A 428 -30.11 39.25 26.96
CA SER A 428 -29.23 39.63 25.86
C SER A 428 -27.80 39.65 26.38
N VAL A 429 -26.87 39.05 25.63
CA VAL A 429 -25.48 38.91 26.04
C VAL A 429 -24.59 39.53 24.98
N SER A 430 -23.60 40.29 25.41
CA SER A 430 -22.64 40.94 24.51
C SER A 430 -21.23 40.65 25.01
N ALA A 431 -20.40 40.09 24.14
CA ALA A 431 -19.04 39.71 24.49
C ALA A 431 -18.05 40.55 23.69
N GLY A 432 -17.01 41.04 24.36
CA GLY A 432 -15.99 41.83 23.71
C GLY A 432 -16.33 43.31 23.64
N SER A 433 -15.39 44.15 24.10
CA SER A 433 -15.60 45.59 24.11
C SER A 433 -15.50 46.22 22.71
N PRO A 434 -14.50 45.88 21.86
CA PRO A 434 -14.41 46.54 20.56
C PRO A 434 -15.45 46.05 19.56
N HIS A 435 -15.65 44.74 19.46
CA HIS A 435 -16.52 44.17 18.44
C HIS A 435 -17.68 43.43 19.07
N PRO A 436 -18.88 43.55 18.50
CA PRO A 436 -20.08 43.01 19.17
C PRO A 436 -20.40 41.57 18.84
N ALA A 437 -19.91 40.64 19.65
CA ALA A 437 -20.35 39.25 19.61
C ALA A 437 -21.59 39.14 20.51
N ILE A 438 -22.74 38.91 19.89
CA ILE A 438 -24.02 39.04 20.58
C ILE A 438 -24.78 37.71 20.55
N ALA A 439 -25.59 37.51 21.59
CA ALA A 439 -26.48 36.36 21.69
C ALA A 439 -27.67 36.76 22.56
N ARG A 440 -28.81 36.13 22.30
CA ARG A 440 -30.05 36.46 23.00
C ARG A 440 -30.80 35.19 23.36
N LEU A 441 -31.62 35.28 24.41
CA LEU A 441 -32.38 34.15 24.90
C LEU A 441 -33.59 34.65 25.68
N THR A 442 -34.68 33.90 25.64
CA THR A 442 -35.89 34.20 26.37
C THR A 442 -36.32 32.97 27.14
N VAL A 443 -36.42 33.10 28.46
CA VAL A 443 -36.76 31.98 29.35
C VAL A 443 -38.14 32.24 29.93
N ALA A 444 -39.04 31.30 29.74
CA ALA A 444 -40.43 31.45 30.18
C ALA A 444 -40.61 30.94 31.60
N ALA A 445 -41.63 31.48 32.27
CA ALA A 445 -41.91 31.12 33.66
C ALA A 445 -42.64 29.78 33.74
N PRO A 446 -42.44 29.05 34.84
CA PRO A 446 -43.27 27.86 35.08
C PRO A 446 -44.70 28.26 35.42
N PRO A 447 -45.65 27.34 35.30
CA PRO A 447 -47.05 27.69 35.57
C PRO A 447 -47.27 28.09 37.02
N SER A 448 -48.35 28.85 37.24
CA SER A 448 -48.67 29.31 38.59
C SER A 448 -49.17 28.19 39.49
N GLY A 449 -49.68 27.10 38.91
CA GLY A 449 -50.10 25.96 39.70
C GLY A 449 -48.93 25.07 40.09
N GLY A 450 -49.16 23.77 40.10
CA GLY A 450 -48.10 22.84 40.42
C GLY A 450 -47.91 22.63 41.91
N PRO A 451 -47.21 21.56 42.29
CA PRO A 451 -47.01 21.26 43.71
C PRO A 451 -45.90 22.06 44.38
N GLY A 452 -45.22 22.93 43.66
CA GLY A 452 -44.10 23.68 44.21
C GLY A 452 -42.84 23.47 43.40
N PHE A 453 -41.76 24.07 43.89
CA PHE A 453 -40.47 24.02 43.20
C PHE A 453 -39.38 23.62 44.17
N LEU A 454 -38.27 23.14 43.60
CA LEU A 454 -37.05 22.81 44.33
C LEU A 454 -35.89 23.49 43.64
N SER A 455 -35.04 24.15 44.43
CA SER A 455 -33.88 24.85 43.91
C SER A 455 -32.61 24.12 44.35
N ILE A 456 -31.85 23.62 43.38
CA ILE A 456 -30.52 23.10 43.63
C ILE A 456 -29.54 24.23 43.36
N GLU A 457 -29.02 24.82 44.42
CA GLU A 457 -28.29 26.07 44.36
C GLU A 457 -26.79 25.82 44.23
N ARG A 458 -26.18 26.45 43.23
CA ARG A 458 -24.75 26.33 42.97
C ARG A 458 -24.02 27.60 43.42
N PRO A 459 -23.44 27.63 44.63
CA PRO A 459 -22.75 28.84 45.08
C PRO A 459 -21.45 29.10 44.34
N ASP A 460 -20.62 28.06 44.19
CA ASP A 460 -19.35 28.18 43.47
C ASP A 460 -19.62 27.87 42.00
N SER A 461 -19.77 28.93 41.20
CA SER A 461 -20.10 28.79 39.78
C SER A 461 -18.93 28.27 38.94
N ARG A 462 -17.72 28.24 39.49
CA ARG A 462 -16.56 27.78 38.74
C ARG A 462 -16.67 26.28 38.45
N PRO A 463 -16.21 25.85 37.28
CA PRO A 463 -16.22 24.42 36.94
C PRO A 463 -15.26 23.65 37.82
N PRO A 464 -15.71 22.54 38.41
CA PRO A 464 -14.82 21.77 39.28
C PRO A 464 -13.74 21.05 38.50
N ARG A 465 -12.63 20.79 39.17
CA ARG A 465 -11.58 19.90 38.69
C ARG A 465 -11.70 18.57 39.41
N VAL A 466 -11.09 17.54 38.81
CA VAL A 466 -11.06 16.24 39.46
C VAL A 466 -10.18 16.33 40.71
N GLY A 467 -10.80 16.14 41.87
CA GLY A 467 -10.15 16.34 43.15
C GLY A 467 -10.79 17.42 44.01
N ASP A 468 -11.60 18.29 43.40
CA ASP A 468 -12.32 19.30 44.16
C ASP A 468 -13.58 18.70 44.78
N THR A 469 -14.11 19.41 45.77
CA THR A 469 -15.39 19.07 46.39
C THR A 469 -16.37 20.19 46.11
N LEU A 470 -17.48 19.85 45.45
CA LEU A 470 -18.48 20.83 45.06
C LEU A 470 -19.58 20.88 46.12
N ASN A 471 -19.95 22.09 46.53
CA ASN A 471 -21.01 22.31 47.50
C ASN A 471 -22.27 22.76 46.79
N LEU A 472 -23.37 22.06 47.05
CA LEU A 472 -24.67 22.37 46.45
C LEU A 472 -25.69 22.58 47.55
N ASN A 473 -26.44 23.68 47.46
CA ASN A 473 -27.46 24.02 48.44
C ASN A 473 -28.83 23.59 47.93
N LEU A 474 -29.57 22.86 48.77
CA LEU A 474 -30.93 22.44 48.47
C LEU A 474 -31.89 23.27 49.30
N ARG A 475 -32.87 23.89 48.64
CA ARG A 475 -33.89 24.65 49.34
C ARG A 475 -35.20 24.52 48.59
N ALA A 476 -36.24 24.07 49.28
CA ALA A 476 -37.58 24.10 48.72
C ALA A 476 -38.03 25.55 48.54
N VAL A 477 -38.79 25.79 47.48
CA VAL A 477 -39.05 27.14 46.99
C VAL A 477 -40.54 27.42 46.99
N GLY A 478 -40.93 28.56 47.57
CA GLY A 478 -42.26 29.11 47.38
C GLY A 478 -43.40 28.40 48.08
N SER A 479 -44.24 27.75 47.28
CA SER A 479 -45.51 27.22 47.80
C SER A 479 -45.30 26.03 48.73
N GLY A 480 -44.21 25.29 48.54
CA GLY A 480 -44.05 24.02 49.24
C GLY A 480 -43.89 24.18 50.74
N ALA A 481 -44.34 23.17 51.48
CA ALA A 481 -44.24 23.12 52.92
C ALA A 481 -44.57 21.71 53.39
N THR A 482 -44.25 21.43 54.65
CA THR A 482 -44.57 20.17 55.33
C THR A 482 -44.12 18.96 54.52
N PHE A 483 -42.81 18.74 54.55
CA PHE A 483 -42.22 17.50 54.04
C PHE A 483 -41.03 17.16 54.93
N SER A 484 -40.54 15.92 54.79
CA SER A 484 -39.56 15.39 55.72
C SER A 484 -38.13 15.56 55.23
N HIS A 485 -37.75 14.78 54.21
CA HIS A 485 -36.37 14.75 53.75
C HIS A 485 -36.28 15.17 52.29
N TYR A 486 -35.07 15.58 51.89
CA TYR A 486 -34.70 15.67 50.49
C TYR A 486 -34.07 14.36 50.05
N TYR A 487 -34.42 13.91 48.86
CA TYR A 487 -33.82 12.73 48.26
C TYR A 487 -33.08 13.13 46.99
N TYR A 488 -31.88 12.60 46.82
CA TYR A 488 -31.04 12.99 45.69
C TYR A 488 -30.21 11.80 45.24
N MET A 489 -29.68 11.91 44.02
CA MET A 489 -28.86 10.85 43.44
C MET A 489 -27.92 11.47 42.41
N ILE A 490 -26.83 10.76 42.14
CA ILE A 490 -25.78 11.22 41.22
C ILE A 490 -25.84 10.35 39.96
N LEU A 491 -25.81 11.00 38.81
CA LEU A 491 -25.78 10.32 37.51
C LEU A 491 -24.50 10.72 36.78
N SER A 492 -23.69 9.73 36.42
CA SER A 492 -22.48 9.97 35.64
C SER A 492 -22.43 8.95 34.51
N ARG A 493 -22.14 9.43 33.30
CA ARG A 493 -22.15 8.61 32.09
C ARG A 493 -23.52 7.95 31.92
N GLY A 494 -23.58 6.62 32.03
CA GLY A 494 -24.80 5.90 31.73
C GLY A 494 -25.53 5.28 32.90
N GLN A 495 -25.12 5.54 34.14
CA GLN A 495 -25.72 4.86 35.28
C GLN A 495 -25.86 5.81 36.47
N ILE A 496 -26.68 5.37 37.43
CA ILE A 496 -26.73 6.01 38.74
C ILE A 496 -25.48 5.62 39.50
N VAL A 497 -24.70 6.61 39.92
CA VAL A 497 -23.48 6.35 40.68
C VAL A 497 -23.76 6.25 42.17
N PHE A 498 -24.61 7.13 42.69
CA PHE A 498 -24.87 7.18 44.13
C PHE A 498 -26.27 7.74 44.36
N MET A 499 -26.86 7.37 45.49
CA MET A 499 -28.21 7.78 45.85
C MET A 499 -28.30 7.87 47.36
N ASN A 500 -28.82 8.99 47.87
CA ASN A 500 -28.78 9.23 49.31
C ASN A 500 -29.96 10.08 49.72
N ARG A 501 -30.06 10.34 51.02
CA ARG A 501 -31.18 11.06 51.63
C ARG A 501 -30.62 12.11 52.59
N GLU A 502 -31.21 13.31 52.57
CA GLU A 502 -30.69 14.41 53.36
C GLU A 502 -31.78 15.02 54.22
N PRO A 503 -31.57 15.15 55.53
CA PRO A 503 -32.55 15.84 56.36
C PRO A 503 -32.46 17.36 56.16
N LYS A 504 -33.61 18.02 56.26
CA LYS A 504 -33.66 19.45 55.96
C LYS A 504 -33.12 20.28 57.12
N ARG A 505 -32.38 21.34 56.77
CA ARG A 505 -31.91 22.35 57.71
C ARG A 505 -32.34 23.72 57.21
N THR A 506 -32.02 24.76 57.99
CA THR A 506 -32.29 26.12 57.53
C THR A 506 -31.58 26.40 56.22
N LEU A 507 -30.34 25.92 56.07
CA LEU A 507 -29.67 25.81 54.78
C LEU A 507 -29.18 24.39 54.64
N THR A 508 -29.80 23.63 53.74
CA THR A 508 -29.44 22.23 53.52
C THR A 508 -28.36 22.16 52.47
N SER A 509 -27.17 21.67 52.84
CA SER A 509 -26.01 21.63 51.96
C SER A 509 -25.57 20.20 51.72
N VAL A 510 -25.26 19.88 50.46
CA VAL A 510 -24.76 18.58 50.06
C VAL A 510 -23.42 18.80 49.36
N SER A 511 -22.41 18.04 49.76
CA SER A 511 -21.07 18.14 49.21
C SER A 511 -20.74 16.90 48.40
N VAL A 512 -20.27 17.10 47.17
CA VAL A 512 -19.95 16.02 46.26
C VAL A 512 -18.46 16.04 45.97
N PHE A 513 -17.77 14.93 46.27
CA PHE A 513 -16.35 14.80 45.97
C PHE A 513 -16.20 14.38 44.51
N VAL A 514 -15.63 15.27 43.70
CA VAL A 514 -15.51 15.03 42.25
C VAL A 514 -14.27 14.17 42.01
N ASP A 515 -14.46 12.87 41.89
CA ASP A 515 -13.39 11.94 41.61
C ASP A 515 -13.42 11.58 40.12
N HIS A 516 -12.78 10.47 39.76
CA HIS A 516 -12.69 10.06 38.36
C HIS A 516 -13.90 9.25 37.90
N HIS A 517 -14.80 8.89 38.80
CA HIS A 517 -16.06 8.27 38.40
C HIS A 517 -17.06 9.29 37.87
N LEU A 518 -16.87 10.57 38.18
CA LEU A 518 -17.75 11.63 37.73
C LEU A 518 -17.26 12.34 36.49
N ALA A 519 -16.05 12.05 36.03
CA ALA A 519 -15.54 12.65 34.81
C ALA A 519 -16.21 12.03 33.60
N PRO A 520 -16.42 12.80 32.52
CA PRO A 520 -16.08 14.22 32.39
C PRO A 520 -17.23 15.15 32.79
N SER A 521 -18.42 14.58 33.02
CA SER A 521 -19.57 15.37 33.40
C SER A 521 -20.57 14.47 34.12
N PHE A 522 -21.33 15.05 35.04
CA PHE A 522 -22.31 14.30 35.80
C PHE A 522 -23.52 15.18 36.08
N TYR A 523 -24.62 14.53 36.43
CA TYR A 523 -25.88 15.20 36.75
C TYR A 523 -26.20 15.02 38.23
N PHE A 524 -26.63 16.09 38.89
CA PHE A 524 -27.12 16.05 40.25
C PHE A 524 -28.64 16.18 40.22
N VAL A 525 -29.33 15.11 40.59
CA VAL A 525 -30.78 15.07 40.57
C VAL A 525 -31.28 14.95 42.00
N ALA A 526 -32.16 15.88 42.39
CA ALA A 526 -32.74 15.89 43.73
C ALA A 526 -34.23 16.12 43.63
N PHE A 527 -34.97 15.55 44.58
CA PHE A 527 -36.42 15.69 44.58
C PHE A 527 -36.96 15.47 45.98
N TYR A 528 -38.15 16.01 46.21
CA TYR A 528 -38.92 15.75 47.42
C TYR A 528 -40.38 15.57 47.03
N TYR A 529 -41.14 14.94 47.91
CA TYR A 529 -42.55 14.64 47.67
C TYR A 529 -43.43 15.57 48.48
N HIS A 530 -44.37 16.23 47.81
CA HIS A 530 -45.40 17.05 48.45
C HIS A 530 -46.70 16.27 48.35
N GLY A 531 -47.04 15.55 49.42
CA GLY A 531 -48.21 14.69 49.40
C GLY A 531 -48.05 13.52 48.45
N ASP A 532 -48.75 13.56 47.32
CA ASP A 532 -48.65 12.54 46.29
C ASP A 532 -48.03 13.08 45.01
N HIS A 533 -47.47 14.29 45.04
CA HIS A 533 -46.87 14.90 43.86
C HIS A 533 -45.38 15.10 44.09
N PRO A 534 -44.51 14.59 43.22
CA PRO A 534 -43.08 14.83 43.38
C PRO A 534 -42.68 16.21 42.87
N VAL A 535 -41.71 16.82 43.56
CA VAL A 535 -41.13 18.08 43.16
C VAL A 535 -39.64 17.83 42.93
N ALA A 536 -39.16 18.12 41.71
CA ALA A 536 -37.81 17.73 41.34
C ALA A 536 -37.13 18.85 40.56
N ASN A 537 -35.79 18.80 40.58
CA ASN A 537 -34.95 19.70 39.79
C ASN A 537 -33.60 19.02 39.63
N SER A 538 -32.79 19.54 38.72
CA SER A 538 -31.49 18.94 38.45
C SER A 538 -30.58 19.98 37.80
N LEU A 539 -29.30 19.63 37.73
CA LEU A 539 -28.29 20.45 37.07
C LEU A 539 -27.15 19.54 36.62
N ARG A 540 -26.53 19.92 35.51
CA ARG A 540 -25.40 19.18 34.95
C ARG A 540 -24.11 19.90 35.29
N VAL A 541 -23.13 19.15 35.81
CA VAL A 541 -21.84 19.69 36.21
C VAL A 541 -20.79 19.14 35.28
N ASP A 542 -20.28 19.98 34.38
CA ASP A 542 -19.19 19.59 33.50
C ASP A 542 -17.87 19.75 34.22
N VAL A 543 -17.17 18.63 34.43
CA VAL A 543 -15.88 18.64 35.11
C VAL A 543 -14.83 19.14 34.13
N GLN A 544 -14.27 20.32 34.40
CA GLN A 544 -13.33 20.96 33.48
C GLN A 544 -11.91 20.63 33.92
N ALA A 545 -11.49 19.40 33.62
CA ALA A 545 -10.14 18.95 33.88
C ALA A 545 -9.81 17.82 32.93
N GLY A 546 -8.79 18.01 32.11
CA GLY A 546 -8.36 16.99 31.17
C GLY A 546 -7.31 16.04 31.72
N ALA A 547 -7.09 16.03 33.02
CA ALA A 547 -6.05 15.20 33.62
C ALA A 547 -6.44 13.73 33.56
N CYS A 548 -5.44 12.87 33.38
CA CYS A 548 -5.65 11.44 33.34
C CYS A 548 -5.95 10.91 34.74
N GLU A 549 -6.58 9.73 34.77
CA GLU A 549 -6.72 9.02 36.05
C GLU A 549 -5.35 8.55 36.53
N GLY A 550 -4.55 7.98 35.65
CA GLY A 550 -3.15 7.75 35.91
C GLY A 550 -2.34 8.91 35.40
N LYS A 551 -1.20 8.64 34.76
CA LYS A 551 -0.43 9.70 34.12
C LYS A 551 0.55 9.08 33.14
N LEU A 552 0.79 9.78 32.04
CA LEU A 552 1.83 9.42 31.07
C LEU A 552 2.48 10.72 30.61
N GLU A 553 3.77 10.86 30.88
CA GLU A 553 4.53 12.04 30.48
C GLU A 553 5.72 11.61 29.64
N LEU A 554 5.87 12.22 28.47
CA LEU A 554 6.99 11.99 27.59
C LEU A 554 7.97 13.16 27.68
N SER A 555 9.26 12.85 27.66
CA SER A 555 10.28 13.89 27.71
C SER A 555 11.56 13.38 27.06
N VAL A 556 12.12 14.17 26.17
CA VAL A 556 13.39 13.87 25.51
C VAL A 556 14.51 14.55 26.28
N ASP A 557 15.50 13.76 26.69
CA ASP A 557 16.55 14.27 27.59
C ASP A 557 17.82 14.61 26.82
N GLY A 558 18.98 14.29 27.40
CA GLY A 558 20.24 14.66 26.79
C GLY A 558 20.49 13.97 25.47
N ALA A 559 21.34 14.59 24.65
CA ALA A 559 21.63 14.11 23.32
C ALA A 559 23.14 13.99 23.14
N LYS A 560 23.51 13.25 22.09
CA LYS A 560 24.90 12.99 21.75
C LYS A 560 24.96 12.66 20.27
N GLN A 561 26.06 13.05 19.62
CA GLN A 561 26.20 12.84 18.18
C GLN A 561 27.63 12.48 17.82
N TYR A 562 27.80 11.34 17.17
CA TYR A 562 28.95 11.07 16.32
C TYR A 562 28.45 11.05 14.88
N ARG A 563 29.12 11.80 14.00
CA ARG A 563 28.48 12.34 12.81
C ARG A 563 28.29 11.28 11.72
N ASN A 564 27.44 10.31 12.04
CA ASN A 564 26.61 9.64 11.05
C ASN A 564 25.14 9.96 11.26
N GLY A 565 24.82 10.61 12.37
CA GLY A 565 23.47 11.00 12.74
C GLY A 565 23.48 11.72 14.07
N GLU A 566 22.53 11.37 14.95
CA GLU A 566 22.46 11.95 16.28
C GLU A 566 21.54 11.08 17.13
N SER A 567 21.88 10.97 18.42
CA SER A 567 21.13 10.14 19.35
C SER A 567 20.60 10.98 20.50
N VAL A 568 19.45 10.56 21.03
CA VAL A 568 18.80 11.26 22.14
C VAL A 568 17.97 10.25 22.91
N LYS A 569 17.82 10.50 24.22
CA LYS A 569 17.08 9.62 25.11
C LYS A 569 15.64 10.08 25.24
N LEU A 570 14.70 9.15 25.12
CA LEU A 570 13.28 9.40 25.32
C LEU A 570 12.84 8.74 26.62
N HIS A 571 12.25 9.54 27.51
CA HIS A 571 11.85 9.07 28.83
C HIS A 571 10.35 8.82 28.87
N LEU A 572 9.96 7.62 29.28
CA LEU A 572 8.56 7.24 29.45
C LEU A 572 8.27 7.17 30.94
N GLU A 573 7.52 8.13 31.45
CA GLU A 573 7.17 8.20 32.86
C GLU A 573 5.68 7.97 33.04
N THR A 574 5.31 7.15 34.02
CA THR A 574 3.91 6.82 34.25
C THR A 574 3.73 6.41 35.70
N ASP A 575 2.48 6.17 36.08
CA ASP A 575 2.11 5.71 37.41
C ASP A 575 1.49 4.33 37.29
N SER A 576 2.07 3.36 38.02
CA SER A 576 1.66 1.96 38.00
C SER A 576 2.03 1.27 36.69
N LEU A 577 2.10 -0.07 36.72
CA LEU A 577 2.47 -0.85 35.54
C LEU A 577 1.48 -0.60 34.41
N ALA A 578 1.99 -0.32 33.21
CA ALA A 578 1.13 0.02 32.09
C ALA A 578 1.80 -0.38 30.78
N LEU A 579 0.97 -0.64 29.78
CA LEU A 579 1.43 -0.85 28.41
C LEU A 579 1.36 0.49 27.68
N VAL A 580 2.52 0.98 27.24
CA VAL A 580 2.63 2.28 26.57
C VAL A 580 2.81 2.04 25.08
N ALA A 581 1.86 2.49 24.28
CA ALA A 581 1.93 2.40 22.82
C ALA A 581 2.44 3.72 22.27
N LEU A 582 3.42 3.64 21.37
CA LEU A 582 4.11 4.81 20.87
C LEU A 582 3.93 4.95 19.36
N GLY A 583 4.32 6.12 18.86
CA GLY A 583 4.24 6.44 17.45
C GLY A 583 4.79 7.82 17.16
N ALA A 584 5.49 7.98 16.03
CA ALA A 584 6.10 9.24 15.64
C ALA A 584 5.60 9.63 14.26
N LEU A 585 5.11 10.87 14.14
CA LEU A 585 4.49 11.36 12.91
C LEU A 585 5.18 12.63 12.44
N ASP A 586 5.27 12.77 11.11
CA ASP A 586 5.78 13.99 10.52
C ASP A 586 4.77 15.11 10.70
N THR A 587 5.25 16.27 11.18
CA THR A 587 4.36 17.42 11.38
C THR A 587 3.92 18.06 10.08
N ALA A 588 4.55 17.72 8.96
CA ALA A 588 4.25 18.38 7.70
C ALA A 588 2.83 18.12 7.24
N LEU A 589 2.28 16.94 7.54
CA LEU A 589 0.94 16.63 7.07
C LEU A 589 -0.13 17.41 7.82
N TYR A 590 0.09 17.69 9.10
CA TYR A 590 -0.85 18.48 9.89
C TYR A 590 -0.57 19.97 9.85
N ALA A 591 0.63 20.38 9.42
CA ALA A 591 0.96 21.80 9.39
C ALA A 591 0.14 22.55 8.33
N ALA A 592 -0.17 21.91 7.21
CA ALA A 592 -0.95 22.59 6.17
C ALA A 592 -2.39 22.83 6.60
N GLY A 593 -2.94 21.95 7.44
CA GLY A 593 -4.32 22.07 7.87
C GLY A 593 -5.30 21.20 7.14
N SER A 594 -4.84 20.15 6.45
CA SER A 594 -5.72 19.30 5.66
C SER A 594 -6.40 18.26 6.52
N LYS A 595 -7.73 18.22 6.46
CA LYS A 595 -8.57 17.20 7.07
C LYS A 595 -8.58 17.27 8.59
N SER A 596 -9.68 16.82 9.20
CA SER A 596 -9.87 16.82 10.64
C SER A 596 -9.42 15.53 11.29
N HIS A 597 -8.58 14.74 10.61
CA HIS A 597 -8.13 13.45 11.13
C HIS A 597 -7.01 13.62 12.14
N LYS A 598 -7.35 14.25 13.26
CA LYS A 598 -6.41 14.40 14.35
C LYS A 598 -6.10 13.05 14.97
N PRO A 599 -4.90 12.87 15.52
CA PRO A 599 -4.62 11.64 16.28
C PRO A 599 -5.41 11.63 17.58
N LEU A 600 -5.41 10.46 18.22
CA LEU A 600 -6.16 10.29 19.45
C LEU A 600 -5.59 11.18 20.55
N ASN A 601 -6.44 12.01 21.14
CA ASN A 601 -6.06 12.90 22.22
C ASN A 601 -7.01 12.71 23.40
N MET A 602 -6.65 13.31 24.53
CA MET A 602 -7.40 13.08 25.77
C MET A 602 -8.80 13.67 25.69
N GLY A 603 -9.01 14.69 24.86
CA GLY A 603 -10.35 15.25 24.71
C GLY A 603 -11.29 14.31 23.99
N LYS A 604 -10.77 13.55 23.02
CA LYS A 604 -11.62 12.65 22.25
C LYS A 604 -12.06 11.45 23.07
N VAL A 605 -11.15 10.88 23.87
CA VAL A 605 -11.51 9.73 24.70
C VAL A 605 -12.50 10.14 25.80
N PHE A 606 -12.33 11.34 26.35
CA PHE A 606 -13.34 11.87 27.25
C PHE A 606 -14.69 12.02 26.55
N GLU A 607 -14.66 12.51 25.31
CA GLU A 607 -15.88 12.57 24.51
C GLU A 607 -16.41 11.17 24.20
N ALA A 608 -15.52 10.20 24.04
CA ALA A 608 -15.94 8.84 23.72
C ALA A 608 -16.62 8.18 24.92
N MET A 609 -16.00 8.27 26.10
CA MET A 609 -16.63 7.71 27.30
C MET A 609 -17.85 8.48 27.75
N ASN A 610 -18.04 9.70 27.24
CA ASN A 610 -19.25 10.47 27.50
C ASN A 610 -20.37 10.16 26.50
N SER A 611 -20.13 9.25 25.56
CA SER A 611 -21.17 8.88 24.61
C SER A 611 -22.29 8.08 25.26
N TYR A 612 -22.05 7.51 26.44
CA TYR A 612 -23.07 6.80 27.18
C TYR A 612 -23.93 7.71 28.05
N ASP A 613 -23.72 9.01 27.98
CA ASP A 613 -24.56 9.96 28.71
C ASP A 613 -25.95 9.97 28.10
N LEU A 614 -26.95 9.62 28.90
CA LEU A 614 -28.33 9.53 28.43
C LEU A 614 -29.11 10.83 28.60
N GLY A 615 -28.54 11.83 29.28
CA GLY A 615 -29.24 13.07 29.51
C GLY A 615 -29.28 13.97 28.29
N CYS A 616 -30.27 14.85 28.28
CA CYS A 616 -30.44 15.84 27.22
C CYS A 616 -30.77 17.17 27.86
N GLY A 617 -30.08 18.22 27.40
CA GLY A 617 -30.24 19.54 27.99
C GLY A 617 -29.34 19.73 29.19
N PRO A 618 -29.20 20.97 29.65
CA PRO A 618 -28.33 21.26 30.80
C PRO A 618 -29.01 21.23 32.16
N GLY A 619 -30.31 20.99 32.21
CA GLY A 619 -31.02 20.96 33.48
C GLY A 619 -32.50 20.69 33.35
N GLY A 620 -33.08 20.06 34.37
CA GLY A 620 -34.48 19.70 34.34
C GLY A 620 -35.40 20.89 34.22
N GLY A 621 -36.66 20.59 33.89
CA GLY A 621 -37.62 21.62 33.55
C GLY A 621 -38.81 21.79 34.48
N ASP A 622 -39.99 21.97 33.89
CA ASP A 622 -41.17 22.40 34.64
C ASP A 622 -41.70 21.29 35.55
N SER A 623 -41.82 20.08 35.03
CA SER A 623 -42.41 18.97 35.76
C SER A 623 -41.36 17.94 36.13
N ALA A 624 -41.65 17.18 37.20
CA ALA A 624 -40.71 16.20 37.70
C ALA A 624 -40.41 15.12 36.66
N LEU A 625 -41.44 14.68 35.92
CA LEU A 625 -41.22 13.70 34.87
C LEU A 625 -40.34 14.26 33.76
N GLN A 626 -40.46 15.56 33.47
CA GLN A 626 -39.55 16.19 32.52
C GLN A 626 -38.13 16.26 33.07
N VAL A 627 -38.00 16.53 34.37
CA VAL A 627 -36.67 16.63 34.98
C VAL A 627 -35.95 15.29 34.93
N PHE A 628 -36.67 14.20 35.23
CA PHE A 628 -36.03 12.89 35.30
C PHE A 628 -35.57 12.42 33.93
N GLN A 629 -36.41 12.56 32.90
CA GLN A 629 -36.02 12.12 31.57
C GLN A 629 -35.06 13.09 30.90
N ALA A 630 -35.03 14.36 31.32
CA ALA A 630 -33.95 15.24 30.89
C ALA A 630 -32.62 14.85 31.52
N ALA A 631 -32.66 14.36 32.77
CA ALA A 631 -31.44 13.87 33.40
C ALA A 631 -31.00 12.55 32.80
N GLY A 632 -31.93 11.73 32.34
CA GLY A 632 -31.59 10.45 31.73
C GLY A 632 -32.07 9.26 32.51
N LEU A 633 -33.14 9.43 33.27
CA LEU A 633 -33.69 8.38 34.12
C LEU A 633 -35.05 7.93 33.63
N ALA A 634 -35.37 6.68 33.91
CA ALA A 634 -36.72 6.16 33.81
C ALA A 634 -37.29 6.01 35.21
N PHE A 635 -38.53 6.45 35.39
CA PHE A 635 -39.11 6.55 36.73
C PHE A 635 -40.58 6.15 36.70
N SER A 636 -41.01 5.47 37.77
CA SER A 636 -42.41 5.12 37.95
C SER A 636 -42.66 4.87 39.43
N ASP A 637 -43.77 5.41 39.92
CA ASP A 637 -44.21 5.17 41.29
C ASP A 637 -45.50 4.35 41.36
N GLY A 638 -45.93 3.79 40.23
CA GLY A 638 -47.22 3.15 40.13
C GLY A 638 -48.35 4.08 39.75
N ASP A 639 -48.18 5.39 39.91
CA ASP A 639 -49.16 6.39 39.53
C ASP A 639 -48.74 7.22 38.33
N GLN A 640 -47.46 7.56 38.24
CA GLN A 640 -46.92 8.32 37.12
C GLN A 640 -45.88 7.48 36.40
N TRP A 641 -45.89 7.54 35.07
CA TRP A 641 -44.96 6.79 34.24
C TRP A 641 -44.06 7.75 33.47
N THR A 642 -42.97 7.19 32.94
CA THR A 642 -42.09 7.89 32.01
C THR A 642 -42.01 7.09 30.72
N LEU A 643 -42.42 7.71 29.62
CA LEU A 643 -42.46 7.02 28.34
C LEU A 643 -41.06 6.63 27.89
N SER A 644 -40.97 5.48 27.23
CA SER A 644 -39.68 4.96 26.80
C SER A 644 -39.06 5.85 25.73
N ARG A 645 -37.73 5.90 25.73
CA ARG A 645 -37.02 6.70 24.74
C ARG A 645 -37.11 6.04 23.37
N LYS A 646 -37.57 6.81 22.38
CA LYS A 646 -37.71 6.29 21.02
C LYS A 646 -36.40 6.35 20.24
N ARG A 647 -35.46 7.19 20.65
CA ARG A 647 -34.18 7.32 19.97
C ARG A 647 -33.08 7.52 21.00
N LEU A 648 -31.92 6.88 20.76
CA LEU A 648 -30.78 7.09 21.63
C LEU A 648 -30.25 8.51 21.52
N SER A 649 -30.33 9.12 20.33
CA SER A 649 -29.94 10.51 20.15
C SER A 649 -30.97 11.42 20.79
N CYS A 650 -30.52 12.57 21.27
CA CYS A 650 -31.41 13.52 21.93
C CYS A 650 -32.36 14.15 20.91
N PRO A 651 -33.62 14.41 21.29
CA PRO A 651 -34.58 15.10 20.43
C PRO A 651 -34.16 16.53 20.11
N PRO B 18 -21.03 16.27 -15.64
CA PRO B 18 -20.95 15.07 -16.49
C PRO B 18 -19.51 14.68 -16.78
N THR B 19 -19.32 13.59 -17.55
CA THR B 19 -17.99 13.20 -17.98
C THR B 19 -17.44 14.09 -19.08
N ALA B 20 -18.28 14.93 -19.70
CA ALA B 20 -17.80 15.83 -20.75
C ALA B 20 -16.76 16.81 -20.23
N LYS B 21 -16.82 17.14 -18.94
CA LYS B 21 -15.80 18.01 -18.35
C LYS B 21 -14.44 17.32 -18.30
N ARG B 22 -14.43 16.03 -17.94
CA ARG B 22 -13.16 15.28 -17.95
C ARG B 22 -12.64 15.10 -19.37
N CYS B 23 -13.52 15.00 -20.36
CA CYS B 23 -13.09 14.76 -21.73
C CYS B 23 -12.50 16.04 -22.33
N CYS B 24 -13.05 17.19 -21.98
CA CYS B 24 -12.46 18.45 -22.42
C CYS B 24 -11.14 18.72 -21.71
N GLN B 25 -11.05 18.36 -20.43
CA GLN B 25 -9.81 18.54 -19.69
C GLN B 25 -8.71 17.65 -20.25
N ASP B 26 -9.05 16.42 -20.62
CA ASP B 26 -8.07 15.54 -21.26
C ASP B 26 -7.66 16.05 -22.63
N GLY B 27 -8.56 16.77 -23.31
CA GLY B 27 -8.25 17.28 -24.64
C GLY B 27 -7.19 18.36 -24.64
N VAL B 28 -7.15 19.20 -23.60
CA VAL B 28 -6.15 20.26 -23.51
C VAL B 28 -4.87 19.80 -22.84
N THR B 29 -4.87 18.66 -22.17
CA THR B 29 -3.69 18.18 -21.47
C THR B 29 -2.64 17.70 -22.48
N ARG B 30 -1.38 18.00 -22.19
CA ARG B 30 -0.28 17.64 -23.08
C ARG B 30 -0.09 16.13 -23.14
N LEU B 31 0.61 15.69 -24.18
CA LEU B 31 0.98 14.31 -24.38
C LEU B 31 2.47 14.23 -24.69
N PRO B 32 3.18 13.23 -24.16
CA PRO B 32 4.61 13.10 -24.49
C PRO B 32 4.87 12.92 -25.97
N MET B 33 4.04 12.13 -26.65
CA MET B 33 4.20 11.96 -28.09
C MET B 33 3.66 13.18 -28.83
N MET B 34 4.18 13.39 -30.05
CA MET B 34 3.72 14.48 -30.89
C MET B 34 2.46 14.02 -31.61
N ARG B 35 1.30 14.55 -31.18
CA ARG B 35 0.01 14.08 -31.66
C ARG B 35 -0.86 15.29 -32.03
N SER B 36 -1.34 15.32 -33.26
CA SER B 36 -2.39 16.25 -33.63
C SER B 36 -3.75 15.67 -33.21
N CYS B 37 -4.78 16.53 -33.18
CA CYS B 37 -6.03 16.16 -32.56
C CYS B 37 -6.77 15.05 -33.30
N GLU B 38 -6.67 15.00 -34.63
CA GLU B 38 -7.44 14.00 -35.38
C GLU B 38 -7.01 12.59 -35.01
N GLN B 39 -5.71 12.31 -35.07
CA GLN B 39 -5.23 10.98 -34.70
C GLN B 39 -5.35 10.74 -33.20
N ARG B 40 -5.28 11.80 -32.40
CA ARG B 40 -5.41 11.62 -30.94
C ARG B 40 -6.85 11.29 -30.55
N ALA B 41 -7.84 11.82 -31.26
CA ALA B 41 -9.24 11.54 -30.99
C ALA B 41 -9.70 10.21 -31.57
N ALA B 42 -8.82 9.47 -32.24
CA ALA B 42 -9.17 8.15 -32.75
C ALA B 42 -9.09 7.07 -31.69
N ARG B 43 -8.49 7.36 -30.53
CA ARG B 43 -8.29 6.37 -29.48
C ARG B 43 -9.42 6.37 -28.45
N VAL B 44 -10.20 7.44 -28.36
CA VAL B 44 -11.19 7.56 -27.29
C VAL B 44 -12.32 6.56 -27.48
N GLN B 45 -12.84 6.44 -28.70
CA GLN B 45 -13.89 5.48 -29.05
C GLN B 45 -15.09 5.59 -28.11
N GLN B 46 -15.64 6.80 -28.00
CA GLN B 46 -16.82 7.09 -27.21
C GLN B 46 -17.42 8.41 -27.66
N PRO B 47 -18.62 8.41 -28.25
CA PRO B 47 -19.10 9.62 -28.94
C PRO B 47 -19.39 10.79 -28.01
N ASP B 48 -19.96 10.55 -26.82
CA ASP B 48 -20.25 11.66 -25.92
C ASP B 48 -19.01 12.12 -25.15
N CYS B 49 -17.87 11.46 -25.34
CA CYS B 49 -16.59 11.94 -24.83
C CYS B 49 -15.71 12.50 -25.93
N ARG B 50 -15.86 11.98 -27.16
CA ARG B 50 -15.03 12.42 -28.27
C ARG B 50 -15.37 13.85 -28.70
N GLU B 51 -16.65 14.21 -28.64
CA GLU B 51 -17.04 15.55 -29.10
C GLU B 51 -16.47 16.66 -28.22
N PRO B 52 -16.56 16.60 -26.88
CA PRO B 52 -15.88 17.63 -26.09
C PRO B 52 -14.36 17.49 -26.10
N PHE B 53 -13.85 16.26 -26.21
CA PHE B 53 -12.40 16.04 -26.26
C PHE B 53 -11.80 16.66 -27.52
N LEU B 54 -12.44 16.44 -28.67
CA LEU B 54 -11.90 16.95 -29.94
C LEU B 54 -11.98 18.47 -30.02
N SER B 55 -13.12 19.05 -29.62
CA SER B 55 -13.29 20.50 -29.73
C SER B 55 -12.32 21.23 -28.81
N CYS B 56 -12.10 20.71 -27.60
CA CYS B 56 -11.15 21.34 -26.68
C CYS B 56 -9.71 21.10 -27.10
N CYS B 57 -9.44 19.98 -27.79
CA CYS B 57 -8.12 19.80 -28.37
C CYS B 57 -7.89 20.77 -29.53
N GLN B 58 -8.89 20.91 -30.41
CA GLN B 58 -8.76 21.81 -31.55
C GLN B 58 -8.55 23.25 -31.09
N PHE B 59 -9.27 23.68 -30.05
CA PHE B 59 -9.01 24.96 -29.41
C PHE B 59 -7.56 25.09 -29.01
N ALA B 60 -6.99 24.05 -28.37
CA ALA B 60 -5.62 24.11 -27.90
C ALA B 60 -4.58 23.90 -28.99
N GLU B 61 -4.95 23.23 -30.10
CA GLU B 61 -3.96 22.87 -31.10
C GLU B 61 -3.40 24.08 -31.83
N SER B 62 -4.26 25.01 -32.24
CA SER B 62 -3.82 26.12 -33.07
C SER B 62 -4.19 27.47 -32.47
N LEU B 63 -5.45 27.61 -32.03
CA LEU B 63 -5.91 28.91 -31.52
C LEU B 63 -5.18 29.29 -30.24
N ARG B 64 -4.94 28.34 -29.35
CA ARG B 64 -4.13 28.59 -28.16
C ARG B 64 -2.66 28.67 -28.55
N LYS B 65 -1.96 29.67 -28.00
CA LYS B 65 -0.57 29.90 -28.33
C LYS B 65 0.19 30.32 -27.08
N LYS B 66 1.52 30.40 -27.22
CA LYS B 66 2.42 30.83 -26.16
C LYS B 66 2.24 30.01 -24.88
N ASP B 89 -6.72 22.58 -8.75
CA ASP B 89 -7.12 23.25 -9.98
C ASP B 89 -8.63 23.33 -10.08
N GLU B 90 -9.21 22.63 -11.06
CA GLU B 90 -10.66 22.68 -11.24
C GLU B 90 -11.39 21.96 -10.12
N ASP B 91 -10.83 20.86 -9.62
CA ASP B 91 -11.47 20.12 -8.54
C ASP B 91 -10.59 20.09 -7.29
N ASP B 92 -9.71 19.10 -7.20
CA ASP B 92 -8.89 18.90 -6.01
C ASP B 92 -7.56 19.64 -6.15
N ILE B 93 -6.84 19.73 -5.04
CA ILE B 93 -5.53 20.37 -5.00
C ILE B 93 -4.47 19.30 -4.72
N PRO B 94 -3.17 19.48 -5.23
CA PRO B 94 -2.12 18.46 -5.02
C PRO B 94 -1.35 18.61 -3.71
N VAL B 95 -2.00 18.23 -2.61
CA VAL B 95 -1.33 18.23 -1.31
C VAL B 95 -0.34 17.07 -1.26
N ARG B 96 0.77 17.30 -0.56
CA ARG B 96 1.82 16.28 -0.48
C ARG B 96 1.30 15.05 0.25
N SER B 97 1.58 13.87 -0.32
CA SER B 97 1.01 12.62 0.17
C SER B 97 2.03 11.59 0.63
N PHE B 98 3.31 11.78 0.37
CA PHE B 98 4.34 10.83 0.79
C PHE B 98 4.94 11.28 2.10
N PHE B 99 4.93 10.39 3.09
CA PHE B 99 5.47 10.68 4.41
C PHE B 99 6.23 9.46 4.91
N PRO B 100 7.37 9.67 5.57
CA PRO B 100 8.18 8.53 6.05
C PRO B 100 7.38 7.65 7.00
N GLU B 101 7.73 6.36 7.02
CA GLU B 101 7.02 5.41 7.86
C GLU B 101 7.17 5.75 9.33
N ASN B 102 6.17 5.33 10.10
CA ASN B 102 6.10 5.65 11.53
C ASN B 102 7.09 4.76 12.27
N TRP B 103 8.27 5.29 12.55
CA TRP B 103 9.22 4.57 13.38
C TRP B 103 8.75 4.58 14.83
N LEU B 104 9.30 3.65 15.61
CA LEU B 104 8.83 3.32 16.97
C LEU B 104 7.31 3.17 17.03
N TRP B 105 6.74 2.52 16.01
CA TRP B 105 5.35 2.06 16.08
C TRP B 105 5.36 0.75 16.85
N ARG B 106 5.37 0.87 18.17
CA ARG B 106 5.57 -0.28 19.04
C ARG B 106 4.82 -0.06 20.35
N VAL B 107 4.75 -1.12 21.15
CA VAL B 107 4.23 -1.05 22.50
C VAL B 107 5.33 -1.50 23.45
N GLU B 108 5.47 -0.78 24.57
CA GLU B 108 6.49 -1.06 25.55
C GLU B 108 5.84 -1.29 26.91
N THR B 109 6.31 -2.33 27.61
CA THR B 109 5.87 -2.58 28.98
C THR B 109 6.62 -1.65 29.90
N VAL B 110 5.94 -0.64 30.44
CA VAL B 110 6.56 0.41 31.23
C VAL B 110 6.10 0.27 32.68
N ASP B 111 7.06 0.18 33.60
CA ASP B 111 6.77 0.06 35.02
C ASP B 111 6.71 1.44 35.66
N ARG B 112 7.68 1.74 36.53
CA ARG B 112 7.78 3.09 37.09
C ARG B 112 8.19 4.09 36.00
N PHE B 113 9.26 3.79 35.28
CA PHE B 113 9.64 4.58 34.11
C PHE B 113 10.52 3.71 33.22
N GLN B 114 10.72 4.19 31.99
CA GLN B 114 11.52 3.46 31.01
C GLN B 114 12.27 4.47 30.15
N ILE B 115 13.47 4.09 29.72
CA ILE B 115 14.34 4.95 28.93
C ILE B 115 14.60 4.28 27.59
N LEU B 116 14.31 5.01 26.51
CA LEU B 116 14.55 4.53 25.16
C LEU B 116 15.56 5.44 24.48
N THR B 117 16.55 4.85 23.82
CA THR B 117 17.54 5.59 23.06
C THR B 117 17.13 5.62 21.60
N LEU B 118 17.01 6.83 21.05
CA LEU B 118 16.62 7.03 19.65
C LEU B 118 17.82 7.54 18.86
N TRP B 119 17.97 7.03 17.65
CA TRP B 119 19.01 7.49 16.73
C TRP B 119 18.34 8.13 15.53
N LEU B 120 18.66 9.39 15.26
CA LEU B 120 18.04 10.14 14.18
C LEU B 120 19.11 10.68 13.23
N PRO B 121 19.14 10.24 11.98
CA PRO B 121 19.90 10.99 10.98
C PRO B 121 19.25 12.34 10.76
N ASP B 122 20.07 13.32 10.33
CA ASP B 122 19.65 14.72 10.22
C ASP B 122 18.24 14.87 9.67
N SER B 123 17.32 15.36 10.50
CA SER B 123 15.90 15.33 10.19
C SER B 123 15.52 16.49 9.28
N LEU B 124 14.74 16.20 8.25
CA LEU B 124 14.25 17.25 7.36
C LEU B 124 13.10 18.02 8.00
N THR B 125 12.25 17.34 8.76
CA THR B 125 11.08 17.95 9.37
C THR B 125 10.98 17.50 10.83
N THR B 126 10.15 18.22 11.58
CA THR B 126 9.96 17.94 13.00
C THR B 126 9.04 16.74 13.20
N TRP B 127 9.43 15.88 14.14
CA TRP B 127 8.63 14.72 14.51
C TRP B 127 7.76 15.05 15.72
N GLU B 128 6.53 14.56 15.71
CA GLU B 128 5.66 14.56 16.89
C GLU B 128 5.64 13.15 17.46
N ILE B 129 6.28 12.98 18.62
CA ILE B 129 6.32 11.68 19.28
C ILE B 129 5.08 11.56 20.16
N HIS B 130 4.18 10.67 19.78
CA HIS B 130 2.93 10.45 20.51
C HIS B 130 3.03 9.20 21.37
N GLY B 131 2.09 9.08 22.30
CA GLY B 131 2.05 7.93 23.18
C GLY B 131 0.78 7.90 24.02
N LEU B 132 0.28 6.69 24.29
CA LEU B 132 -0.88 6.50 25.13
C LEU B 132 -0.67 5.28 26.02
N SER B 133 -1.23 5.33 27.22
CA SER B 133 -1.03 4.31 28.24
C SER B 133 -2.33 3.55 28.49
N LEU B 134 -2.21 2.24 28.67
CA LEU B 134 -3.32 1.38 29.05
C LEU B 134 -2.88 0.56 30.25
N SER B 135 -3.47 0.83 31.41
CA SER B 135 -3.12 0.15 32.65
C SER B 135 -4.34 -0.58 33.20
N LYS B 136 -4.08 -1.71 33.87
CA LYS B 136 -5.16 -2.49 34.45
C LYS B 136 -5.72 -1.86 35.71
N THR B 137 -4.98 -0.95 36.34
CA THR B 137 -5.40 -0.33 37.60
C THR B 137 -6.02 1.04 37.41
N LYS B 138 -5.40 1.90 36.59
CA LYS B 138 -5.86 3.28 36.46
C LYS B 138 -6.33 3.62 35.05
N GLY B 139 -6.78 2.63 34.29
CA GLY B 139 -7.41 2.91 33.01
C GLY B 139 -6.44 3.38 31.92
N LEU B 140 -6.96 4.25 31.05
CA LEU B 140 -6.25 4.71 29.87
C LEU B 140 -5.85 6.18 30.03
N CYS B 141 -4.70 6.52 29.44
CA CYS B 141 -4.19 7.89 29.46
C CYS B 141 -3.49 8.16 28.14
N VAL B 142 -3.79 9.31 27.54
CA VAL B 142 -3.13 9.75 26.33
C VAL B 142 -2.15 10.85 26.67
N ALA B 143 -0.86 10.61 26.39
CA ALA B 143 0.17 11.57 26.76
C ALA B 143 0.15 12.78 25.82
N THR B 144 0.58 13.92 26.34
CA THR B 144 0.73 15.09 25.49
C THR B 144 1.98 14.92 24.62
N PRO B 145 1.89 15.25 23.33
CA PRO B 145 3.02 14.95 22.44
C PRO B 145 4.22 15.84 22.69
N VAL B 146 5.40 15.32 22.34
CA VAL B 146 6.65 16.06 22.43
C VAL B 146 7.25 16.15 21.04
N GLN B 147 7.73 17.35 20.68
CA GLN B 147 8.32 17.57 19.37
C GLN B 147 9.82 17.30 19.42
N LEU B 148 10.34 16.75 18.32
CA LEU B 148 11.76 16.41 18.23
C LEU B 148 12.25 16.69 16.82
N ARG B 149 13.33 17.45 16.70
CA ARG B 149 13.97 17.69 15.42
C ARG B 149 15.47 17.82 15.64
N VAL B 150 16.24 17.39 14.64
CA VAL B 150 17.68 17.50 14.64
C VAL B 150 18.05 18.42 13.49
N PHE B 151 18.31 19.69 13.79
CA PHE B 151 18.64 20.68 12.78
C PHE B 151 20.15 20.92 12.78
N ARG B 152 20.85 19.95 12.22
CA ARG B 152 22.31 19.98 12.24
C ARG B 152 22.85 21.08 11.34
N GLU B 153 23.97 21.65 11.77
CA GLU B 153 24.57 22.80 11.08
C GLU B 153 25.11 22.41 9.71
N PHE B 154 25.74 21.23 9.62
CA PHE B 154 26.38 20.78 8.39
C PHE B 154 25.82 19.43 7.99
N HIS B 155 25.33 19.34 6.75
CA HIS B 155 24.60 18.16 6.29
C HIS B 155 25.12 17.74 4.93
N LEU B 156 25.39 16.45 4.78
CA LEU B 156 25.89 15.88 3.53
C LEU B 156 24.80 15.04 2.87
N HIS B 157 24.68 15.17 1.56
CA HIS B 157 23.60 14.54 0.79
C HIS B 157 24.20 13.80 -0.40
N LEU B 158 24.19 12.48 -0.35
CA LEU B 158 24.76 11.64 -1.41
C LEU B 158 23.63 10.98 -2.19
N ARG B 159 23.75 10.99 -3.52
CA ARG B 159 22.78 10.38 -4.41
C ARG B 159 23.51 9.47 -5.37
N LEU B 160 23.01 8.24 -5.53
CA LEU B 160 23.64 7.25 -6.39
C LEU B 160 22.69 6.80 -7.49
N PRO B 161 23.21 6.40 -8.64
CA PRO B 161 22.35 5.80 -9.67
C PRO B 161 21.86 4.43 -9.22
N MET B 162 20.79 3.96 -9.86
CA MET B 162 20.19 2.70 -9.47
C MET B 162 21.13 1.53 -9.69
N SER B 163 21.76 1.48 -10.87
CA SER B 163 22.75 0.45 -11.16
C SER B 163 23.64 0.91 -12.30
N VAL B 164 24.90 0.50 -12.25
CA VAL B 164 25.90 0.83 -13.25
C VAL B 164 26.53 -0.46 -13.75
N ARG B 165 26.81 -0.53 -15.04
CA ARG B 165 27.54 -1.65 -15.61
C ARG B 165 29.04 -1.35 -15.56
N ARG B 166 29.82 -2.40 -15.28
CA ARG B 166 31.25 -2.21 -15.03
C ARG B 166 31.95 -1.60 -16.24
N PHE B 167 32.94 -0.75 -15.96
CA PHE B 167 33.73 0.01 -16.92
C PHE B 167 32.95 1.17 -17.54
N GLU B 168 31.74 1.44 -17.06
CA GLU B 168 31.13 2.75 -17.28
C GLU B 168 31.74 3.74 -16.29
N GLN B 169 31.79 5.00 -16.69
CA GLN B 169 32.33 6.05 -15.84
C GLN B 169 31.19 6.89 -15.28
N LEU B 170 31.35 7.32 -14.03
CA LEU B 170 30.35 8.16 -13.38
C LEU B 170 31.02 9.22 -12.53
N GLU B 171 30.43 10.41 -12.51
CA GLU B 171 30.92 11.55 -11.75
C GLU B 171 29.98 11.76 -10.57
N LEU B 172 30.41 11.35 -9.38
CA LEU B 172 29.62 11.56 -8.18
C LEU B 172 29.56 13.03 -7.82
N ARG B 173 28.40 13.49 -7.39
CA ARG B 173 28.21 14.88 -6.95
C ARG B 173 27.49 14.89 -5.61
N PRO B 174 28.18 14.52 -4.53
CA PRO B 174 27.60 14.72 -3.19
C PRO B 174 27.45 16.20 -2.88
N VAL B 175 26.29 16.56 -2.35
CA VAL B 175 25.93 17.95 -2.12
C VAL B 175 26.16 18.31 -0.65
N LEU B 176 26.94 19.36 -0.42
CA LEU B 176 27.21 19.84 0.93
C LEU B 176 26.24 20.95 1.28
N TYR B 177 25.54 20.79 2.40
CA TYR B 177 24.57 21.77 2.87
C TYR B 177 25.09 22.48 4.12
N ASN B 178 25.13 23.81 4.07
CA ASN B 178 25.54 24.64 5.20
C ASN B 178 24.33 25.46 5.64
N TYR B 179 23.84 25.19 6.84
CA TYR B 179 22.69 25.91 7.39
C TYR B 179 23.09 26.99 8.39
N LEU B 180 24.38 27.22 8.59
CA LEU B 180 24.82 28.27 9.50
C LEU B 180 24.78 29.62 8.82
N ASP B 181 24.92 30.68 9.63
CA ASP B 181 24.96 32.04 9.13
C ASP B 181 26.36 32.47 8.71
N LYS B 182 27.31 31.53 8.64
CA LYS B 182 28.68 31.84 8.26
C LYS B 182 29.17 30.79 7.26
N ASN B 183 30.29 31.10 6.62
CA ASN B 183 30.92 30.17 5.68
C ASN B 183 31.52 28.99 6.44
N LEU B 184 31.63 27.86 5.73
CA LEU B 184 32.31 26.68 6.23
C LEU B 184 33.20 26.14 5.12
N THR B 185 34.46 25.90 5.46
CA THR B 185 35.41 25.23 4.56
C THR B 185 35.67 23.83 5.10
N VAL B 186 35.27 22.82 4.34
CA VAL B 186 35.35 21.43 4.78
C VAL B 186 36.25 20.65 3.84
N SER B 187 36.91 19.63 4.39
CA SER B 187 37.73 18.72 3.61
C SER B 187 36.93 17.46 3.32
N VAL B 188 36.68 17.19 2.04
CA VAL B 188 35.80 16.10 1.62
C VAL B 188 36.62 15.09 0.82
N HIS B 189 36.36 13.81 1.06
CA HIS B 189 37.03 12.74 0.33
C HIS B 189 36.14 11.50 0.33
N VAL B 190 36.38 10.63 -0.64
CA VAL B 190 35.63 9.38 -0.79
C VAL B 190 36.54 8.24 -0.37
N SER B 191 36.04 7.38 0.52
CA SER B 191 36.87 6.35 1.13
C SER B 191 37.29 5.31 0.09
N PRO B 192 38.49 4.74 0.24
CA PRO B 192 38.95 3.71 -0.71
C PRO B 192 38.12 2.44 -0.63
N VAL B 193 38.01 1.79 -1.78
CA VAL B 193 37.34 0.49 -1.87
C VAL B 193 37.85 -0.22 -3.12
N GLU B 194 38.12 -1.51 -2.98
CA GLU B 194 38.65 -2.29 -4.10
C GLU B 194 37.57 -2.49 -5.16
N GLY B 195 37.99 -2.49 -6.43
CA GLY B 195 37.08 -2.66 -7.54
C GLY B 195 36.62 -1.36 -8.16
N LEU B 196 36.88 -0.22 -7.53
CA LEU B 196 36.54 1.08 -8.08
C LEU B 196 37.80 1.91 -8.24
N CYS B 197 37.90 2.62 -9.37
CA CYS B 197 39.04 3.48 -9.64
C CYS B 197 38.79 4.85 -9.02
N LEU B 198 39.14 4.99 -7.74
CA LEU B 198 39.07 6.29 -7.10
C LEU B 198 40.33 7.10 -7.38
N ALA B 199 40.20 8.42 -7.29
CA ALA B 199 41.31 9.31 -7.55
C ALA B 199 42.40 9.12 -6.49
N GLY B 200 43.59 8.75 -6.92
CA GLY B 200 44.67 8.47 -5.98
C GLY B 200 44.42 7.30 -5.06
N GLY B 201 43.50 6.41 -5.42
CA GLY B 201 43.13 5.30 -4.57
C GLY B 201 42.11 5.61 -3.51
N GLY B 202 41.61 6.84 -3.45
CA GLY B 202 40.63 7.24 -2.46
C GLY B 202 41.16 8.16 -1.37
N GLY B 203 42.47 8.36 -1.30
CA GLY B 203 43.03 9.24 -0.28
C GLY B 203 42.96 10.72 -0.62
N LEU B 204 42.71 11.06 -1.88
CA LEU B 204 42.66 12.46 -2.28
C LEU B 204 41.47 13.16 -1.64
N ALA B 205 41.71 14.35 -1.10
CA ALA B 205 40.68 15.14 -0.45
C ALA B 205 40.63 16.53 -1.09
N GLN B 206 39.43 17.08 -1.21
CA GLN B 206 39.22 18.39 -1.80
C GLN B 206 38.71 19.37 -0.75
N GLN B 207 39.25 20.58 -0.78
CA GLN B 207 38.80 21.65 0.11
C GLN B 207 37.67 22.41 -0.58
N VAL B 208 36.50 22.44 0.05
CA VAL B 208 35.32 23.08 -0.51
C VAL B 208 34.81 24.11 0.48
N LEU B 209 34.73 25.36 0.03
CA LEU B 209 34.10 26.42 0.81
C LEU B 209 32.61 26.43 0.51
N VAL B 210 31.80 26.19 1.54
CA VAL B 210 30.35 26.18 1.40
C VAL B 210 29.82 27.50 1.98
N PRO B 211 29.24 28.38 1.18
CA PRO B 211 28.79 29.68 1.69
C PRO B 211 27.69 29.54 2.74
N ALA B 212 27.44 30.64 3.43
CA ALA B 212 26.45 30.66 4.50
C ALA B 212 25.05 30.49 3.94
N GLY B 213 24.30 29.56 4.51
CA GLY B 213 22.91 29.35 4.12
C GLY B 213 22.74 28.94 2.66
N SER B 214 23.61 28.07 2.16
CA SER B 214 23.51 27.61 0.78
C SER B 214 24.14 26.23 0.68
N ALA B 215 24.22 25.71 -0.54
CA ALA B 215 24.71 24.37 -0.78
C ALA B 215 25.57 24.35 -2.04
N ARG B 216 26.54 23.44 -2.05
CA ARG B 216 27.46 23.26 -3.17
C ARG B 216 27.82 21.79 -3.34
N PRO B 217 27.90 21.31 -4.57
CA PRO B 217 28.40 19.95 -4.81
C PRO B 217 29.91 19.93 -5.04
N VAL B 218 30.49 18.75 -4.81
CA VAL B 218 31.90 18.50 -5.07
C VAL B 218 32.00 17.23 -5.92
N ALA B 219 32.74 17.31 -7.02
CA ALA B 219 32.74 16.26 -8.03
C ALA B 219 33.83 15.24 -7.74
N PHE B 220 33.44 13.97 -7.68
CA PHE B 220 34.37 12.85 -7.56
C PHE B 220 34.07 11.86 -8.68
N SER B 221 35.04 11.65 -9.57
CA SER B 221 34.90 10.71 -10.67
C SER B 221 35.42 9.34 -10.25
N VAL B 222 34.69 8.30 -10.64
CA VAL B 222 35.03 6.92 -10.27
C VAL B 222 34.62 6.00 -11.40
N VAL B 223 35.42 4.95 -11.62
CA VAL B 223 35.16 3.98 -12.69
C VAL B 223 35.16 2.58 -12.09
N PRO B 224 34.01 1.89 -12.07
CA PRO B 224 34.00 0.51 -11.58
C PRO B 224 34.69 -0.43 -12.55
N THR B 225 35.46 -1.37 -12.00
CA THR B 225 36.15 -2.38 -12.79
C THR B 225 35.76 -3.80 -12.42
N ALA B 226 34.84 -3.98 -11.47
CA ALA B 226 34.41 -5.30 -11.05
C ALA B 226 32.92 -5.26 -10.72
N ALA B 227 32.20 -6.30 -11.14
CA ALA B 227 30.76 -6.37 -10.98
C ALA B 227 30.43 -6.96 -9.61
N ALA B 228 29.91 -6.12 -8.72
CA ALA B 228 29.49 -6.53 -7.39
C ALA B 228 28.72 -5.37 -6.76
N ALA B 229 28.28 -5.57 -5.52
CA ALA B 229 27.63 -4.53 -4.74
C ALA B 229 28.67 -3.90 -3.82
N VAL B 230 29.10 -2.68 -4.15
CA VAL B 230 30.18 -2.01 -3.43
C VAL B 230 29.59 -0.84 -2.64
N SER B 231 30.21 -0.56 -1.51
CA SER B 231 29.74 0.47 -0.58
C SER B 231 30.62 1.70 -0.71
N LEU B 232 30.04 2.79 -1.21
CA LEU B 232 30.73 4.07 -1.32
C LEU B 232 30.47 4.90 -0.07
N LYS B 233 31.54 5.37 0.57
CA LYS B 233 31.44 6.16 1.79
C LYS B 233 32.13 7.50 1.54
N VAL B 234 31.35 8.57 1.54
CA VAL B 234 31.86 9.93 1.38
C VAL B 234 32.00 10.55 2.76
N VAL B 235 33.18 11.08 3.06
CA VAL B 235 33.51 11.61 4.37
C VAL B 235 33.82 13.10 4.23
N ALA B 236 33.25 13.91 5.12
CA ALA B 236 33.51 15.34 5.15
C ALA B 236 33.93 15.74 6.56
N ARG B 237 35.04 16.47 6.66
CA ARG B 237 35.57 16.90 7.94
C ARG B 237 36.05 18.34 7.83
N GLY B 238 35.76 19.14 8.85
CA GLY B 238 36.19 20.53 8.86
C GLY B 238 37.68 20.63 9.15
N SER B 239 38.39 21.38 8.31
CA SER B 239 39.84 21.52 8.44
C SER B 239 40.14 22.74 9.30
N PHE B 240 40.53 22.49 10.56
CA PHE B 240 40.95 23.52 11.51
C PHE B 240 39.83 24.47 11.92
N GLU B 241 39.13 25.05 10.93
CA GLU B 241 38.19 26.13 11.18
C GLU B 241 37.15 25.76 12.24
N PHE B 242 36.46 24.64 12.05
CA PHE B 242 35.49 24.14 13.01
C PHE B 242 35.60 22.63 13.07
N PRO B 243 35.43 22.03 14.28
CA PRO B 243 35.41 20.54 14.39
C PRO B 243 34.05 19.96 14.05
N VAL B 244 33.64 20.13 12.80
CA VAL B 244 32.36 19.64 12.32
C VAL B 244 32.61 18.59 11.24
N GLY B 245 31.67 17.65 11.10
CA GLY B 245 31.83 16.59 10.13
C GLY B 245 30.52 15.92 9.82
N ASP B 246 30.58 15.00 8.86
CA ASP B 246 29.44 14.20 8.44
C ASP B 246 29.94 13.11 7.51
N ALA B 247 29.13 12.07 7.34
CA ALA B 247 29.52 10.94 6.50
C ALA B 247 28.26 10.25 5.98
N VAL B 248 28.31 9.81 4.73
CA VAL B 248 27.21 9.11 4.09
C VAL B 248 27.75 7.86 3.42
N SER B 249 27.14 6.72 3.69
CA SER B 249 27.50 5.43 3.10
C SER B 249 26.31 4.86 2.36
N LYS B 250 26.50 4.56 1.08
CA LYS B 250 25.45 3.96 0.27
C LYS B 250 26.06 2.91 -0.64
N VAL B 251 25.26 1.88 -0.94
CA VAL B 251 25.72 0.74 -1.74
C VAL B 251 25.40 1.00 -3.21
N LEU B 252 26.40 0.80 -4.06
CA LEU B 252 26.26 0.97 -5.50
C LEU B 252 26.28 -0.40 -6.17
N GLN B 253 25.33 -0.64 -7.07
CA GLN B 253 25.20 -1.92 -7.74
C GLN B 253 25.94 -1.87 -9.07
N ILE B 254 26.99 -2.68 -9.18
CA ILE B 254 27.75 -2.81 -10.43
C ILE B 254 27.39 -4.13 -11.08
N GLU B 255 26.82 -4.06 -12.27
CA GLU B 255 26.36 -5.24 -13.00
C GLU B 255 27.29 -5.54 -14.17
N LYS B 256 27.23 -6.79 -14.64
CA LYS B 256 28.03 -7.19 -15.79
C LYS B 256 27.50 -6.54 -17.06
N GLU B 257 28.36 -6.50 -18.08
CA GLU B 257 28.04 -5.80 -19.31
C GLU B 257 26.90 -6.48 -20.06
N GLY B 258 26.27 -5.72 -20.95
CA GLY B 258 25.29 -6.29 -21.85
C GLY B 258 23.95 -6.57 -21.19
N ALA B 259 23.24 -7.55 -21.74
CA ALA B 259 21.92 -7.94 -21.27
C ALA B 259 21.95 -9.38 -20.81
N ILE B 260 21.11 -9.70 -19.83
CA ILE B 260 21.10 -11.02 -19.22
C ILE B 260 20.27 -11.97 -20.08
N HIS B 261 20.67 -13.24 -20.10
CA HIS B 261 20.02 -14.28 -20.87
C HIS B 261 19.86 -15.52 -19.99
N ARG B 262 18.77 -16.25 -20.21
CA ARG B 262 18.43 -17.35 -19.31
C ARG B 262 17.94 -18.55 -20.12
N GLU B 263 18.48 -19.72 -19.81
CA GLU B 263 18.07 -20.99 -20.40
C GLU B 263 18.02 -22.05 -19.30
N GLU B 264 16.96 -22.84 -19.30
CA GLU B 264 16.78 -23.90 -18.31
C GLU B 264 16.24 -25.15 -18.98
N LEU B 265 16.69 -26.30 -18.50
CA LEU B 265 16.39 -27.59 -19.10
C LEU B 265 16.20 -28.63 -18.01
N VAL B 266 15.36 -29.63 -18.30
CA VAL B 266 14.94 -30.63 -17.33
C VAL B 266 15.38 -32.01 -17.80
N TYR B 267 15.89 -32.81 -16.87
CA TYR B 267 16.32 -34.18 -17.14
C TYR B 267 15.51 -35.16 -16.31
N GLU B 268 15.17 -36.29 -16.91
CA GLU B 268 14.33 -37.29 -16.29
C GLU B 268 15.20 -38.34 -15.61
N LEU B 269 15.12 -38.43 -14.28
CA LEU B 269 15.91 -39.38 -13.50
C LEU B 269 15.06 -40.60 -13.22
N ASN B 270 15.45 -41.73 -13.80
CA ASN B 270 14.76 -42.99 -13.60
C ASN B 270 15.76 -44.14 -13.58
N PRO B 271 15.98 -44.76 -12.42
CA PRO B 271 16.82 -45.96 -12.35
C PRO B 271 16.11 -47.28 -12.63
N LEU B 272 14.76 -47.32 -12.56
CA LEU B 272 14.04 -48.54 -12.91
C LEU B 272 14.32 -48.93 -14.36
N ASP B 273 14.37 -47.96 -15.27
CA ASP B 273 14.86 -48.18 -16.62
C ASP B 273 16.38 -48.20 -16.58
N HIS B 274 16.98 -49.31 -17.03
CA HIS B 274 18.43 -49.43 -16.96
C HIS B 274 19.14 -48.51 -17.95
N ARG B 275 18.42 -47.99 -18.94
CA ARG B 275 19.02 -47.03 -19.88
C ARG B 275 19.26 -45.67 -19.22
N GLY B 276 18.53 -45.34 -18.17
CA GLY B 276 18.62 -44.01 -17.59
C GLY B 276 19.34 -43.94 -16.27
N ARG B 277 20.19 -44.94 -15.99
CA ARG B 277 20.95 -44.95 -14.76
C ARG B 277 22.22 -44.10 -14.84
N THR B 278 22.53 -43.55 -16.01
CA THR B 278 23.64 -42.62 -16.16
C THR B 278 23.37 -41.73 -17.37
N LEU B 279 23.76 -40.46 -17.26
CA LEU B 279 23.60 -39.52 -18.36
C LEU B 279 24.62 -38.40 -18.20
N GLU B 280 24.89 -37.73 -19.31
CA GLU B 280 25.91 -36.68 -19.37
C GLU B 280 25.28 -35.39 -19.88
N ILE B 281 25.49 -34.30 -19.15
CA ILE B 281 24.91 -33.00 -19.46
C ILE B 281 25.98 -32.17 -20.15
N PRO B 282 25.83 -31.82 -21.43
CA PRO B 282 26.87 -31.05 -22.11
C PRO B 282 26.93 -29.61 -21.62
N GLY B 283 28.12 -29.01 -21.73
CA GLY B 283 28.31 -27.64 -21.33
C GLY B 283 27.76 -26.65 -22.34
N ASN B 284 27.74 -25.38 -21.92
CA ASN B 284 27.23 -24.32 -22.78
C ASN B 284 28.30 -23.84 -23.75
N SER B 285 27.86 -23.39 -24.92
CA SER B 285 28.76 -22.91 -25.95
C SER B 285 28.09 -21.82 -26.79
N ASP B 286 27.32 -20.96 -26.13
CA ASP B 286 26.55 -19.94 -26.84
C ASP B 286 27.49 -18.96 -27.51
N PRO B 287 27.32 -18.66 -28.81
CA PRO B 287 28.26 -17.77 -29.50
C PRO B 287 28.05 -16.29 -29.20
N ASN B 288 27.01 -15.93 -28.46
CA ASN B 288 26.76 -14.55 -28.08
C ASN B 288 27.14 -14.27 -26.63
N MET B 289 27.76 -15.23 -25.95
CA MET B 289 28.07 -15.11 -24.53
C MET B 289 29.17 -14.08 -24.30
N ILE B 290 29.06 -13.37 -23.18
CA ILE B 290 30.05 -12.34 -22.82
C ILE B 290 31.34 -13.03 -22.39
N PRO B 291 32.52 -12.54 -22.81
CA PRO B 291 33.77 -13.23 -22.45
C PRO B 291 34.20 -13.04 -21.01
N ASP B 292 34.27 -11.79 -20.57
CA ASP B 292 34.85 -11.46 -19.26
C ASP B 292 33.96 -11.99 -18.14
N GLY B 293 34.55 -12.80 -17.26
CA GLY B 293 33.85 -13.30 -16.09
C GLY B 293 33.30 -14.70 -16.25
N ASP B 294 33.66 -15.60 -15.34
CA ASP B 294 33.15 -16.96 -15.35
C ASP B 294 31.70 -16.98 -14.86
N PHE B 295 30.92 -17.91 -15.42
CA PHE B 295 29.53 -18.07 -15.05
C PHE B 295 29.29 -19.47 -14.52
N ASN B 296 28.19 -19.63 -13.79
CA ASN B 296 27.88 -20.87 -13.11
C ASN B 296 26.60 -21.48 -13.67
N SER B 297 26.64 -22.78 -13.92
CA SER B 297 25.45 -23.55 -14.24
C SER B 297 24.90 -24.14 -12.94
N TYR B 298 23.64 -23.82 -12.63
CA TYR B 298 23.02 -24.23 -11.39
C TYR B 298 22.11 -25.43 -11.63
N VAL B 299 22.25 -26.45 -10.79
CA VAL B 299 21.42 -27.66 -10.88
C VAL B 299 20.74 -27.88 -9.53
N ARG B 300 19.57 -28.50 -9.57
CA ARG B 300 18.89 -28.95 -8.37
C ARG B 300 18.21 -30.28 -8.66
N VAL B 301 18.43 -31.25 -7.77
CA VAL B 301 17.91 -32.60 -7.93
C VAL B 301 16.90 -32.87 -6.82
N THR B 302 15.92 -33.69 -7.12
CA THR B 302 14.89 -33.99 -6.12
C THR B 302 14.26 -35.34 -6.41
N ALA B 303 13.85 -36.01 -5.34
CA ALA B 303 12.99 -37.19 -5.42
C ALA B 303 11.66 -36.95 -4.73
N SER B 304 11.35 -35.70 -4.40
CA SER B 304 10.11 -35.33 -3.72
C SER B 304 9.51 -34.13 -4.44
N ASP B 305 9.00 -34.37 -5.65
CA ASP B 305 8.39 -33.30 -6.45
C ASP B 305 7.18 -32.65 -5.78
N PRO B 306 6.25 -33.37 -5.15
CA PRO B 306 5.10 -32.68 -4.55
C PRO B 306 5.47 -31.73 -3.43
N LEU B 307 6.30 -32.18 -2.48
CA LEU B 307 6.70 -31.31 -1.38
C LEU B 307 7.52 -30.14 -1.88
N ASP B 308 8.42 -30.36 -2.84
CA ASP B 308 9.18 -29.27 -3.41
C ASP B 308 8.28 -28.23 -4.07
N THR B 309 7.23 -28.70 -4.76
CA THR B 309 6.37 -27.80 -5.50
C THR B 309 5.39 -27.06 -4.59
N LEU B 310 4.79 -27.75 -3.62
CA LEU B 310 3.72 -27.20 -2.81
C LEU B 310 4.11 -26.92 -1.36
N GLY B 311 5.36 -27.16 -0.98
CA GLY B 311 5.81 -27.02 0.38
C GLY B 311 6.38 -25.65 0.71
N SER B 312 7.23 -25.63 1.74
CA SER B 312 7.74 -24.36 2.23
C SER B 312 8.78 -23.78 1.29
N GLU B 313 9.42 -24.63 0.49
CA GLU B 313 10.37 -24.17 -0.52
C GLU B 313 9.70 -23.83 -1.84
N GLY B 314 8.40 -24.06 -1.96
CA GLY B 314 7.72 -23.83 -3.22
C GLY B 314 6.50 -22.93 -3.12
N ALA B 315 5.31 -23.51 -3.25
CA ALA B 315 4.09 -22.72 -3.30
C ALA B 315 3.82 -22.00 -1.99
N LEU B 316 4.14 -22.61 -0.86
CA LEU B 316 3.93 -22.00 0.45
C LEU B 316 5.19 -21.32 0.99
N SER B 317 6.10 -20.94 0.11
CA SER B 317 7.16 -20.01 0.48
C SER B 317 6.53 -18.68 0.89
N PRO B 318 7.19 -17.92 1.78
CA PRO B 318 6.62 -16.63 2.19
C PRO B 318 6.33 -15.68 1.04
N GLY B 319 7.01 -15.85 -0.09
CA GLY B 319 6.70 -15.07 -1.28
C GLY B 319 5.72 -15.73 -2.23
N GLY B 320 5.36 -16.99 -1.98
CA GLY B 320 4.40 -17.68 -2.82
C GLY B 320 4.94 -17.99 -4.21
N VAL B 321 4.07 -18.57 -5.04
CA VAL B 321 4.42 -18.80 -6.44
C VAL B 321 4.60 -17.48 -7.18
N ALA B 322 4.00 -16.39 -6.69
CA ALA B 322 4.21 -15.09 -7.30
C ALA B 322 5.68 -14.71 -7.31
N SER B 323 6.41 -15.04 -6.24
CA SER B 323 7.85 -14.78 -6.21
C SER B 323 8.60 -15.70 -7.15
N LEU B 324 8.12 -16.94 -7.34
CA LEU B 324 8.84 -17.91 -8.15
C LEU B 324 8.76 -17.56 -9.64
N LEU B 325 7.60 -17.08 -10.10
CA LEU B 325 7.47 -16.71 -11.51
C LEU B 325 8.28 -15.46 -11.81
N ARG B 326 8.80 -15.39 -13.04
CA ARG B 326 9.59 -14.25 -13.48
C ARG B 326 8.71 -13.05 -13.84
N LEU B 327 7.42 -13.25 -14.04
CA LEU B 327 6.56 -12.25 -14.66
C LEU B 327 6.07 -11.23 -13.63
N PRO B 328 5.85 -9.99 -14.06
CA PRO B 328 5.12 -9.03 -13.21
C PRO B 328 3.65 -9.41 -13.11
N ARG B 329 2.99 -8.88 -12.07
CA ARG B 329 1.66 -9.33 -11.70
C ARG B 329 0.75 -8.15 -11.39
N GLY B 330 0.67 -7.18 -12.30
CA GLY B 330 -0.16 -6.02 -12.06
C GLY B 330 -1.62 -6.28 -12.37
N CYS B 331 -1.89 -7.03 -13.42
CA CYS B 331 -3.24 -7.18 -13.92
C CYS B 331 -4.09 -7.98 -12.92
N GLY B 332 -5.39 -8.02 -13.21
CA GLY B 332 -6.36 -8.71 -12.38
C GLY B 332 -6.30 -10.23 -12.36
N GLU B 333 -6.17 -10.87 -13.52
CA GLU B 333 -6.02 -12.32 -13.59
C GLU B 333 -4.81 -12.78 -12.79
N GLN B 334 -3.71 -12.03 -12.84
CA GLN B 334 -2.49 -12.45 -12.19
C GLN B 334 -2.63 -12.51 -10.68
N THR B 335 -3.60 -11.78 -10.11
CA THR B 335 -3.81 -11.80 -8.67
C THR B 335 -4.24 -13.16 -8.16
N MET B 336 -4.82 -14.01 -9.03
CA MET B 336 -5.23 -15.34 -8.62
C MET B 336 -4.05 -16.24 -8.32
N ILE B 337 -2.84 -15.89 -8.79
CA ILE B 337 -1.66 -16.67 -8.46
C ILE B 337 -1.32 -16.59 -6.98
N TYR B 338 -1.91 -15.65 -6.25
CA TYR B 338 -1.75 -15.61 -4.81
C TYR B 338 -2.68 -16.59 -4.10
N LEU B 339 -3.85 -16.86 -4.69
CA LEU B 339 -4.88 -17.69 -4.06
C LEU B 339 -4.82 -19.15 -4.53
N ALA B 340 -5.09 -19.38 -5.81
CA ALA B 340 -5.33 -20.75 -6.27
C ALA B 340 -4.13 -21.67 -6.10
N PRO B 341 -2.89 -21.27 -6.39
CA PRO B 341 -1.76 -22.15 -6.01
C PRO B 341 -1.65 -22.36 -4.52
N THR B 342 -1.93 -21.33 -3.72
CA THR B 342 -1.92 -21.48 -2.28
C THR B 342 -3.03 -22.42 -1.82
N LEU B 343 -4.21 -22.33 -2.44
CA LEU B 343 -5.29 -23.27 -2.13
C LEU B 343 -4.96 -24.67 -2.60
N ALA B 344 -4.35 -24.79 -3.79
CA ALA B 344 -3.98 -26.11 -4.31
C ALA B 344 -2.97 -26.79 -3.39
N ALA B 345 -2.04 -26.01 -2.84
CA ALA B 345 -1.09 -26.58 -1.88
C ALA B 345 -1.78 -26.95 -0.57
N SER B 346 -2.78 -26.16 -0.16
CA SER B 346 -3.49 -26.45 1.07
C SER B 346 -4.31 -27.73 0.96
N ARG B 347 -4.96 -27.94 -0.19
CA ARG B 347 -5.78 -29.14 -0.35
C ARG B 347 -4.91 -30.40 -0.30
N TYR B 348 -3.71 -30.34 -0.88
CA TYR B 348 -2.80 -31.48 -0.80
C TYR B 348 -2.40 -31.77 0.63
N LEU B 349 -1.93 -30.74 1.35
CA LEU B 349 -1.50 -30.94 2.73
C LEU B 349 -2.66 -31.31 3.65
N ASP B 350 -3.86 -30.76 3.39
CA ASP B 350 -5.01 -31.11 4.23
C ASP B 350 -5.41 -32.57 4.04
N LYS B 351 -5.62 -32.99 2.80
CA LYS B 351 -6.19 -34.29 2.51
C LYS B 351 -5.18 -35.42 2.51
N THR B 352 -3.88 -35.14 2.45
CA THR B 352 -2.87 -36.17 2.59
C THR B 352 -2.23 -36.18 3.98
N GLU B 353 -2.52 -35.16 4.80
CA GLU B 353 -2.17 -35.13 6.22
C GLU B 353 -0.66 -35.16 6.43
N GLN B 354 0.00 -34.10 5.97
CA GLN B 354 1.42 -33.92 6.28
C GLN B 354 1.74 -32.43 6.39
N TRP B 355 0.88 -31.69 7.10
CA TRP B 355 1.31 -30.39 7.63
C TRP B 355 2.44 -30.56 8.64
N SER B 356 2.55 -31.75 9.23
CA SER B 356 3.55 -31.98 10.27
C SER B 356 4.98 -31.95 9.70
N THR B 357 5.14 -32.27 8.43
CA THR B 357 6.48 -32.31 7.83
C THR B 357 6.96 -30.94 7.37
N LEU B 358 6.16 -29.89 7.55
CA LEU B 358 6.54 -28.53 7.21
C LEU B 358 6.57 -27.66 8.46
N PRO B 359 7.42 -26.63 8.48
CA PRO B 359 7.54 -25.80 9.68
C PRO B 359 6.23 -25.11 10.02
N PRO B 360 6.02 -24.73 11.28
CA PRO B 360 4.77 -24.05 11.66
C PRO B 360 4.63 -22.66 11.06
N GLU B 361 5.69 -22.11 10.46
CA GLU B 361 5.55 -20.86 9.73
C GLU B 361 4.74 -21.04 8.45
N THR B 362 4.60 -22.27 7.97
CA THR B 362 3.97 -22.51 6.68
C THR B 362 2.49 -22.17 6.70
N LYS B 363 1.78 -22.54 7.78
CA LYS B 363 0.35 -22.25 7.86
C LYS B 363 0.10 -20.75 7.88
N ASP B 364 0.97 -19.99 8.54
CA ASP B 364 0.82 -18.54 8.54
C ASP B 364 1.09 -17.95 7.17
N HIS B 365 2.02 -18.54 6.43
CA HIS B 365 2.30 -18.09 5.07
C HIS B 365 1.07 -18.27 4.18
N ALA B 366 0.36 -19.39 4.34
CA ALA B 366 -0.76 -19.70 3.45
C ALA B 366 -1.90 -18.70 3.64
N VAL B 367 -2.31 -18.46 4.88
CA VAL B 367 -3.40 -17.53 5.13
C VAL B 367 -2.98 -16.10 4.80
N ASP B 368 -1.70 -15.78 4.97
CA ASP B 368 -1.21 -14.45 4.60
C ASP B 368 -1.30 -14.23 3.09
N LEU B 369 -1.00 -15.27 2.31
CA LEU B 369 -1.09 -15.16 0.86
C LEU B 369 -2.53 -15.09 0.39
N ILE B 370 -3.41 -15.85 1.03
CA ILE B 370 -4.83 -15.84 0.64
C ILE B 370 -5.45 -14.48 0.95
N GLN B 371 -5.14 -13.91 2.12
CA GLN B 371 -5.64 -12.58 2.44
C GLN B 371 -5.11 -11.53 1.48
N LYS B 372 -3.84 -11.64 1.09
CA LYS B 372 -3.27 -10.69 0.15
C LYS B 372 -3.92 -10.80 -1.22
N GLY B 373 -4.15 -12.03 -1.69
CA GLY B 373 -4.77 -12.19 -3.00
C GLY B 373 -6.23 -11.79 -3.01
N TYR B 374 -6.96 -12.12 -1.95
CA TYR B 374 -8.37 -11.75 -1.87
C TYR B 374 -8.54 -10.24 -1.82
N MET B 375 -7.68 -9.55 -1.07
CA MET B 375 -7.72 -8.09 -1.04
C MET B 375 -7.32 -7.51 -2.39
N ARG B 376 -6.34 -8.13 -3.06
CA ARG B 376 -5.84 -7.60 -4.33
C ARG B 376 -6.88 -7.66 -5.43
N ILE B 377 -7.74 -8.69 -5.44
CA ILE B 377 -8.70 -8.84 -6.53
C ILE B 377 -9.97 -8.02 -6.28
N GLN B 378 -10.39 -7.85 -5.02
CA GLN B 378 -11.64 -7.17 -4.74
C GLN B 378 -11.63 -5.70 -5.15
N GLN B 379 -10.46 -5.13 -5.45
CA GLN B 379 -10.43 -3.78 -6.01
C GLN B 379 -10.96 -3.76 -7.42
N PHE B 380 -10.89 -4.89 -8.14
CA PHE B 380 -11.34 -4.99 -9.51
C PHE B 380 -12.85 -5.23 -9.62
N ARG B 381 -13.51 -5.57 -8.53
CA ARG B 381 -14.94 -5.88 -8.59
C ARG B 381 -15.74 -4.63 -8.89
N LYS B 382 -16.70 -4.75 -9.82
CA LYS B 382 -17.60 -3.67 -10.16
C LYS B 382 -18.91 -3.81 -9.40
N ALA B 383 -19.76 -2.78 -9.53
CA ALA B 383 -20.95 -2.68 -8.69
C ALA B 383 -21.93 -3.82 -8.94
N ASP B 384 -22.00 -4.34 -10.16
CA ASP B 384 -22.95 -5.38 -10.50
C ASP B 384 -22.39 -6.79 -10.28
N GLY B 385 -21.20 -6.92 -9.72
CA GLY B 385 -20.62 -8.21 -9.44
C GLY B 385 -19.65 -8.74 -10.49
N SER B 386 -19.44 -8.00 -11.58
CA SER B 386 -18.48 -8.42 -12.59
C SER B 386 -17.07 -7.98 -12.20
N TYR B 387 -16.09 -8.50 -12.94
CA TYR B 387 -14.69 -8.16 -12.73
C TYR B 387 -14.08 -7.74 -14.05
N ALA B 388 -13.29 -6.68 -14.02
CA ALA B 388 -12.64 -6.12 -15.19
C ALA B 388 -11.15 -6.41 -15.17
N ALA B 389 -10.57 -6.49 -16.37
CA ALA B 389 -9.14 -6.76 -16.48
C ALA B 389 -8.32 -5.68 -15.80
N TRP B 390 -8.72 -4.42 -15.94
CA TRP B 390 -8.07 -3.30 -15.28
C TRP B 390 -9.12 -2.45 -14.59
N LEU B 391 -8.65 -1.49 -13.80
CA LEU B 391 -9.56 -0.66 -13.01
C LEU B 391 -10.38 0.24 -13.92
N SER B 392 -11.71 0.23 -13.72
CA SER B 392 -12.63 1.08 -14.48
C SER B 392 -12.58 0.76 -15.97
N ARG B 393 -12.14 -0.45 -16.29
CA ARG B 393 -12.17 -0.96 -17.64
C ARG B 393 -13.46 -1.77 -17.85
N ASP B 394 -13.72 -2.12 -19.11
CA ASP B 394 -14.89 -2.91 -19.44
C ASP B 394 -14.82 -4.28 -18.75
N SER B 395 -15.99 -4.84 -18.47
CA SER B 395 -16.05 -6.13 -17.79
C SER B 395 -15.62 -7.25 -18.72
N SER B 396 -15.15 -8.34 -18.12
CA SER B 396 -14.71 -9.53 -18.85
C SER B 396 -15.48 -10.73 -18.32
N THR B 397 -16.17 -11.44 -19.22
CA THR B 397 -16.88 -12.64 -18.81
C THR B 397 -15.91 -13.73 -18.37
N TRP B 398 -14.77 -13.84 -19.05
CA TRP B 398 -13.78 -14.86 -18.69
C TRP B 398 -13.20 -14.59 -17.31
N LEU B 399 -12.79 -13.36 -17.05
CA LEU B 399 -12.22 -13.04 -15.74
C LEU B 399 -13.25 -13.16 -14.63
N THR B 400 -14.49 -12.71 -14.90
CA THR B 400 -15.56 -12.86 -13.92
C THR B 400 -15.79 -14.33 -13.58
N ALA B 401 -15.72 -15.21 -14.59
CA ALA B 401 -15.82 -16.64 -14.33
C ALA B 401 -14.61 -17.14 -13.56
N PHE B 402 -13.41 -16.68 -13.94
CA PHE B 402 -12.19 -17.13 -13.25
C PHE B 402 -12.23 -16.74 -11.78
N VAL B 403 -12.62 -15.51 -11.47
CA VAL B 403 -12.67 -15.06 -10.09
C VAL B 403 -13.73 -15.82 -9.31
N LEU B 404 -14.86 -16.12 -9.96
CA LEU B 404 -15.91 -16.90 -9.30
C LEU B 404 -15.41 -18.30 -8.96
N LYS B 405 -14.59 -18.89 -9.83
CA LYS B 405 -14.10 -20.24 -9.59
C LYS B 405 -13.13 -20.29 -8.42
N VAL B 406 -12.16 -19.37 -8.39
CA VAL B 406 -11.12 -19.41 -7.36
C VAL B 406 -11.70 -19.03 -6.00
N LEU B 407 -12.49 -17.94 -5.96
CA LEU B 407 -13.04 -17.48 -4.70
C LEU B 407 -14.10 -18.42 -4.14
N SER B 408 -14.69 -19.26 -4.99
CA SER B 408 -15.54 -20.33 -4.47
C SER B 408 -14.72 -21.37 -3.73
N LEU B 409 -13.55 -21.72 -4.28
CA LEU B 409 -12.63 -22.62 -3.58
C LEU B 409 -12.08 -21.98 -2.32
N ALA B 410 -11.92 -20.65 -2.31
CA ALA B 410 -11.39 -19.95 -1.15
C ALA B 410 -12.31 -20.02 0.07
N GLN B 411 -13.58 -20.40 -0.10
CA GLN B 411 -14.48 -20.56 1.04
C GLN B 411 -14.11 -21.72 1.94
N GLU B 412 -13.12 -22.54 1.54
CA GLU B 412 -12.74 -23.69 2.35
C GLU B 412 -12.16 -23.28 3.69
N GLN B 413 -11.24 -22.30 3.72
CA GLN B 413 -10.71 -21.79 4.97
C GLN B 413 -10.83 -20.28 5.12
N VAL B 414 -11.40 -19.58 4.14
CA VAL B 414 -11.79 -18.18 4.30
C VAL B 414 -13.21 -18.05 3.78
N GLY B 415 -14.15 -18.73 4.43
CA GLY B 415 -15.53 -18.76 3.99
C GLY B 415 -16.38 -17.66 4.62
N GLY B 416 -17.69 -17.83 4.49
CA GLY B 416 -18.62 -16.88 5.08
C GLY B 416 -18.91 -15.66 4.25
N SER B 417 -18.77 -15.74 2.94
CA SER B 417 -19.08 -14.62 2.04
C SER B 417 -19.84 -15.14 0.83
N PRO B 418 -21.10 -15.54 1.01
CA PRO B 418 -21.87 -16.09 -0.11
C PRO B 418 -22.52 -15.02 -0.97
N GLU B 419 -22.86 -13.88 -0.37
CA GLU B 419 -23.65 -12.86 -1.08
C GLU B 419 -22.91 -12.33 -2.30
N LYS B 420 -21.62 -12.00 -2.14
CA LYS B 420 -20.88 -11.41 -3.24
C LYS B 420 -20.60 -12.43 -4.35
N LEU B 421 -20.41 -13.69 -4.00
CA LEU B 421 -20.24 -14.72 -5.02
C LEU B 421 -21.57 -15.04 -5.70
N GLN B 422 -22.68 -14.95 -4.97
CA GLN B 422 -23.99 -15.14 -5.59
C GLN B 422 -24.28 -14.04 -6.61
N GLU B 423 -23.88 -12.80 -6.30
CA GLU B 423 -24.00 -11.72 -7.28
C GLU B 423 -23.17 -12.02 -8.52
N THR B 424 -21.96 -12.55 -8.33
CA THR B 424 -21.06 -12.79 -9.45
C THR B 424 -21.62 -13.82 -10.41
N SER B 425 -22.14 -14.94 -9.87
CA SER B 425 -22.72 -15.97 -10.73
C SER B 425 -24.00 -15.49 -11.41
N ASN B 426 -24.79 -14.64 -10.72
CA ASN B 426 -26.03 -14.17 -11.31
C ASN B 426 -25.76 -13.26 -12.51
N TRP B 427 -24.67 -12.48 -12.46
CA TRP B 427 -24.27 -11.71 -13.63
C TRP B 427 -23.75 -12.61 -14.73
N LEU B 428 -23.07 -13.68 -14.36
CA LEU B 428 -22.51 -14.60 -15.35
C LEU B 428 -23.60 -15.29 -16.15
N LEU B 429 -24.77 -15.52 -15.54
CA LEU B 429 -25.88 -16.14 -16.26
C LEU B 429 -26.40 -15.22 -17.37
N SER B 430 -26.28 -13.91 -17.19
CA SER B 430 -26.78 -12.96 -18.18
C SER B 430 -25.92 -12.90 -19.44
N GLN B 431 -24.74 -13.50 -19.43
CA GLN B 431 -23.87 -13.51 -20.60
C GLN B 431 -24.03 -14.78 -21.44
N GLN B 432 -24.97 -15.64 -21.09
CA GLN B 432 -25.20 -16.86 -21.85
C GLN B 432 -26.11 -16.56 -23.03
N GLN B 433 -25.67 -16.91 -24.24
CA GLN B 433 -26.44 -16.63 -25.43
C GLN B 433 -27.45 -17.76 -25.68
N ALA B 434 -28.27 -17.59 -26.72
CA ALA B 434 -29.30 -18.58 -27.03
C ALA B 434 -28.71 -19.92 -27.44
N ASP B 435 -27.47 -19.92 -27.97
CA ASP B 435 -26.81 -21.16 -28.32
C ASP B 435 -26.57 -22.04 -27.10
N GLY B 436 -26.47 -21.42 -25.91
CA GLY B 436 -25.97 -22.08 -24.73
C GLY B 436 -24.56 -21.70 -24.38
N SER B 437 -23.85 -21.06 -25.31
CA SER B 437 -22.49 -20.59 -25.08
C SER B 437 -22.53 -19.22 -24.41
N PHE B 438 -21.36 -18.80 -23.92
CA PHE B 438 -21.20 -17.50 -23.28
C PHE B 438 -20.40 -16.56 -24.17
N GLN B 439 -20.70 -15.27 -24.06
CA GLN B 439 -20.01 -14.24 -24.83
C GLN B 439 -19.21 -13.35 -23.91
N ASP B 440 -18.03 -12.94 -24.38
CA ASP B 440 -17.16 -12.01 -23.64
C ASP B 440 -16.84 -10.85 -24.56
N PRO B 441 -17.27 -9.63 -24.24
CA PRO B 441 -16.94 -8.49 -25.12
C PRO B 441 -15.49 -8.07 -25.05
N CYS B 442 -14.78 -8.39 -23.97
CA CYS B 442 -13.37 -8.04 -23.83
C CYS B 442 -12.66 -9.20 -23.14
N PRO B 443 -12.31 -10.24 -23.90
CA PRO B 443 -11.67 -11.41 -23.28
C PRO B 443 -10.24 -11.12 -22.85
N VAL B 444 -9.86 -11.69 -21.72
CA VAL B 444 -8.51 -11.47 -21.20
C VAL B 444 -7.50 -12.32 -21.95
N LEU B 445 -7.84 -13.56 -22.27
CA LEU B 445 -6.89 -14.53 -22.82
C LEU B 445 -7.40 -15.06 -24.15
N ASP B 446 -6.73 -14.66 -25.24
CA ASP B 446 -6.84 -15.32 -26.52
C ASP B 446 -5.65 -16.25 -26.69
N ARG B 447 -5.89 -17.46 -27.19
CA ARG B 447 -4.80 -18.44 -27.24
C ARG B 447 -4.79 -19.33 -28.47
N SER B 448 -5.93 -19.67 -29.08
CA SER B 448 -5.93 -20.64 -30.16
C SER B 448 -5.28 -20.07 -31.42
N MET B 449 -4.63 -20.95 -32.18
CA MET B 449 -3.96 -20.59 -33.43
C MET B 449 -4.43 -21.42 -34.62
N GLN B 450 -5.52 -22.17 -34.47
CA GLN B 450 -6.06 -22.97 -35.58
C GLN B 450 -6.93 -22.06 -36.43
N GLY B 451 -6.38 -21.59 -37.54
CA GLY B 451 -7.09 -20.63 -38.37
C GLY B 451 -8.38 -21.20 -38.94
N GLY B 452 -9.35 -20.32 -39.12
CA GLY B 452 -10.68 -20.75 -39.58
C GLY B 452 -11.57 -21.27 -38.49
N LEU B 453 -11.07 -22.20 -37.69
CA LEU B 453 -11.80 -22.74 -36.55
C LEU B 453 -11.46 -22.01 -35.25
N VAL B 454 -10.73 -20.90 -35.32
CA VAL B 454 -10.27 -20.21 -34.11
C VAL B 454 -11.45 -19.61 -33.36
N GLY B 455 -12.45 -19.10 -34.09
CA GLY B 455 -13.63 -18.57 -33.43
C GLY B 455 -14.45 -19.65 -32.75
N ASN B 456 -14.54 -20.83 -33.37
CA ASN B 456 -15.24 -21.94 -32.75
C ASN B 456 -14.47 -22.50 -31.57
N ASP B 457 -13.13 -22.46 -31.61
CA ASP B 457 -12.34 -22.89 -30.47
C ASP B 457 -12.54 -21.95 -29.28
N GLU B 458 -12.47 -20.64 -29.52
CA GLU B 458 -12.53 -19.68 -28.42
C GLU B 458 -13.91 -19.65 -27.78
N THR B 459 -14.97 -19.78 -28.59
CA THR B 459 -16.32 -19.82 -28.02
C THR B 459 -16.51 -21.05 -27.14
N VAL B 460 -16.02 -22.20 -27.59
CA VAL B 460 -16.13 -23.43 -26.81
C VAL B 460 -15.23 -23.37 -25.59
N ALA B 461 -13.99 -22.87 -25.76
CA ALA B 461 -13.06 -22.79 -24.64
C ALA B 461 -13.59 -21.87 -23.55
N LEU B 462 -14.16 -20.72 -23.94
CA LEU B 462 -14.74 -19.82 -22.95
C LEU B 462 -15.97 -20.44 -22.28
N THR B 463 -16.82 -21.09 -23.08
CA THR B 463 -18.03 -21.69 -22.52
C THR B 463 -17.70 -22.82 -21.56
N ALA B 464 -16.76 -23.68 -21.93
CA ALA B 464 -16.36 -24.76 -21.03
C ALA B 464 -15.69 -24.22 -19.77
N PHE B 465 -15.00 -23.09 -19.88
CA PHE B 465 -14.36 -22.50 -18.70
C PHE B 465 -15.40 -21.89 -17.77
N VAL B 466 -16.42 -21.22 -18.33
CA VAL B 466 -17.48 -20.65 -17.50
C VAL B 466 -18.28 -21.76 -16.82
N THR B 467 -18.50 -22.88 -17.53
CA THR B 467 -19.22 -24.00 -16.94
C THR B 467 -18.50 -24.55 -15.72
N ILE B 468 -17.17 -24.65 -15.79
CA ILE B 468 -16.40 -25.10 -14.64
C ILE B 468 -16.56 -24.13 -13.48
N ALA B 469 -16.55 -22.83 -13.76
CA ALA B 469 -16.70 -21.82 -12.71
C ALA B 469 -18.09 -21.89 -12.09
N LEU B 470 -19.13 -22.01 -12.91
CA LEU B 470 -20.48 -22.09 -12.39
C LEU B 470 -20.68 -23.34 -11.55
N HIS B 471 -20.05 -24.45 -11.93
CA HIS B 471 -20.16 -25.68 -11.13
C HIS B 471 -19.57 -25.50 -9.74
N HIS B 472 -18.42 -24.83 -9.63
CA HIS B 472 -17.83 -24.56 -8.32
C HIS B 472 -18.67 -23.56 -7.53
N GLY B 473 -19.41 -22.69 -8.23
CA GLY B 473 -20.31 -21.75 -7.58
C GLY B 473 -21.44 -22.40 -6.81
N LEU B 474 -21.85 -23.62 -7.19
CA LEU B 474 -22.90 -24.33 -6.46
C LEU B 474 -22.49 -24.61 -5.02
N ALA B 475 -21.22 -24.96 -4.79
CA ALA B 475 -20.75 -25.30 -3.45
C ALA B 475 -20.74 -24.11 -2.49
N VAL B 476 -20.88 -22.88 -3.00
CA VAL B 476 -20.84 -21.71 -2.11
C VAL B 476 -22.08 -21.68 -1.22
N PHE B 477 -23.26 -21.86 -1.80
CA PHE B 477 -24.52 -21.74 -1.08
C PHE B 477 -25.13 -23.12 -0.90
N GLN B 478 -24.98 -23.68 0.30
CA GLN B 478 -25.74 -24.83 0.74
C GLN B 478 -26.97 -24.43 1.54
N ASP B 479 -27.47 -23.21 1.30
CA ASP B 479 -28.56 -22.66 2.09
C ASP B 479 -29.87 -23.39 1.78
N GLU B 480 -30.79 -23.33 2.75
CA GLU B 480 -32.12 -23.90 2.54
C GLU B 480 -32.91 -23.08 1.53
N GLY B 481 -32.75 -21.77 1.55
CA GLY B 481 -33.42 -20.87 0.62
C GLY B 481 -32.52 -20.48 -0.55
N ALA B 482 -32.96 -19.45 -1.26
CA ALA B 482 -32.23 -18.92 -2.42
C ALA B 482 -31.99 -20.00 -3.47
N GLU B 483 -33.01 -20.82 -3.70
CA GLU B 483 -32.95 -21.90 -4.68
C GLU B 483 -33.24 -21.47 -6.12
N PRO B 484 -33.92 -20.34 -6.39
CA PRO B 484 -33.99 -19.88 -7.79
C PRO B 484 -32.63 -19.70 -8.44
N LEU B 485 -31.65 -19.15 -7.72
CA LEU B 485 -30.30 -19.06 -8.26
C LEU B 485 -29.71 -20.44 -8.50
N LYS B 486 -29.95 -21.36 -7.57
CA LYS B 486 -29.48 -22.73 -7.73
C LYS B 486 -30.14 -23.42 -8.92
N GLN B 487 -31.43 -23.18 -9.12
CA GLN B 487 -32.12 -23.78 -10.27
C GLN B 487 -31.65 -23.18 -11.59
N ARG B 488 -31.38 -21.87 -11.61
CA ARG B 488 -30.99 -21.22 -12.85
C ARG B 488 -29.57 -21.63 -13.26
N VAL B 489 -28.65 -21.75 -12.31
CA VAL B 489 -27.30 -22.16 -12.66
C VAL B 489 -27.27 -23.63 -13.04
N GLU B 490 -28.13 -24.45 -12.44
CA GLU B 490 -28.25 -25.84 -12.87
C GLU B 490 -28.80 -25.93 -14.28
N ALA B 491 -29.77 -25.08 -14.61
CA ALA B 491 -30.32 -25.07 -15.96
C ALA B 491 -29.34 -24.49 -16.95
N SER B 492 -28.57 -23.48 -16.53
CA SER B 492 -27.58 -22.88 -17.43
C SER B 492 -26.45 -23.85 -17.76
N ILE B 493 -26.04 -24.66 -16.78
CA ILE B 493 -24.99 -25.64 -17.03
C ILE B 493 -25.46 -26.72 -17.98
N SER B 494 -26.71 -27.18 -17.82
CA SER B 494 -27.23 -28.23 -18.70
C SER B 494 -27.33 -27.75 -20.14
N LYS B 495 -27.78 -26.52 -20.35
CA LYS B 495 -27.85 -25.98 -21.71
C LYS B 495 -26.46 -25.79 -22.29
N ALA B 496 -25.50 -25.36 -21.47
CA ALA B 496 -24.13 -25.18 -21.96
C ALA B 496 -23.48 -26.52 -22.28
N ASN B 497 -23.74 -27.54 -21.46
CA ASN B 497 -23.19 -28.86 -21.73
C ASN B 497 -23.72 -29.43 -23.03
N SER B 498 -24.99 -29.15 -23.34
CA SER B 498 -25.55 -29.60 -24.62
C SER B 498 -24.86 -28.91 -25.79
N PHE B 499 -24.50 -27.63 -25.62
CA PHE B 499 -23.72 -26.94 -26.64
C PHE B 499 -22.34 -27.55 -26.77
N LEU B 500 -21.70 -27.86 -25.63
CA LEU B 500 -20.38 -28.48 -25.67
C LEU B 500 -20.46 -29.87 -26.30
N GLY B 501 -21.55 -30.60 -26.06
CA GLY B 501 -21.67 -31.93 -26.62
C GLY B 501 -21.74 -31.95 -28.13
N GLU B 502 -22.44 -30.97 -28.72
CA GLU B 502 -22.54 -30.90 -30.18
C GLU B 502 -21.18 -30.63 -30.81
N LYS B 503 -20.45 -29.64 -30.29
CA LYS B 503 -19.15 -29.29 -30.84
C LYS B 503 -18.12 -30.38 -30.59
N ALA B 504 -18.22 -31.08 -29.45
CA ALA B 504 -17.30 -32.18 -29.18
C ALA B 504 -17.59 -33.37 -30.08
N SER B 505 -18.87 -33.68 -30.31
CA SER B 505 -19.21 -34.79 -31.19
C SER B 505 -18.90 -34.48 -32.65
N ALA B 506 -19.03 -33.21 -33.05
CA ALA B 506 -18.67 -32.83 -34.41
C ALA B 506 -17.19 -33.08 -34.68
N GLY B 507 -16.34 -32.80 -33.69
CA GLY B 507 -14.96 -33.20 -33.75
C GLY B 507 -14.04 -32.33 -34.57
N LEU B 508 -14.40 -31.07 -34.81
CA LEU B 508 -13.53 -30.13 -35.51
C LEU B 508 -12.76 -29.24 -34.56
N LEU B 509 -12.89 -29.46 -33.25
CA LEU B 509 -12.25 -28.60 -32.25
C LEU B 509 -10.74 -28.82 -32.22
N GLY B 510 -10.04 -27.79 -31.74
CA GLY B 510 -8.63 -27.89 -31.44
C GLY B 510 -8.38 -28.68 -30.17
N ALA B 511 -7.09 -28.88 -29.87
CA ALA B 511 -6.73 -29.67 -28.70
C ALA B 511 -7.13 -28.97 -27.41
N HIS B 512 -7.02 -27.63 -27.38
CA HIS B 512 -7.33 -26.90 -26.14
C HIS B 512 -8.82 -26.96 -25.83
N ALA B 513 -9.66 -26.69 -26.83
CA ALA B 513 -11.10 -26.69 -26.59
C ALA B 513 -11.59 -28.05 -26.13
N ALA B 514 -11.07 -29.12 -26.73
CA ALA B 514 -11.47 -30.46 -26.31
C ALA B 514 -10.95 -30.79 -24.92
N ALA B 515 -9.82 -30.20 -24.52
CA ALA B 515 -9.27 -30.46 -23.19
C ALA B 515 -10.18 -29.91 -22.10
N ILE B 516 -10.63 -28.66 -22.24
CA ILE B 516 -11.54 -28.09 -21.26
C ILE B 516 -12.90 -28.77 -21.33
N THR B 517 -13.38 -29.06 -22.54
CA THR B 517 -14.70 -29.65 -22.70
C THR B 517 -14.76 -31.04 -22.06
N ALA B 518 -13.70 -31.84 -22.22
CA ALA B 518 -13.68 -33.17 -21.60
C ALA B 518 -13.72 -33.05 -20.08
N TYR B 519 -13.01 -32.05 -19.52
CA TYR B 519 -13.04 -31.86 -18.07
C TYR B 519 -14.38 -31.29 -17.62
N ALA B 520 -14.94 -30.36 -18.38
CA ALA B 520 -16.22 -29.75 -17.98
C ALA B 520 -17.35 -30.77 -17.99
N LEU B 521 -17.37 -31.66 -18.98
CA LEU B 521 -18.42 -32.67 -19.05
C LEU B 521 -18.26 -33.70 -17.94
N SER B 522 -17.03 -34.10 -17.65
CA SER B 522 -16.81 -35.05 -16.56
C SER B 522 -17.07 -34.42 -15.20
N LEU B 523 -16.70 -33.14 -15.04
CA LEU B 523 -16.87 -32.47 -13.75
C LEU B 523 -18.34 -32.30 -13.40
N THR B 524 -19.14 -31.79 -14.33
CA THR B 524 -20.55 -31.54 -14.08
C THR B 524 -21.41 -32.78 -14.30
N LYS B 525 -20.80 -33.93 -14.59
CA LYS B 525 -21.50 -35.20 -14.79
C LYS B 525 -22.57 -35.07 -15.87
N ALA B 526 -22.12 -34.67 -17.06
CA ALA B 526 -22.95 -34.56 -18.25
C ALA B 526 -23.44 -35.94 -18.65
N PRO B 527 -24.42 -36.04 -19.56
CA PRO B 527 -24.84 -37.36 -20.04
C PRO B 527 -23.66 -38.20 -20.51
N VAL B 528 -23.71 -39.49 -20.19
CA VAL B 528 -22.59 -40.39 -20.45
C VAL B 528 -22.26 -40.45 -21.93
N ASP B 529 -23.28 -40.34 -22.79
CA ASP B 529 -23.02 -40.35 -24.23
C ASP B 529 -22.24 -39.10 -24.66
N LEU B 530 -22.58 -37.94 -24.10
CA LEU B 530 -21.78 -36.74 -24.34
C LEU B 530 -20.41 -36.88 -23.68
N LEU B 531 -20.36 -37.47 -22.49
CA LEU B 531 -19.10 -37.61 -21.78
C LEU B 531 -18.13 -38.51 -22.53
N GLY B 532 -18.63 -39.57 -23.16
CA GLY B 532 -17.75 -40.52 -23.81
C GLY B 532 -17.16 -40.00 -25.11
N VAL B 533 -17.96 -39.31 -25.92
CA VAL B 533 -17.47 -38.85 -27.21
C VAL B 533 -16.42 -37.75 -27.02
N ALA B 534 -16.53 -36.95 -25.96
CA ALA B 534 -15.52 -35.93 -25.70
C ALA B 534 -14.23 -36.55 -25.17
N HIS B 535 -14.36 -37.61 -24.38
CA HIS B 535 -13.18 -38.27 -23.82
C HIS B 535 -12.35 -38.94 -24.90
N ASN B 536 -13.01 -39.73 -25.76
CA ASN B 536 -12.28 -40.46 -26.80
C ASN B 536 -11.83 -39.56 -27.93
N ASN B 537 -12.50 -38.43 -28.16
CA ASN B 537 -11.98 -37.43 -29.09
C ASN B 537 -10.73 -36.77 -28.53
N LEU B 538 -10.70 -36.56 -27.21
CA LEU B 538 -9.52 -35.99 -26.57
C LEU B 538 -8.35 -36.96 -26.59
N MET B 539 -8.60 -38.24 -26.28
CA MET B 539 -7.51 -39.22 -26.24
C MET B 539 -6.94 -39.48 -27.64
N ALA B 540 -7.76 -39.37 -28.68
CA ALA B 540 -7.29 -39.59 -30.05
C ALA B 540 -6.31 -38.52 -30.51
N MET B 541 -6.20 -37.40 -29.80
CA MET B 541 -5.25 -36.35 -30.11
C MET B 541 -4.00 -36.40 -29.25
N ALA B 542 -3.87 -37.39 -28.38
CA ALA B 542 -2.75 -37.45 -27.46
C ALA B 542 -1.47 -37.84 -28.17
N GLN B 543 -0.36 -37.24 -27.77
CA GLN B 543 0.97 -37.63 -28.20
C GLN B 543 1.71 -38.29 -27.04
N GLU B 544 2.43 -39.36 -27.32
CA GLU B 544 3.10 -40.14 -26.30
C GLU B 544 4.56 -40.35 -26.67
N THR B 545 5.43 -40.30 -25.66
CA THR B 545 6.83 -40.62 -25.83
C THR B 545 7.36 -41.19 -24.52
N GLY B 546 7.94 -42.39 -24.59
CA GLY B 546 8.49 -43.06 -23.43
C GLY B 546 7.51 -43.20 -22.28
N ASP B 547 7.77 -42.46 -21.19
CA ASP B 547 6.93 -42.48 -20.01
C ASP B 547 6.05 -41.23 -19.91
N ASN B 548 5.89 -40.50 -21.02
CA ASN B 548 5.24 -39.21 -21.02
C ASN B 548 4.05 -39.21 -21.97
N LEU B 549 2.98 -38.52 -21.57
CA LEU B 549 1.78 -38.35 -22.37
C LEU B 549 1.38 -36.88 -22.32
N TYR B 550 1.20 -36.25 -23.48
CA TYR B 550 0.90 -34.83 -23.53
C TYR B 550 0.04 -34.51 -24.74
N TRP B 551 -0.45 -33.28 -24.78
CA TRP B 551 -1.29 -32.79 -25.85
C TRP B 551 -0.75 -31.46 -26.36
N GLY B 552 -1.17 -31.09 -27.58
CA GLY B 552 -0.82 -29.80 -28.12
C GLY B 552 -0.32 -29.81 -29.56
N SER B 553 -0.93 -28.99 -30.41
CA SER B 553 -0.52 -28.79 -31.80
C SER B 553 -0.48 -30.13 -32.55
N VAL B 554 -1.69 -30.63 -32.83
CA VAL B 554 -1.87 -31.92 -33.48
C VAL B 554 -2.92 -31.82 -34.56
N THR B 555 -2.75 -30.87 -35.49
CA THR B 555 -3.72 -30.73 -36.57
C THR B 555 -3.67 -31.90 -37.54
N GLY B 556 -2.50 -32.48 -37.76
CA GLY B 556 -2.36 -33.65 -38.62
C GLY B 556 -1.18 -34.49 -38.20
N SER B 557 -0.44 -35.01 -39.17
CA SER B 557 0.80 -35.74 -38.90
C SER B 557 1.94 -34.74 -38.78
N GLN B 558 2.57 -34.71 -37.61
CA GLN B 558 3.53 -33.66 -37.26
C GLN B 558 4.98 -34.05 -37.48
N SER B 559 5.27 -35.32 -37.79
CA SER B 559 6.63 -35.75 -38.04
C SER B 559 6.60 -36.94 -38.99
N ASN B 560 7.70 -37.14 -39.72
CA ASN B 560 7.76 -38.14 -40.78
C ASN B 560 8.53 -39.39 -40.40
N ALA B 561 9.11 -39.46 -39.20
CA ALA B 561 9.90 -40.60 -38.80
C ALA B 561 9.32 -41.34 -37.60
N VAL B 562 8.20 -40.89 -37.06
CA VAL B 562 7.67 -41.45 -35.81
C VAL B 562 6.89 -42.72 -36.09
N SER B 563 6.86 -43.58 -35.07
CA SER B 563 5.99 -44.75 -35.05
C SER B 563 4.58 -44.31 -34.68
N PRO B 564 3.58 -45.20 -34.82
CA PRO B 564 2.17 -44.77 -34.62
C PRO B 564 1.89 -44.02 -33.33
N THR B 565 2.39 -44.51 -32.18
CA THR B 565 2.03 -43.84 -30.93
C THR B 565 3.24 -43.32 -30.15
N PRO B 566 4.38 -44.03 -30.08
CA PRO B 566 5.52 -43.46 -29.34
C PRO B 566 6.42 -42.61 -30.22
N ALA B 567 7.58 -42.24 -29.70
CA ALA B 567 8.53 -41.39 -30.41
C ALA B 567 9.92 -41.66 -29.89
N PRO B 568 10.96 -41.38 -30.67
CA PRO B 568 12.33 -41.64 -30.20
C PRO B 568 12.82 -40.61 -29.19
N ARG B 569 12.63 -40.90 -27.91
CA ARG B 569 13.16 -40.07 -26.83
C ARG B 569 13.53 -40.99 -25.67
N ASN B 570 14.76 -40.86 -25.19
CA ASN B 570 15.29 -41.71 -24.14
C ASN B 570 15.77 -40.85 -22.97
N PRO B 571 15.87 -41.43 -21.77
CA PRO B 571 16.18 -40.61 -20.58
C PRO B 571 17.47 -39.80 -20.68
N SER B 572 18.44 -40.24 -21.48
CA SER B 572 19.69 -39.48 -21.61
C SER B 572 19.48 -38.15 -22.33
N ASP B 573 18.38 -38.01 -23.09
CA ASP B 573 18.06 -36.74 -23.74
C ASP B 573 17.25 -35.85 -22.80
N PRO B 574 17.35 -34.53 -22.95
CA PRO B 574 16.56 -33.64 -22.10
C PRO B 574 15.08 -33.69 -22.48
N MET B 575 14.25 -33.23 -21.55
CA MET B 575 12.84 -33.08 -21.81
C MET B 575 12.60 -31.75 -22.51
N PRO B 576 12.16 -31.75 -23.77
CA PRO B 576 11.96 -30.47 -24.48
C PRO B 576 10.86 -29.65 -23.82
N GLN B 577 11.20 -28.40 -23.51
CA GLN B 577 10.25 -27.52 -22.83
C GLN B 577 9.16 -27.07 -23.79
N ALA B 578 7.90 -27.24 -23.37
CA ALA B 578 6.71 -27.02 -24.17
C ALA B 578 6.13 -25.63 -23.92
N PRO B 579 5.46 -25.07 -24.92
CA PRO B 579 4.83 -23.75 -24.74
C PRO B 579 3.73 -23.80 -23.69
N ALA B 580 3.30 -22.61 -23.28
CA ALA B 580 2.30 -22.49 -22.23
C ALA B 580 0.98 -23.15 -22.61
N LEU B 581 0.63 -23.13 -23.90
CA LEU B 581 -0.60 -23.77 -24.35
C LEU B 581 -0.60 -25.26 -24.03
N TRP B 582 0.53 -25.93 -24.28
CA TRP B 582 0.59 -27.38 -24.07
C TRP B 582 0.42 -27.73 -22.59
N ILE B 583 1.02 -26.93 -21.71
CA ILE B 583 0.90 -27.19 -20.28
C ILE B 583 -0.55 -27.01 -19.82
N GLU B 584 -1.23 -25.99 -20.33
CA GLU B 584 -2.62 -25.75 -19.95
C GLU B 584 -3.52 -26.87 -20.44
N THR B 585 -3.33 -27.31 -21.69
CA THR B 585 -4.17 -28.38 -22.23
C THR B 585 -3.91 -29.70 -21.51
N THR B 586 -2.65 -30.03 -21.26
CA THR B 586 -2.32 -31.28 -20.58
C THR B 586 -2.83 -31.27 -19.15
N ALA B 587 -2.80 -30.10 -18.49
CA ALA B 587 -3.33 -30.02 -17.13
C ALA B 587 -4.81 -30.29 -17.09
N TYR B 588 -5.57 -29.74 -18.06
CA TYR B 588 -6.99 -30.02 -18.13
C TYR B 588 -7.25 -31.49 -18.44
N ALA B 589 -6.47 -32.07 -19.36
CA ALA B 589 -6.64 -33.48 -19.69
C ALA B 589 -6.31 -34.37 -18.50
N LEU B 590 -5.29 -34.00 -17.73
CA LEU B 590 -4.95 -34.76 -16.52
C LEU B 590 -6.06 -34.66 -15.49
N LEU B 591 -6.62 -33.46 -15.30
CA LEU B 591 -7.76 -33.31 -14.41
C LEU B 591 -8.94 -34.14 -14.89
N HIS B 592 -9.17 -34.17 -16.20
CA HIS B 592 -10.26 -34.97 -16.76
C HIS B 592 -10.02 -36.46 -16.55
N LEU B 593 -8.76 -36.90 -16.64
CA LEU B 593 -8.44 -38.31 -16.46
C LEU B 593 -8.66 -38.75 -15.02
N LEU B 594 -8.38 -37.86 -14.06
CA LEU B 594 -8.59 -38.20 -12.65
C LEU B 594 -10.07 -38.39 -12.34
N LEU B 595 -10.92 -37.55 -12.92
CA LEU B 595 -12.36 -37.71 -12.73
C LEU B 595 -12.88 -38.91 -13.52
N HIS B 596 -12.31 -39.17 -14.70
CA HIS B 596 -12.81 -40.23 -15.56
C HIS B 596 -12.44 -41.61 -15.02
N GLU B 597 -11.18 -41.79 -14.61
CA GLU B 597 -10.71 -43.08 -14.10
C GLU B 597 -10.18 -42.98 -12.67
N GLY B 598 -9.21 -42.11 -12.42
CA GLY B 598 -8.53 -42.08 -11.14
C GLY B 598 -7.29 -42.95 -11.17
N LYS B 599 -6.12 -42.31 -11.06
CA LYS B 599 -4.81 -43.00 -11.08
C LYS B 599 -4.66 -43.65 -12.46
N ALA B 600 -4.13 -44.87 -12.53
CA ALA B 600 -3.89 -45.61 -13.78
C ALA B 600 -2.80 -44.98 -14.64
N GLU B 601 -2.47 -45.64 -15.75
CA GLU B 601 -1.27 -45.28 -16.51
C GLU B 601 -1.40 -43.92 -17.19
N MET B 602 -2.58 -43.61 -17.74
CA MET B 602 -2.75 -42.37 -18.48
C MET B 602 -2.53 -41.16 -17.57
N ALA B 603 -3.01 -41.23 -16.31
CA ALA B 603 -2.76 -40.15 -15.37
C ALA B 603 -1.30 -40.14 -14.93
N ASP B 604 -0.69 -41.32 -14.80
CA ASP B 604 0.72 -41.38 -14.42
C ASP B 604 1.62 -40.76 -15.46
N GLN B 605 1.39 -41.10 -16.74
CA GLN B 605 2.25 -40.58 -17.80
C GLN B 605 2.01 -39.11 -18.06
N ALA B 606 0.77 -38.63 -17.87
CA ALA B 606 0.49 -37.20 -18.06
C ALA B 606 1.09 -36.37 -16.95
N SER B 607 0.98 -36.83 -15.69
CA SER B 607 1.55 -36.09 -14.58
C SER B 607 3.07 -36.12 -14.61
N ALA B 608 3.66 -37.23 -15.06
CA ALA B 608 5.11 -37.30 -15.17
C ALA B 608 5.64 -36.28 -16.16
N TRP B 609 4.90 -36.03 -17.24
CA TRP B 609 5.31 -35.00 -18.20
C TRP B 609 5.16 -33.60 -17.61
N LEU B 610 4.10 -33.38 -16.83
CA LEU B 610 3.87 -32.05 -16.26
C LEU B 610 4.90 -31.71 -15.20
N THR B 611 5.25 -32.66 -14.34
CA THR B 611 6.25 -32.40 -13.32
C THR B 611 7.62 -32.15 -13.92
N ARG B 612 7.87 -32.59 -15.15
CA ARG B 612 9.12 -32.33 -15.85
C ARG B 612 8.99 -31.21 -16.88
N GLN B 613 7.92 -30.42 -16.80
CA GLN B 613 7.79 -29.19 -17.58
C GLN B 613 7.86 -27.95 -16.71
N GLY B 614 7.93 -28.11 -15.39
CA GLY B 614 8.02 -26.96 -14.51
C GLY B 614 9.37 -26.26 -14.63
N SER B 615 9.34 -24.94 -14.49
CA SER B 615 10.55 -24.14 -14.59
C SER B 615 11.48 -24.44 -13.41
N PHE B 616 12.69 -23.88 -13.50
CA PHE B 616 13.75 -24.26 -12.58
C PHE B 616 13.39 -23.91 -11.14
N GLN B 617 12.94 -22.68 -10.90
CA GLN B 617 12.66 -22.21 -9.55
C GLN B 617 11.20 -22.35 -9.17
N GLY B 618 10.43 -23.14 -9.90
CA GLY B 618 9.02 -23.30 -9.57
C GLY B 618 8.13 -22.52 -10.50
N GLY B 619 6.90 -23.02 -10.68
CA GLY B 619 5.97 -22.44 -11.62
C GLY B 619 6.30 -22.85 -13.05
N PHE B 620 5.38 -22.50 -13.95
CA PHE B 620 5.53 -22.91 -15.35
C PHE B 620 5.77 -21.70 -16.24
N ARG B 621 5.23 -21.71 -17.45
CA ARG B 621 5.52 -20.64 -18.40
C ARG B 621 4.96 -19.31 -17.94
N SER B 622 3.68 -19.26 -17.61
CA SER B 622 3.02 -18.01 -17.25
C SER B 622 1.99 -18.31 -16.15
N THR B 623 1.12 -17.33 -15.88
CA THR B 623 0.19 -17.44 -14.77
C THR B 623 -0.88 -18.48 -15.03
N GLN B 624 -1.54 -18.41 -16.19
CA GLN B 624 -2.68 -19.30 -16.45
C GLN B 624 -2.27 -20.76 -16.51
N ASP B 625 -1.16 -21.06 -17.16
CA ASP B 625 -0.70 -22.45 -17.19
C ASP B 625 -0.22 -22.91 -15.81
N THR B 626 0.31 -21.99 -15.01
CA THR B 626 0.80 -22.37 -13.68
C THR B 626 -0.36 -22.72 -12.76
N VAL B 627 -1.40 -21.89 -12.73
CA VAL B 627 -2.52 -22.13 -11.81
C VAL B 627 -3.25 -23.42 -12.16
N ILE B 628 -3.44 -23.69 -13.44
CA ILE B 628 -4.19 -24.88 -13.84
C ILE B 628 -3.35 -26.14 -13.63
N ALA B 629 -2.05 -26.06 -13.93
CA ALA B 629 -1.18 -27.23 -13.75
C ALA B 629 -1.01 -27.57 -12.27
N LEU B 630 -0.93 -26.54 -11.41
CA LEU B 630 -0.82 -26.80 -9.98
C LEU B 630 -2.11 -27.40 -9.43
N ASP B 631 -3.26 -26.97 -9.95
CA ASP B 631 -4.51 -27.63 -9.58
C ASP B 631 -4.54 -29.08 -10.08
N ALA B 632 -4.02 -29.32 -11.28
CA ALA B 632 -4.01 -30.67 -11.84
C ALA B 632 -3.05 -31.57 -11.07
N LEU B 633 -1.83 -31.09 -10.82
CA LEU B 633 -0.87 -31.89 -10.08
C LEU B 633 -1.28 -32.11 -8.63
N SER B 634 -1.94 -31.13 -8.01
CA SER B 634 -2.41 -31.31 -6.64
C SER B 634 -3.46 -32.41 -6.56
N ALA B 635 -4.39 -32.43 -7.52
CA ALA B 635 -5.42 -33.48 -7.51
C ALA B 635 -4.81 -34.85 -7.75
N TYR B 636 -3.79 -34.93 -8.62
CA TYR B 636 -3.11 -36.21 -8.86
C TYR B 636 -2.30 -36.65 -7.66
N TRP B 637 -1.60 -35.70 -7.01
CA TRP B 637 -0.75 -36.05 -5.88
C TRP B 637 -1.55 -36.52 -4.67
N ILE B 638 -2.75 -35.98 -4.48
CA ILE B 638 -3.62 -36.48 -3.42
C ILE B 638 -4.04 -37.92 -3.71
N ALA B 639 -4.37 -38.21 -4.97
CA ALA B 639 -4.87 -39.54 -5.32
C ALA B 639 -3.76 -40.59 -5.35
N SER B 640 -2.55 -40.19 -5.75
CA SER B 640 -1.46 -41.13 -5.93
C SER B 640 -0.51 -41.21 -4.74
N HIS B 641 -0.87 -40.59 -3.61
CA HIS B 641 0.02 -40.57 -2.47
C HIS B 641 0.11 -41.95 -1.82
N THR B 642 1.28 -42.23 -1.26
CA THR B 642 1.53 -43.47 -0.51
C THR B 642 2.45 -43.18 0.65
N THR B 643 2.25 -43.91 1.75
CA THR B 643 3.03 -43.70 2.96
C THR B 643 4.40 -44.37 2.90
N GLU B 644 4.58 -45.38 2.04
CA GLU B 644 5.84 -46.08 1.95
C GLU B 644 6.94 -45.14 1.44
N GLU B 645 8.18 -45.47 1.80
CA GLU B 645 9.33 -44.64 1.46
C GLU B 645 10.10 -45.26 0.32
N ARG B 646 10.21 -44.52 -0.79
CA ARG B 646 11.09 -44.87 -1.89
C ARG B 646 12.16 -43.80 -2.02
N GLY B 647 13.34 -44.21 -2.47
CA GLY B 647 14.51 -43.34 -2.44
C GLY B 647 15.19 -43.23 -3.79
N LEU B 648 16.24 -42.42 -3.82
CA LEU B 648 17.01 -42.14 -5.02
C LEU B 648 18.43 -41.76 -4.62
N ASN B 649 19.40 -42.39 -5.25
CA ASN B 649 20.81 -42.03 -5.09
C ASN B 649 21.29 -41.36 -6.38
N VAL B 650 21.89 -40.18 -6.26
CA VAL B 650 22.42 -39.45 -7.40
C VAL B 650 23.84 -39.03 -7.07
N THR B 651 24.77 -39.29 -7.98
CA THR B 651 26.15 -38.83 -7.87
C THR B 651 26.46 -37.96 -9.08
N LEU B 652 26.76 -36.69 -8.83
CA LEU B 652 27.12 -35.74 -9.87
C LEU B 652 28.60 -35.41 -9.78
N SER B 653 29.20 -35.09 -10.92
CA SER B 653 30.62 -34.75 -10.96
C SER B 653 30.91 -33.90 -12.18
N SER B 654 31.88 -32.99 -12.04
CA SER B 654 32.28 -32.12 -13.13
C SER B 654 33.62 -31.49 -12.78
N THR B 655 34.34 -31.07 -13.82
CA THR B 655 35.62 -30.39 -13.68
C THR B 655 35.45 -28.95 -14.15
N GLY B 656 35.42 -28.01 -13.21
CA GLY B 656 35.22 -26.61 -13.51
C GLY B 656 36.44 -25.77 -13.22
N ARG B 657 36.22 -24.46 -13.12
CA ARG B 657 37.30 -23.54 -12.79
C ARG B 657 37.88 -23.84 -11.41
N ASN B 658 37.04 -24.29 -10.48
CA ASN B 658 37.47 -24.72 -9.16
C ASN B 658 37.96 -26.17 -9.15
N GLY B 659 38.19 -26.76 -10.33
CA GLY B 659 38.73 -28.10 -10.39
C GLY B 659 37.64 -29.16 -10.33
N PHE B 660 38.09 -30.39 -10.11
CA PHE B 660 37.18 -31.52 -10.04
C PHE B 660 36.35 -31.46 -8.76
N LYS B 661 35.03 -31.60 -8.90
CA LYS B 661 34.13 -31.65 -7.77
C LYS B 661 33.07 -32.72 -8.03
N SER B 662 32.68 -33.43 -6.97
CA SER B 662 31.66 -34.46 -7.07
C SER B 662 30.76 -34.39 -5.86
N HIS B 663 29.46 -34.61 -6.08
CA HIS B 663 28.46 -34.55 -5.03
C HIS B 663 27.67 -35.84 -5.02
N ALA B 664 27.57 -36.47 -3.85
CA ALA B 664 26.81 -37.70 -3.66
C ALA B 664 25.63 -37.40 -2.75
N LEU B 665 24.42 -37.49 -3.30
CA LEU B 665 23.19 -37.22 -2.58
C LEU B 665 22.29 -38.43 -2.62
N GLN B 666 21.69 -38.77 -1.48
CA GLN B 666 20.63 -39.76 -1.40
C GLN B 666 19.35 -39.05 -0.98
N LEU B 667 18.31 -39.16 -1.81
CA LEU B 667 17.07 -38.43 -1.66
C LEU B 667 15.92 -39.39 -1.45
N ASN B 668 14.79 -38.87 -1.00
CA ASN B 668 13.61 -39.71 -0.77
C ASN B 668 12.35 -38.86 -0.95
N ASN B 669 11.20 -39.55 -0.95
CA ASN B 669 9.92 -38.90 -1.21
C ASN B 669 9.47 -38.00 -0.07
N ARG B 670 9.97 -38.23 1.15
CA ARG B 670 9.55 -37.48 2.32
C ARG B 670 10.41 -36.25 2.58
N GLN B 671 11.36 -35.94 1.71
CA GLN B 671 12.37 -34.92 1.97
C GLN B 671 12.04 -33.65 1.18
N ILE B 672 11.57 -32.63 1.89
CA ILE B 672 11.33 -31.33 1.28
C ILE B 672 12.66 -30.66 0.98
N ARG B 673 12.83 -30.18 -0.25
CA ARG B 673 14.07 -29.55 -0.67
C ARG B 673 13.78 -28.50 -1.74
N GLY B 674 14.83 -27.83 -2.21
CA GLY B 674 14.68 -26.82 -3.24
C GLY B 674 15.86 -25.87 -3.35
N LEU B 675 15.59 -24.56 -3.27
CA LEU B 675 16.65 -23.55 -3.36
C LEU B 675 17.74 -23.77 -2.33
N GLU B 676 17.40 -24.39 -1.19
CA GLU B 676 18.36 -24.73 -0.16
C GLU B 676 19.58 -25.45 -0.72
N GLU B 677 19.36 -26.40 -1.63
CA GLU B 677 20.48 -27.19 -2.12
C GLU B 677 20.63 -27.07 -3.63
N GLU B 678 20.77 -25.84 -4.13
CA GLU B 678 21.30 -25.65 -5.47
C GLU B 678 22.78 -26.01 -5.50
N LEU B 679 23.20 -26.70 -6.55
CA LEU B 679 24.60 -27.02 -6.76
C LEU B 679 25.08 -26.30 -8.01
N GLN B 680 26.27 -25.71 -7.93
CA GLN B 680 26.81 -24.89 -9.01
C GLN B 680 28.04 -25.55 -9.62
N PHE B 681 28.10 -25.54 -10.95
CA PHE B 681 29.27 -25.94 -11.70
C PHE B 681 29.60 -24.83 -12.70
N SER B 682 30.80 -24.91 -13.26
CA SER B 682 31.17 -23.95 -14.30
C SER B 682 30.27 -24.14 -15.52
N LEU B 683 29.83 -23.02 -16.09
CA LEU B 683 28.82 -23.07 -17.15
C LEU B 683 29.33 -23.81 -18.39
N GLY B 684 30.59 -23.61 -18.74
CA GLY B 684 31.13 -24.18 -19.96
C GLY B 684 31.60 -25.61 -19.88
N SER B 685 31.59 -26.23 -18.70
CA SER B 685 32.08 -27.59 -18.53
C SER B 685 30.90 -28.54 -18.33
N LYS B 686 31.03 -29.73 -18.90
CA LYS B 686 29.94 -30.70 -18.87
C LYS B 686 29.84 -31.37 -17.50
N ILE B 687 28.63 -31.81 -17.16
CA ILE B 687 28.35 -32.47 -15.90
C ILE B 687 27.99 -33.92 -16.18
N ASN B 688 28.50 -34.83 -15.35
CA ASN B 688 28.30 -36.26 -15.51
C ASN B 688 27.63 -36.80 -14.25
N VAL B 689 26.45 -37.40 -14.40
CA VAL B 689 25.66 -37.87 -13.27
C VAL B 689 25.31 -39.34 -13.47
N LYS B 690 25.25 -40.08 -12.37
CA LYS B 690 24.79 -41.47 -12.36
C LYS B 690 23.75 -41.62 -11.26
N VAL B 691 22.68 -42.35 -11.57
CA VAL B 691 21.47 -42.37 -10.74
C VAL B 691 21.12 -43.81 -10.39
N GLY B 692 20.75 -44.03 -9.13
CA GLY B 692 20.25 -45.31 -8.67
C GLY B 692 19.12 -45.11 -7.69
N GLY B 693 18.51 -46.23 -7.28
CA GLY B 693 17.43 -46.22 -6.31
C GLY B 693 16.24 -46.98 -6.82
N ASN B 694 15.11 -46.82 -6.13
CA ASN B 694 13.87 -47.50 -6.47
C ASN B 694 12.73 -46.53 -6.73
N SER B 695 13.03 -45.27 -7.03
CA SER B 695 12.01 -44.27 -7.29
C SER B 695 12.43 -43.39 -8.47
N LYS B 696 11.44 -42.81 -9.14
CA LYS B 696 11.71 -41.86 -10.20
C LYS B 696 11.93 -40.48 -9.61
N GLY B 697 12.82 -39.71 -10.25
CA GLY B 697 13.12 -38.37 -9.80
C GLY B 697 13.23 -37.38 -10.95
N THR B 698 13.65 -36.15 -10.64
CA THR B 698 13.76 -35.11 -11.66
C THR B 698 14.97 -34.24 -11.36
N LEU B 699 15.80 -34.02 -12.38
CA LEU B 699 16.93 -33.12 -12.33
C LEU B 699 16.70 -32.02 -13.35
N LYS B 700 16.87 -30.76 -12.94
CA LYS B 700 16.79 -29.64 -13.86
C LYS B 700 17.98 -28.72 -13.65
N VAL B 701 18.37 -28.06 -14.74
CA VAL B 701 19.57 -27.23 -14.80
C VAL B 701 19.18 -25.83 -15.22
N LEU B 702 19.83 -24.83 -14.63
CA LEU B 702 19.61 -23.43 -14.97
C LEU B 702 20.91 -22.83 -15.49
N ARG B 703 20.86 -22.27 -16.69
CA ARG B 703 21.97 -21.53 -17.28
C ARG B 703 21.55 -20.06 -17.38
N THR B 704 22.28 -19.18 -16.68
CA THR B 704 22.03 -17.76 -16.76
C THR B 704 23.36 -17.04 -17.01
N TYR B 705 23.37 -16.19 -18.04
CA TYR B 705 24.59 -15.50 -18.45
C TYR B 705 24.21 -14.32 -19.32
N ASN B 706 25.13 -13.37 -19.44
CA ASN B 706 24.90 -12.18 -20.24
C ASN B 706 25.34 -12.41 -21.69
N VAL B 707 24.66 -11.74 -22.62
CA VAL B 707 24.89 -11.93 -24.04
C VAL B 707 25.25 -10.61 -24.68
N LEU B 708 25.96 -10.71 -25.81
CA LEU B 708 26.33 -9.55 -26.62
C LEU B 708 25.45 -9.35 -27.83
N ASP B 709 24.67 -10.36 -28.21
CA ASP B 709 23.80 -10.29 -29.38
C ASP B 709 22.56 -11.13 -29.12
N MET B 710 21.49 -10.80 -29.83
CA MET B 710 20.18 -11.38 -29.58
C MET B 710 19.81 -12.50 -30.54
N LYS B 711 20.81 -13.18 -31.12
CA LYS B 711 20.65 -14.22 -32.14
C LYS B 711 19.54 -13.91 -33.14
N ASN B 712 18.98 -14.94 -33.79
CA ASN B 712 17.93 -14.74 -34.78
C ASN B 712 16.70 -15.61 -34.53
N THR B 713 16.63 -16.31 -33.40
CA THR B 713 15.48 -17.12 -33.04
C THR B 713 14.37 -16.32 -32.38
N THR B 714 14.52 -15.00 -32.29
CA THR B 714 13.50 -14.11 -31.76
C THR B 714 13.07 -13.12 -32.83
N CYS B 715 12.03 -12.35 -32.51
CA CYS B 715 11.47 -11.35 -33.41
C CYS B 715 10.96 -11.99 -34.70
N GLN B 716 10.15 -13.05 -34.53
CA GLN B 716 9.50 -13.69 -35.67
C GLN B 716 8.05 -13.25 -35.75
N ASP B 717 7.24 -13.61 -34.75
CA ASP B 717 5.83 -13.22 -34.74
C ASP B 717 5.65 -11.76 -34.34
N LEU B 718 6.42 -11.30 -33.36
CA LEU B 718 6.27 -9.96 -32.81
C LEU B 718 7.52 -9.13 -33.07
N GLN B 719 7.36 -7.81 -32.97
CA GLN B 719 8.43 -6.87 -33.27
C GLN B 719 8.41 -5.74 -32.24
N ILE B 720 9.59 -5.17 -32.00
CA ILE B 720 9.74 -4.01 -31.12
C ILE B 720 10.99 -3.26 -31.53
N GLU B 721 10.91 -1.93 -31.52
CA GLU B 721 12.07 -1.07 -31.76
C GLU B 721 12.07 0.05 -30.73
N VAL B 722 13.24 0.31 -30.14
CA VAL B 722 13.39 1.31 -29.10
C VAL B 722 14.50 2.27 -29.50
N THR B 723 14.21 3.57 -29.40
CA THR B 723 15.18 4.60 -29.74
C THR B 723 15.12 5.72 -28.72
N VAL B 724 16.27 6.33 -28.44
CA VAL B 724 16.37 7.52 -27.60
C VAL B 724 16.92 8.64 -28.47
N LYS B 725 16.21 9.78 -28.49
CA LYS B 725 16.51 10.86 -29.43
C LYS B 725 17.12 12.09 -28.78
N GLY B 726 17.17 12.16 -27.46
CA GLY B 726 17.64 13.37 -26.80
C GLY B 726 16.54 14.39 -26.63
N HIS B 727 16.58 15.12 -25.52
CA HIS B 727 15.47 16.01 -25.17
C HIS B 727 15.35 17.17 -26.15
N VAL B 728 16.45 17.91 -26.35
CA VAL B 728 16.37 19.11 -27.16
C VAL B 728 16.17 18.77 -28.64
N GLU B 729 16.74 17.65 -29.10
CA GLU B 729 16.54 17.25 -30.50
C GLU B 729 15.10 16.88 -30.77
N TYR B 730 14.46 16.15 -29.83
CA TYR B 730 13.05 15.83 -29.98
C TYR B 730 12.17 17.06 -29.79
N THR B 731 12.57 17.99 -28.91
CA THR B 731 11.81 19.23 -28.75
C THR B 731 11.83 20.06 -30.02
N MET B 732 12.98 20.09 -30.71
CA MET B 732 13.06 20.85 -31.95
C MET B 732 12.25 20.19 -33.06
N GLU B 733 12.20 18.86 -33.09
CA GLU B 733 11.37 18.16 -34.07
C GLU B 733 9.89 18.38 -33.80
N ALA B 734 9.49 18.48 -32.53
CA ALA B 734 8.08 18.64 -32.19
C ALA B 734 7.61 20.08 -32.38
N ASN B 735 8.44 21.06 -32.06
CA ASN B 735 8.06 22.47 -32.10
C ASN B 735 8.34 23.03 -33.48
N GLU B 736 7.36 22.92 -34.37
CA GLU B 736 7.41 23.55 -35.68
C GLU B 736 6.08 24.23 -36.00
N ALA C 1 31.04 37.63 -22.26
CA ALA C 1 29.61 37.31 -22.26
C ALA C 1 29.31 35.84 -22.60
N PRO C 2 29.96 35.26 -23.63
CA PRO C 2 29.72 33.84 -23.93
C PRO C 2 30.13 32.95 -22.77
N LYS C 3 29.48 31.79 -22.67
CA LYS C 3 29.73 30.84 -21.61
C LYS C 3 30.00 29.47 -22.19
N VAL C 4 30.94 28.75 -21.58
CA VAL C 4 31.03 27.30 -21.72
C VAL C 4 30.27 26.69 -20.56
N VAL C 5 29.29 25.84 -20.87
CA VAL C 5 28.32 25.41 -19.87
C VAL C 5 28.02 23.92 -20.04
N GLU C 6 27.90 23.22 -18.92
CA GLU C 6 27.45 21.84 -18.88
C GLU C 6 26.43 21.71 -17.74
N GLU C 7 25.25 21.19 -18.06
CA GLU C 7 24.14 21.20 -17.12
C GLU C 7 24.14 19.95 -16.25
N GLN C 8 23.61 20.11 -15.04
CA GLN C 8 23.30 18.97 -14.20
C GLN C 8 22.00 18.32 -14.66
N GLU C 9 21.90 17.01 -14.44
CA GLU C 9 20.72 16.23 -14.80
C GLU C 9 20.40 16.35 -16.29
N SER C 10 21.12 15.60 -17.11
CA SER C 10 20.81 15.53 -18.53
C SER C 10 19.52 14.74 -18.74
N ARG C 11 18.82 15.05 -19.83
CA ARG C 11 17.49 14.53 -20.09
C ARG C 11 17.38 14.03 -21.51
N VAL C 12 16.66 12.92 -21.70
CA VAL C 12 16.47 12.29 -23.00
C VAL C 12 15.00 11.97 -23.17
N HIS C 13 14.63 11.64 -24.41
CA HIS C 13 13.27 11.24 -24.77
C HIS C 13 13.29 9.84 -25.35
N TYR C 14 12.42 8.98 -24.82
CA TYR C 14 12.30 7.60 -25.29
C TYR C 14 11.19 7.49 -26.32
N THR C 15 11.36 6.55 -27.25
CA THR C 15 10.33 6.19 -28.21
C THR C 15 10.33 4.68 -28.37
N VAL C 16 9.22 4.04 -28.01
CA VAL C 16 9.08 2.60 -28.07
C VAL C 16 7.93 2.28 -29.02
N CYS C 17 8.23 1.48 -30.04
CA CYS C 17 7.24 1.08 -31.05
C CYS C 17 7.14 -0.44 -31.08
N ILE C 18 5.92 -0.94 -31.24
CA ILE C 18 5.65 -2.38 -31.30
C ILE C 18 4.68 -2.65 -32.44
N TRP C 19 4.79 -3.87 -33.01
CA TRP C 19 3.81 -4.34 -33.98
C TRP C 19 3.98 -5.83 -34.16
N ARG C 20 2.91 -6.46 -34.63
CA ARG C 20 2.87 -7.91 -34.87
C ARG C 20 3.14 -8.17 -36.35
N ASN C 21 4.16 -8.98 -36.63
CA ASN C 21 4.47 -9.30 -38.02
C ASN C 21 3.45 -10.26 -38.62
N GLY C 22 2.87 -11.14 -37.79
CA GLY C 22 1.95 -12.13 -38.30
C GLY C 22 0.62 -11.53 -38.72
N LYS C 23 -0.10 -12.27 -39.57
CA LYS C 23 -1.38 -11.87 -40.09
C LYS C 23 -2.56 -12.49 -39.35
N VAL C 24 -2.26 -13.31 -38.33
CA VAL C 24 -3.29 -14.02 -37.57
C VAL C 24 -4.03 -13.04 -36.66
N GLY C 25 -5.30 -13.36 -36.37
CA GLY C 25 -6.11 -12.56 -35.48
C GLY C 25 -5.79 -12.69 -34.02
N LEU C 26 -4.93 -13.64 -33.64
CA LEU C 26 -4.54 -13.80 -32.25
C LEU C 26 -3.78 -12.58 -31.76
N SER C 27 -4.25 -11.97 -30.66
CA SER C 27 -3.59 -10.81 -30.08
C SER C 27 -3.14 -11.10 -28.66
N GLY C 28 -3.99 -10.78 -27.68
CA GLY C 28 -3.66 -11.03 -26.28
C GLY C 28 -2.80 -9.94 -25.67
N MET C 29 -2.70 -10.01 -24.35
CA MET C 29 -1.92 -9.02 -23.61
C MET C 29 -0.42 -9.26 -23.81
N ALA C 30 0.33 -8.16 -23.90
CA ALA C 30 1.78 -8.21 -24.01
C ALA C 30 2.40 -7.14 -23.12
N ILE C 31 3.67 -7.35 -22.79
CA ILE C 31 4.41 -6.46 -21.90
C ILE C 31 5.70 -6.04 -22.59
N ALA C 32 5.98 -4.74 -22.58
CA ALA C 32 7.23 -4.20 -23.10
C ALA C 32 8.16 -3.94 -21.92
N ASP C 33 9.20 -4.77 -21.80
CA ASP C 33 10.19 -4.64 -20.74
C ASP C 33 11.39 -3.89 -21.31
N VAL C 34 11.52 -2.62 -20.93
CA VAL C 34 12.59 -1.75 -21.42
C VAL C 34 13.56 -1.51 -20.27
N THR C 35 14.78 -2.00 -20.42
CA THR C 35 15.83 -1.73 -19.45
C THR C 35 16.49 -0.40 -19.79
N LEU C 36 16.42 0.55 -18.87
CA LEU C 36 16.87 1.90 -19.13
C LEU C 36 18.40 1.96 -19.22
N LEU C 37 18.88 3.01 -19.89
CA LEU C 37 20.29 3.32 -19.87
C LEU C 37 20.73 3.64 -18.45
N SER C 38 22.01 3.40 -18.16
CA SER C 38 22.52 3.52 -16.81
C SER C 38 22.33 4.94 -16.27
N GLY C 39 21.83 5.02 -15.03
CA GLY C 39 21.61 6.29 -14.36
C GLY C 39 20.26 6.92 -14.61
N PHE C 40 19.63 6.61 -15.73
CA PHE C 40 18.37 7.25 -16.11
C PHE C 40 17.19 6.63 -15.35
N HIS C 41 16.15 7.45 -15.18
CA HIS C 41 14.89 7.00 -14.62
C HIS C 41 13.76 7.71 -15.36
N ALA C 42 12.68 6.99 -15.61
CA ALA C 42 11.55 7.55 -16.35
C ALA C 42 10.72 8.45 -15.46
N LEU C 43 10.13 9.47 -16.06
CA LEU C 43 9.29 10.42 -15.34
C LEU C 43 7.88 9.85 -15.17
N ARG C 44 7.46 9.68 -13.91
CA ARG C 44 6.13 9.12 -13.66
C ARG C 44 5.02 10.03 -14.15
N ALA C 45 5.27 11.35 -14.15
CA ALA C 45 4.24 12.29 -14.60
C ALA C 45 3.91 12.07 -16.08
N ASP C 46 4.93 11.82 -16.91
CA ASP C 46 4.68 11.57 -18.32
C ASP C 46 4.10 10.18 -18.56
N LEU C 47 4.47 9.20 -17.72
CA LEU C 47 3.93 7.85 -17.90
C LEU C 47 2.44 7.78 -17.57
N GLU C 48 1.99 8.55 -16.59
CA GLU C 48 0.57 8.51 -16.22
C GLU C 48 -0.33 9.07 -17.32
N LYS C 49 0.16 10.04 -18.08
CA LYS C 49 -0.63 10.58 -19.19
C LYS C 49 -0.83 9.56 -20.30
N LEU C 50 0.03 8.54 -20.38
CA LEU C 50 -0.14 7.50 -21.39
C LEU C 50 -1.33 6.60 -21.04
N THR C 51 -1.56 6.36 -19.76
CA THR C 51 -2.56 5.39 -19.31
C THR C 51 -3.85 6.03 -18.82
N SER C 52 -3.78 7.20 -18.19
CA SER C 52 -4.91 7.75 -17.46
C SER C 52 -5.72 8.77 -18.25
N LEU C 53 -5.24 9.21 -19.41
CA LEU C 53 -6.02 10.14 -20.21
C LEU C 53 -7.03 9.37 -21.07
N SER C 54 -8.04 10.10 -21.55
CA SER C 54 -9.10 9.47 -22.32
C SER C 54 -8.56 8.80 -23.57
N ASP C 55 -7.55 9.39 -24.20
CA ASP C 55 -6.87 8.78 -25.34
C ASP C 55 -5.78 7.84 -24.82
N ARG C 56 -6.23 6.76 -24.18
CA ARG C 56 -5.31 5.83 -23.54
C ARG C 56 -4.50 5.05 -24.57
N TYR C 57 -3.20 4.94 -24.31
CA TYR C 57 -2.31 4.14 -25.14
C TYR C 57 -1.83 2.92 -24.36
N VAL C 58 -0.89 3.13 -23.44
CA VAL C 58 -0.47 2.07 -22.54
C VAL C 58 -1.60 1.78 -21.55
N SER C 59 -1.79 0.50 -21.22
CA SER C 59 -2.88 0.13 -20.32
C SER C 59 -2.49 0.32 -18.86
N HIS C 60 -1.25 -0.01 -18.51
CA HIS C 60 -0.75 0.13 -17.15
C HIS C 60 0.77 0.02 -17.20
N PHE C 61 1.43 0.63 -16.21
CA PHE C 61 2.88 0.62 -16.19
C PHE C 61 3.39 0.35 -14.78
N GLU C 62 4.61 -0.17 -14.72
CA GLU C 62 5.33 -0.37 -13.46
C GLU C 62 6.78 0.03 -13.66
N THR C 63 7.29 0.88 -12.78
CA THR C 63 8.71 1.24 -12.76
C THR C 63 9.37 0.47 -11.63
N GLU C 64 10.19 -0.52 -12.00
CA GLU C 64 10.83 -1.41 -11.04
C GLU C 64 12.33 -1.43 -11.31
N GLY C 65 13.09 -0.77 -10.46
CA GLY C 65 14.51 -0.61 -10.67
C GLY C 65 14.81 0.15 -11.95
N PRO C 66 15.83 -0.29 -12.69
CA PRO C 66 16.10 0.30 -14.00
C PRO C 66 15.18 -0.18 -15.11
N HIS C 67 14.14 -0.95 -14.78
CA HIS C 67 13.20 -1.48 -15.76
C HIS C 67 11.96 -0.61 -15.81
N VAL C 68 11.47 -0.36 -17.03
CA VAL C 68 10.20 0.30 -17.25
C VAL C 68 9.30 -0.71 -17.95
N LEU C 69 8.23 -1.14 -17.27
CA LEU C 69 7.32 -2.14 -17.80
C LEU C 69 6.04 -1.46 -18.27
N LEU C 70 5.65 -1.74 -19.50
CA LEU C 70 4.45 -1.16 -20.10
C LEU C 70 3.49 -2.29 -20.47
N TYR C 71 2.28 -2.25 -19.91
CA TYR C 71 1.25 -3.22 -20.23
C TYR C 71 0.48 -2.78 -21.46
N PHE C 72 0.37 -3.66 -22.45
CA PHE C 72 -0.40 -3.41 -23.65
C PHE C 72 -1.53 -4.43 -23.75
N ASP C 73 -2.74 -3.94 -24.04
CA ASP C 73 -3.87 -4.86 -24.20
C ASP C 73 -3.67 -5.77 -25.41
N SER C 74 -3.21 -5.21 -26.52
CA SER C 74 -2.97 -5.99 -27.72
C SER C 74 -1.77 -5.41 -28.46
N VAL C 75 -1.16 -6.23 -29.30
CA VAL C 75 -0.04 -5.81 -30.14
C VAL C 75 -0.62 -5.48 -31.51
N PRO C 76 -0.58 -4.21 -31.95
CA PRO C 76 -1.13 -3.87 -33.26
C PRO C 76 -0.38 -4.58 -34.39
N THR C 77 -1.05 -4.70 -35.52
CA THR C 77 -0.42 -5.24 -36.73
C THR C 77 0.27 -4.15 -37.56
N SER C 78 0.18 -2.90 -37.14
CA SER C 78 0.89 -1.79 -37.75
C SER C 78 1.76 -1.11 -36.71
N ARG C 79 2.89 -0.57 -37.16
CA ARG C 79 3.89 0.01 -36.27
C ARG C 79 3.30 1.19 -35.49
N GLU C 80 3.07 0.99 -34.19
CA GLU C 80 2.49 1.99 -33.32
C GLU C 80 3.50 2.34 -32.23
N CYS C 81 3.73 3.65 -32.03
CA CYS C 81 4.81 4.12 -31.18
C CYS C 81 4.26 4.82 -29.94
N VAL C 82 4.96 4.61 -28.82
CA VAL C 82 4.66 5.28 -27.55
C VAL C 82 5.96 5.86 -27.01
N GLY C 83 5.89 7.10 -26.51
CA GLY C 83 7.07 7.79 -26.05
C GLY C 83 6.90 8.34 -24.64
N PHE C 84 8.04 8.59 -24.01
CA PHE C 84 8.08 9.19 -22.69
C PHE C 84 9.45 9.81 -22.47
N GLU C 85 9.58 10.54 -21.37
CA GLU C 85 10.79 11.29 -21.05
C GLU C 85 11.51 10.67 -19.86
N ALA C 86 12.84 10.66 -19.90
CA ALA C 86 13.66 10.11 -18.83
C ALA C 86 14.85 11.04 -18.58
N VAL C 87 15.23 11.16 -17.32
CA VAL C 87 16.33 12.04 -16.91
C VAL C 87 17.33 11.24 -16.09
N GLN C 88 18.52 11.82 -15.93
CA GLN C 88 19.64 11.17 -15.25
C GLN C 88 19.99 11.98 -14.00
N GLU C 89 19.77 11.37 -12.83
CA GLU C 89 20.07 12.08 -11.58
C GLU C 89 21.57 12.23 -11.37
N VAL C 90 22.31 11.13 -11.48
CA VAL C 90 23.76 11.12 -11.25
C VAL C 90 24.44 10.86 -12.60
N PRO C 91 25.26 11.79 -13.09
CA PRO C 91 25.84 11.63 -14.43
C PRO C 91 26.72 10.40 -14.58
N VAL C 92 26.27 9.45 -15.40
CA VAL C 92 27.06 8.31 -15.82
C VAL C 92 27.50 8.55 -17.26
N GLY C 93 28.80 8.39 -17.52
CA GLY C 93 29.36 8.54 -18.85
C GLY C 93 29.85 7.22 -19.40
N LEU C 94 30.22 7.25 -20.68
CA LEU C 94 30.62 6.05 -21.42
C LEU C 94 29.51 5.00 -21.34
N VAL C 95 28.27 5.44 -21.53
CA VAL C 95 27.11 4.59 -21.36
C VAL C 95 27.07 3.53 -22.45
N GLN C 96 26.88 2.29 -22.04
CA GLN C 96 26.87 1.16 -22.96
C GLN C 96 25.45 0.70 -23.23
N PRO C 97 25.20 0.06 -24.37
CA PRO C 97 23.82 -0.28 -24.74
C PRO C 97 23.12 -1.17 -23.73
N ALA C 98 21.79 -1.07 -23.71
CA ALA C 98 20.92 -1.89 -22.89
C ALA C 98 19.89 -2.55 -23.79
N SER C 99 19.04 -3.40 -23.20
CA SER C 99 18.12 -4.23 -23.96
C SER C 99 16.66 -3.91 -23.63
N ALA C 100 15.79 -4.38 -24.51
CA ALA C 100 14.35 -4.31 -24.32
C ALA C 100 13.71 -5.55 -24.92
N THR C 101 12.59 -5.98 -24.34
CA THR C 101 11.93 -7.20 -24.77
C THR C 101 10.42 -7.03 -24.73
N LEU C 102 9.77 -7.31 -25.85
CA LEU C 102 8.32 -7.35 -25.95
C LEU C 102 7.88 -8.80 -26.08
N TYR C 103 6.94 -9.22 -25.24
CA TYR C 103 6.54 -10.62 -25.22
C TYR C 103 5.08 -10.79 -24.88
N ASP C 104 4.44 -11.76 -25.53
CA ASP C 104 3.10 -12.17 -25.16
C ASP C 104 3.09 -12.65 -23.71
N TYR C 105 2.16 -12.13 -22.92
CA TYR C 105 2.16 -12.43 -21.49
C TYR C 105 1.81 -13.89 -21.22
N TYR C 106 0.74 -14.38 -21.83
CA TYR C 106 0.29 -15.74 -21.59
C TYR C 106 0.93 -16.76 -22.52
N ASN C 107 1.71 -16.29 -23.49
CA ASN C 107 2.53 -17.16 -24.33
C ASN C 107 3.91 -16.52 -24.46
N PRO C 108 4.70 -16.54 -23.39
CA PRO C 108 6.04 -15.93 -23.43
C PRO C 108 6.99 -16.55 -24.47
N GLU C 109 6.59 -17.63 -25.15
CA GLU C 109 7.39 -18.12 -26.28
C GLU C 109 7.46 -17.09 -27.40
N ARG C 110 6.40 -16.30 -27.59
CA ARG C 110 6.39 -15.25 -28.59
C ARG C 110 7.01 -13.99 -27.99
N ARG C 111 8.21 -13.63 -28.46
CA ARG C 111 8.90 -12.47 -27.93
C ARG C 111 9.87 -11.92 -28.97
N CYS C 112 10.28 -10.67 -28.75
CA CYS C 112 11.26 -10.00 -29.60
C CYS C 112 12.16 -9.18 -28.69
N SER C 113 13.46 -9.46 -28.73
CA SER C 113 14.43 -8.81 -27.86
C SER C 113 15.45 -8.07 -28.72
N VAL C 114 15.73 -6.82 -28.36
CA VAL C 114 16.63 -5.97 -29.13
C VAL C 114 17.59 -5.24 -28.19
N PHE C 115 18.67 -4.75 -28.77
CA PHE C 115 19.60 -3.85 -28.09
C PHE C 115 19.41 -2.44 -28.61
N TYR C 116 19.54 -1.46 -27.71
CA TYR C 116 19.48 -0.05 -28.08
C TYR C 116 20.51 0.71 -27.24
N GLY C 117 20.95 1.85 -27.77
CA GLY C 117 22.03 2.60 -27.17
C GLY C 117 21.79 4.10 -27.24
N ALA C 118 22.69 4.84 -26.60
CA ALA C 118 22.58 6.28 -26.55
C ALA C 118 22.79 6.89 -27.93
N PRO C 119 22.23 8.08 -28.19
CA PRO C 119 22.40 8.70 -29.50
C PRO C 119 23.82 9.18 -29.72
N SER C 120 24.34 8.89 -30.92
CA SER C 120 25.72 9.25 -31.25
C SER C 120 25.88 10.77 -31.23
N LYS C 121 27.11 11.20 -30.91
CA LYS C 121 27.45 12.61 -30.73
C LYS C 121 26.61 13.23 -29.62
N SER C 122 26.68 12.61 -28.45
CA SER C 122 26.09 13.14 -27.23
C SER C 122 27.02 12.79 -26.08
N ARG C 123 26.89 13.54 -24.97
CA ARG C 123 27.79 13.39 -23.82
C ARG C 123 27.69 12.02 -23.16
N LEU C 124 26.66 11.23 -23.43
CA LEU C 124 26.54 9.92 -22.78
C LEU C 124 27.64 8.98 -23.23
N LEU C 125 28.05 9.05 -24.51
CA LEU C 125 29.11 8.19 -25.00
C LEU C 125 30.49 8.69 -24.61
N ALA C 126 30.60 9.93 -24.17
CA ALA C 126 31.89 10.54 -23.87
C ALA C 126 32.33 10.18 -22.44
N THR C 127 33.63 10.35 -22.20
CA THR C 127 34.20 10.07 -20.90
C THR C 127 34.00 11.25 -19.95
N LEU C 128 34.14 10.97 -18.66
CA LEU C 128 34.17 12.01 -17.63
C LEU C 128 35.03 11.48 -16.49
N CYS C 129 36.20 12.07 -16.30
CA CYS C 129 37.19 11.49 -15.41
C CYS C 129 38.30 12.48 -15.16
N SER C 130 38.99 12.29 -14.04
CA SER C 130 40.31 12.86 -13.87
C SER C 130 41.32 11.98 -14.59
N ALA C 131 42.55 12.48 -14.71
CA ALA C 131 43.58 11.73 -15.42
C ALA C 131 43.93 10.43 -14.70
N GLU C 132 43.86 10.43 -13.37
CA GLU C 132 44.28 9.26 -12.61
C GLU C 132 43.26 8.12 -12.72
N VAL C 133 41.97 8.43 -12.63
CA VAL C 133 40.97 7.36 -12.68
C VAL C 133 40.81 6.83 -14.09
N CYS C 134 41.04 7.68 -15.11
CA CYS C 134 41.03 7.18 -16.48
C CYS C 134 42.25 6.31 -16.76
N GLN C 135 43.40 6.67 -16.18
CA GLN C 135 44.58 5.81 -16.27
C GLN C 135 44.37 4.52 -15.51
N CYS C 136 43.66 4.59 -14.37
CA CYS C 136 43.34 3.37 -13.62
C CYS C 136 42.38 2.48 -14.41
N ALA C 137 41.42 3.09 -15.12
CA ALA C 137 40.48 2.31 -15.91
C ALA C 137 41.13 1.70 -17.14
N GLU C 138 42.29 2.20 -17.56
CA GLU C 138 43.00 1.65 -18.70
C GLU C 138 43.98 0.55 -18.32
N GLY C 139 44.16 0.29 -17.01
CA GLY C 139 45.11 -0.72 -16.59
C GLY C 139 44.75 -2.13 -16.99
N LYS C 140 43.45 -2.42 -17.10
CA LYS C 140 43.00 -3.72 -17.56
C LYS C 140 43.04 -3.86 -19.07
N CYS C 141 43.22 -2.78 -19.81
CA CYS C 141 43.13 -2.83 -21.26
C CYS C 141 44.39 -3.46 -21.86
N PRO C 142 44.29 -4.03 -23.06
CA PRO C 142 45.42 -4.79 -23.62
C PRO C 142 46.60 -3.90 -23.95
N ARG C 143 47.70 -4.58 -24.28
CA ARG C 143 49.01 -3.96 -24.48
C ARG C 143 49.19 -3.64 -25.97
N GLN C 144 48.61 -2.50 -26.37
CA GLN C 144 48.70 -2.06 -27.76
C GLN C 144 50.04 -1.39 -28.01
N ARG C 145 50.83 -1.94 -28.92
CA ARG C 145 52.11 -1.36 -29.30
C ARG C 145 52.33 -1.53 -30.79
N ARG C 146 53.16 -0.65 -31.34
CA ARG C 146 53.38 -0.57 -32.78
C ARG C 146 54.41 -1.61 -33.23
N ALA C 147 54.70 -1.61 -34.53
CA ALA C 147 55.62 -2.59 -35.10
C ALA C 147 57.04 -2.35 -34.59
N LEU C 148 57.62 -3.38 -33.96
CA LEU C 148 58.98 -3.33 -33.43
C LEU C 148 59.14 -2.24 -32.37
N GLU C 149 58.05 -1.89 -31.69
CA GLU C 149 58.12 -0.91 -30.63
C GLU C 149 58.75 -1.53 -29.38
N ARG C 150 59.79 -0.88 -28.86
CA ARG C 150 60.51 -1.35 -27.69
C ARG C 150 60.49 -0.27 -26.62
N GLY C 151 60.21 -0.69 -25.37
CA GLY C 151 60.11 0.23 -24.27
C GLY C 151 61.41 0.38 -23.50
N LEU C 152 61.34 1.20 -22.45
CA LEU C 152 62.51 1.42 -21.61
C LEU C 152 62.90 0.17 -20.85
N GLN C 153 61.92 -0.58 -20.34
CA GLN C 153 62.16 -1.74 -19.51
C GLN C 153 62.09 -3.05 -20.28
N ASP C 154 62.03 -3.00 -21.61
CA ASP C 154 62.16 -4.21 -22.41
C ASP C 154 63.64 -4.60 -22.49
N GLU C 155 63.93 -5.86 -22.18
CA GLU C 155 65.29 -6.30 -21.88
C GLU C 155 65.91 -7.14 -23.01
N ASP C 156 65.75 -6.69 -24.25
CA ASP C 156 66.40 -7.25 -25.43
C ASP C 156 66.04 -8.72 -25.67
N GLY C 157 65.06 -9.24 -24.96
CA GLY C 157 64.53 -10.58 -25.19
C GLY C 157 63.10 -10.61 -24.72
N TYR C 158 62.42 -9.48 -24.89
CA TYR C 158 61.15 -9.24 -24.21
C TYR C 158 60.02 -10.10 -24.74
N ARG C 159 60.02 -10.43 -26.03
CA ARG C 159 58.96 -11.27 -26.57
C ARG C 159 59.06 -12.69 -26.04
N MET C 160 60.27 -13.24 -25.94
CA MET C 160 60.44 -14.56 -25.34
C MET C 160 60.19 -14.50 -23.83
N LYS C 161 60.55 -13.38 -23.20
CA LYS C 161 60.27 -13.22 -21.77
C LYS C 161 58.77 -13.14 -21.52
N PHE C 162 58.03 -12.47 -22.40
CA PHE C 162 56.58 -12.40 -22.26
C PHE C 162 55.95 -13.78 -22.47
N ALA C 163 56.49 -14.57 -23.39
CA ALA C 163 55.84 -15.83 -23.77
C ALA C 163 56.08 -16.93 -22.74
N CYS C 164 57.28 -17.01 -22.18
CA CYS C 164 57.65 -18.14 -21.33
C CYS C 164 57.99 -17.76 -19.90
N TYR C 165 58.06 -16.48 -19.55
CA TYR C 165 58.40 -16.09 -18.19
C TYR C 165 57.22 -15.42 -17.50
N TYR C 166 57.03 -14.13 -17.75
CA TYR C 166 55.94 -13.37 -17.15
C TYR C 166 55.25 -12.55 -18.23
N PRO C 167 53.91 -12.62 -18.32
CA PRO C 167 53.03 -13.42 -17.47
C PRO C 167 52.88 -14.85 -17.96
N ARG C 168 53.73 -15.26 -18.90
CA ARG C 168 53.64 -16.53 -19.60
C ARG C 168 52.39 -16.59 -20.46
N VAL C 169 52.51 -17.11 -21.68
CA VAL C 169 51.44 -17.05 -22.66
C VAL C 169 50.93 -18.46 -22.94
N GLU C 170 49.63 -18.56 -23.24
CA GLU C 170 48.99 -19.85 -23.45
C GLU C 170 48.64 -20.14 -24.91
N TYR C 171 48.51 -19.11 -25.74
CA TYR C 171 48.33 -19.31 -27.18
C TYR C 171 49.19 -18.29 -27.91
N GLY C 172 49.32 -18.47 -29.22
CA GLY C 172 50.12 -17.57 -30.03
C GLY C 172 49.84 -17.68 -31.51
N PHE C 173 49.37 -16.60 -32.11
CA PHE C 173 49.04 -16.59 -33.53
C PHE C 173 49.58 -15.33 -34.19
N GLN C 174 49.69 -15.39 -35.52
CA GLN C 174 50.02 -14.25 -36.36
C GLN C 174 48.89 -14.14 -37.38
N VAL C 175 48.07 -13.09 -37.27
CA VAL C 175 46.79 -13.05 -37.98
C VAL C 175 46.72 -11.80 -38.85
N LYS C 176 45.81 -11.84 -39.81
CA LYS C 176 45.48 -10.70 -40.67
C LYS C 176 44.02 -10.32 -40.46
N VAL C 177 43.76 -9.04 -40.26
CA VAL C 177 42.43 -8.58 -39.86
C VAL C 177 41.55 -8.42 -41.10
N LEU C 178 40.32 -8.91 -41.01
CA LEU C 178 39.36 -8.77 -42.10
C LEU C 178 38.44 -7.58 -41.87
N ARG C 179 37.82 -7.51 -40.69
CA ARG C 179 36.91 -6.42 -40.38
C ARG C 179 36.65 -6.41 -38.87
N GLU C 180 36.14 -5.28 -38.40
CA GLU C 180 35.60 -5.15 -37.05
C GLU C 180 34.12 -4.80 -37.15
N ASP C 181 33.34 -5.33 -36.22
CA ASP C 181 31.94 -4.97 -36.13
C ASP C 181 31.52 -4.99 -34.66
N SER C 182 30.56 -4.13 -34.33
CA SER C 182 30.22 -3.86 -32.95
C SER C 182 29.30 -4.92 -32.37
N ARG C 183 29.45 -5.15 -31.06
CA ARG C 183 28.52 -5.89 -30.25
C ARG C 183 28.15 -5.02 -29.05
N ALA C 184 27.20 -5.51 -28.25
CA ALA C 184 26.75 -4.77 -27.08
C ALA C 184 27.90 -4.63 -26.08
N ALA C 185 28.44 -3.42 -25.95
CA ALA C 185 29.53 -3.06 -25.04
C ALA C 185 30.85 -3.74 -25.40
N PHE C 186 30.98 -4.28 -26.60
CA PHE C 186 32.22 -4.93 -27.02
C PHE C 186 32.48 -4.63 -28.49
N ARG C 187 33.72 -4.87 -28.90
CA ARG C 187 34.14 -4.86 -30.29
C ARG C 187 34.87 -6.17 -30.56
N LEU C 188 34.49 -6.85 -31.64
CA LEU C 188 35.17 -8.08 -32.03
C LEU C 188 35.72 -7.95 -33.44
N PHE C 189 36.90 -8.52 -33.66
CA PHE C 189 37.60 -8.43 -34.94
C PHE C 189 37.61 -9.79 -35.61
N GLU C 190 37.22 -9.83 -36.88
CA GLU C 190 37.34 -11.04 -37.68
C GLU C 190 38.75 -11.08 -38.28
N THR C 191 39.53 -12.08 -37.89
CA THR C 191 40.91 -12.20 -38.34
C THR C 191 41.14 -13.57 -38.96
N LYS C 192 42.10 -13.63 -39.87
CA LYS C 192 42.53 -14.88 -40.49
C LYS C 192 43.95 -15.20 -40.04
N ILE C 193 44.16 -16.43 -39.60
CA ILE C 193 45.45 -16.84 -39.03
C ILE C 193 46.45 -17.02 -40.17
N THR C 194 47.45 -16.13 -40.24
CA THR C 194 48.51 -16.28 -41.22
C THR C 194 49.48 -17.40 -40.81
N GLN C 195 49.80 -17.49 -39.52
CA GLN C 195 50.74 -18.49 -39.04
C GLN C 195 50.40 -18.85 -37.61
N VAL C 196 50.53 -20.14 -37.29
CA VAL C 196 50.28 -20.66 -35.94
C VAL C 196 51.61 -20.86 -35.24
N LEU C 197 51.72 -20.37 -34.01
CA LEU C 197 52.93 -20.49 -33.21
C LEU C 197 52.80 -21.50 -32.09
N HIS C 198 51.76 -21.37 -31.28
CA HIS C 198 51.58 -22.21 -30.10
C HIS C 198 50.12 -22.13 -29.66
N PHE C 199 49.57 -23.25 -29.20
CA PHE C 199 48.19 -23.29 -28.78
C PHE C 199 48.00 -24.31 -27.66
N THR C 200 46.89 -24.17 -26.95
CA THR C 200 46.55 -25.10 -25.88
C THR C 200 45.15 -25.67 -26.08
N LYS C 201 44.11 -24.87 -25.81
CA LYS C 201 42.74 -25.34 -25.96
C LYS C 201 42.34 -25.41 -27.43
N ASP C 202 42.75 -24.43 -28.24
CA ASP C 202 42.42 -24.40 -29.67
C ASP C 202 43.28 -25.43 -30.40
N VAL C 203 42.87 -26.69 -30.28
CA VAL C 203 43.68 -27.79 -30.81
C VAL C 203 43.63 -27.81 -32.34
N LYS C 204 42.44 -27.65 -32.93
CA LYS C 204 42.29 -27.72 -34.37
C LYS C 204 42.67 -26.43 -35.08
N ALA C 205 43.42 -25.54 -34.43
CA ALA C 205 43.84 -24.30 -35.07
C ALA C 205 44.89 -24.57 -36.14
N ALA C 206 44.78 -23.87 -37.26
CA ALA C 206 45.70 -24.03 -38.37
C ALA C 206 45.70 -22.76 -39.19
N ALA C 207 46.72 -22.63 -40.04
CA ALA C 207 46.85 -21.45 -40.88
C ALA C 207 45.70 -21.36 -41.88
N ASN C 208 45.38 -20.13 -42.27
CA ASN C 208 44.33 -19.76 -43.20
C ASN C 208 42.93 -19.98 -42.63
N GLN C 209 42.81 -20.30 -41.35
CA GLN C 209 41.50 -20.39 -40.71
C GLN C 209 41.07 -19.02 -40.18
N MET C 210 39.76 -18.89 -39.97
CA MET C 210 39.19 -17.68 -39.40
C MET C 210 39.12 -17.80 -37.88
N ARG C 211 39.23 -16.66 -37.20
CA ARG C 211 39.16 -16.62 -35.75
C ARG C 211 38.73 -15.23 -35.32
N ASN C 212 38.04 -15.14 -34.19
CA ASN C 212 37.45 -13.91 -33.71
C ASN C 212 38.09 -13.49 -32.40
N PHE C 213 38.46 -12.21 -32.31
CA PHE C 213 39.08 -11.63 -31.13
C PHE C 213 38.23 -10.47 -30.65
N LEU C 214 37.98 -10.41 -29.34
CA LEU C 214 37.09 -9.40 -28.77
C LEU C 214 37.85 -8.50 -27.81
N VAL C 215 37.49 -7.21 -27.82
CA VAL C 215 38.03 -6.23 -26.90
C VAL C 215 36.87 -5.40 -26.37
N ARG C 216 37.02 -4.87 -25.16
CA ARG C 216 35.97 -4.07 -24.56
C ARG C 216 35.85 -2.71 -25.26
N ALA C 217 34.64 -2.17 -25.24
CA ALA C 217 34.38 -0.88 -25.90
C ALA C 217 35.10 0.27 -25.22
N SER C 218 35.43 0.14 -23.94
CA SER C 218 36.11 1.21 -23.22
C SER C 218 37.57 1.38 -23.61
N CYS C 219 38.20 0.32 -24.11
CA CYS C 219 39.65 0.31 -24.24
C CYS C 219 40.13 1.08 -25.47
N ARG C 220 41.42 1.45 -25.43
CA ARG C 220 42.07 2.17 -26.51
C ARG C 220 42.22 1.30 -27.76
N LEU C 221 42.26 -0.01 -27.59
CA LEU C 221 42.71 -0.91 -28.64
C LEU C 221 41.67 -1.07 -29.74
N ARG C 222 42.13 -1.05 -30.98
CA ARG C 222 41.37 -1.55 -32.11
C ARG C 222 42.34 -2.00 -33.20
N LEU C 223 42.21 -3.25 -33.63
CA LEU C 223 43.06 -3.79 -34.68
C LEU C 223 42.55 -3.29 -36.02
N GLU C 224 43.40 -2.56 -36.74
CA GLU C 224 42.99 -1.96 -38.00
C GLU C 224 42.76 -3.04 -39.06
N PRO C 225 41.71 -2.92 -39.85
CA PRO C 225 41.46 -3.90 -40.91
C PRO C 225 42.51 -3.79 -42.02
N GLY C 226 42.88 -4.93 -42.59
CA GLY C 226 43.87 -4.95 -43.64
C GLY C 226 45.31 -4.95 -43.17
N LYS C 227 45.56 -5.29 -41.91
CA LYS C 227 46.91 -5.34 -41.36
C LYS C 227 47.14 -6.70 -40.71
N GLU C 228 48.40 -7.00 -40.45
CA GLU C 228 48.81 -8.27 -39.86
C GLU C 228 49.40 -8.01 -38.48
N TYR C 229 48.95 -8.78 -37.50
CA TYR C 229 49.36 -8.62 -36.11
C TYR C 229 49.82 -9.94 -35.53
N LEU C 230 50.78 -9.86 -34.62
CA LEU C 230 51.18 -10.98 -33.77
C LEU C 230 50.48 -10.79 -32.42
N ILE C 231 49.51 -11.66 -32.13
CA ILE C 231 48.74 -11.57 -30.90
C ILE C 231 48.83 -12.90 -30.17
N MET C 232 49.10 -12.84 -28.86
CA MET C 232 49.24 -14.02 -28.03
C MET C 232 48.84 -13.67 -26.62
N GLY C 233 48.01 -14.52 -26.01
CA GLY C 233 47.54 -14.29 -24.65
C GLY C 233 47.11 -15.55 -23.92
N LEU C 234 45.99 -15.48 -23.22
CA LEU C 234 45.46 -16.61 -22.45
C LEU C 234 44.12 -17.04 -23.03
N ASP C 235 43.84 -18.34 -22.90
CA ASP C 235 42.61 -18.90 -23.47
C ASP C 235 41.38 -18.36 -22.76
N GLY C 236 40.30 -18.21 -23.53
CA GLY C 236 39.02 -17.78 -23.01
C GLY C 236 38.05 -18.93 -22.82
N ALA C 237 36.78 -18.58 -22.64
CA ALA C 237 35.73 -19.56 -22.38
C ALA C 237 34.60 -19.48 -23.40
N THR C 238 34.72 -18.68 -24.45
CA THR C 238 33.67 -18.50 -25.43
C THR C 238 34.08 -19.10 -26.78
N TYR C 239 33.07 -19.33 -27.62
CA TYR C 239 33.25 -19.88 -28.96
C TYR C 239 32.43 -19.06 -29.93
N ASP C 240 32.77 -19.17 -31.22
CA ASP C 240 32.10 -18.38 -32.24
C ASP C 240 30.93 -19.18 -32.83
N LEU C 241 30.36 -18.67 -33.92
CA LEU C 241 29.15 -19.28 -34.50
C LEU C 241 29.41 -20.71 -34.97
N GLU C 242 30.60 -20.97 -35.53
CA GLU C 242 30.91 -22.26 -36.13
C GLU C 242 31.66 -23.18 -35.17
N GLY C 243 31.67 -22.85 -33.87
CA GLY C 243 32.24 -23.72 -32.86
C GLY C 243 33.72 -23.51 -32.60
N HIS C 244 34.35 -22.52 -33.23
CA HIS C 244 35.76 -22.29 -32.94
C HIS C 244 35.91 -21.33 -31.76
N PRO C 245 36.96 -21.49 -30.96
CA PRO C 245 37.12 -20.64 -29.78
C PRO C 245 37.27 -19.17 -30.14
N GLN C 246 36.82 -18.31 -29.22
CA GLN C 246 37.01 -16.88 -29.31
C GLN C 246 38.05 -16.45 -28.29
N TYR C 247 38.66 -15.29 -28.54
CA TYR C 247 39.78 -14.83 -27.73
C TYR C 247 39.54 -13.41 -27.26
N LEU C 248 40.00 -13.13 -26.03
CA LEU C 248 39.76 -11.86 -25.35
C LEU C 248 41.08 -11.14 -25.15
N LEU C 249 41.15 -9.89 -25.59
CA LEU C 249 42.34 -9.07 -25.42
C LEU C 249 42.28 -8.33 -24.10
N ASP C 250 43.20 -8.64 -23.19
CA ASP C 250 43.33 -7.91 -21.94
C ASP C 250 44.80 -7.62 -21.70
N SER C 251 45.13 -7.20 -20.47
CA SER C 251 46.49 -6.81 -20.13
C SER C 251 47.49 -7.96 -20.18
N ASN C 252 47.02 -9.21 -20.25
CA ASN C 252 47.89 -10.36 -20.37
C ASN C 252 48.09 -10.80 -21.82
N SER C 253 47.65 -10.00 -22.78
CA SER C 253 47.77 -10.32 -24.19
C SER C 253 48.79 -9.42 -24.86
N TRP C 254 49.61 -10.02 -25.72
CA TRP C 254 50.60 -9.29 -26.50
C TRP C 254 50.00 -8.93 -27.85
N ILE C 255 50.09 -7.64 -28.22
CA ILE C 255 49.54 -7.15 -29.48
C ILE C 255 50.61 -6.30 -30.15
N GLU C 256 51.07 -6.73 -31.33
CA GLU C 256 52.11 -6.02 -32.05
C GLU C 256 51.86 -6.12 -33.54
N GLU C 257 51.85 -4.96 -34.21
CA GLU C 257 51.74 -4.94 -35.66
C GLU C 257 52.98 -5.56 -36.29
N MET C 258 52.77 -6.29 -37.40
CA MET C 258 54.00 -6.87 -37.93
C MET C 258 54.67 -5.91 -38.91
N PRO C 259 55.99 -5.81 -38.85
CA PRO C 259 56.69 -4.79 -39.66
C PRO C 259 56.67 -5.13 -41.14
N SER C 260 56.72 -4.07 -41.96
CA SER C 260 56.83 -4.23 -43.40
C SER C 260 58.28 -4.46 -43.80
N GLU C 261 58.46 -4.89 -45.05
CA GLU C 261 59.81 -5.07 -45.58
C GLU C 261 60.55 -3.74 -45.63
N ARG C 262 59.83 -2.63 -45.83
CA ARG C 262 60.46 -1.32 -45.81
C ARG C 262 60.97 -0.96 -44.43
N LEU C 263 60.20 -1.26 -43.38
CA LEU C 263 60.64 -0.98 -42.02
C LEU C 263 61.78 -1.90 -41.61
N CYS C 264 61.75 -3.16 -42.06
CA CYS C 264 62.78 -4.12 -41.67
C CYS C 264 64.13 -3.77 -42.30
N ARG C 265 64.12 -3.37 -43.57
CA ARG C 265 65.37 -3.06 -44.25
C ARG C 265 65.93 -1.68 -43.89
N SER C 266 65.13 -0.83 -43.24
CA SER C 266 65.63 0.46 -42.79
C SER C 266 66.68 0.28 -41.71
N THR C 267 67.71 1.13 -41.75
CA THR C 267 68.86 0.95 -40.87
C THR C 267 68.49 1.01 -39.39
N ARG C 268 67.37 1.64 -39.05
CA ARG C 268 66.98 1.77 -37.65
C ARG C 268 66.56 0.43 -37.06
N GLN C 269 65.92 -0.43 -37.84
CA GLN C 269 65.28 -1.63 -37.32
C GLN C 269 65.80 -2.92 -37.97
N ARG C 270 66.97 -2.89 -38.59
CA ARG C 270 67.51 -4.11 -39.20
C ARG C 270 67.80 -5.16 -38.13
N ALA C 271 68.32 -4.73 -36.98
CA ALA C 271 68.59 -5.67 -35.90
C ALA C 271 67.30 -6.09 -35.20
N ALA C 272 66.37 -5.15 -35.00
CA ALA C 272 65.14 -5.46 -34.30
C ALA C 272 64.28 -6.45 -35.11
N CYS C 273 64.24 -6.26 -36.42
CA CYS C 273 63.48 -7.18 -37.27
C CYS C 273 64.12 -8.56 -37.31
N ALA C 274 65.45 -8.63 -37.19
CA ALA C 274 66.11 -9.93 -37.11
C ALA C 274 65.84 -10.60 -35.78
N GLN C 275 65.77 -9.83 -34.69
CA GLN C 275 65.42 -10.40 -33.39
C GLN C 275 63.99 -10.94 -33.37
N LEU C 276 63.07 -10.27 -34.08
CA LEU C 276 61.70 -10.75 -34.14
C LEU C 276 61.61 -12.09 -34.87
N ASN C 277 62.31 -12.21 -36.00
CA ASN C 277 62.29 -13.47 -36.74
C ASN C 277 62.97 -14.58 -35.96
N ASP C 278 64.05 -14.27 -35.25
CA ASP C 278 64.70 -15.29 -34.43
C ASP C 278 63.80 -15.76 -33.30
N PHE C 279 63.02 -14.84 -32.72
CA PHE C 279 62.03 -15.24 -31.72
C PHE C 279 60.92 -16.08 -32.35
N LEU C 280 60.50 -15.71 -33.56
CA LEU C 280 59.42 -16.43 -34.24
C LEU C 280 59.80 -17.86 -34.53
N GLN C 281 61.06 -18.10 -34.93
CA GLN C 281 61.49 -19.45 -35.26
C GLN C 281 61.69 -20.31 -34.02
N GLU C 282 62.32 -19.77 -32.98
CA GLU C 282 62.56 -20.56 -31.77
C GLU C 282 61.25 -20.87 -31.05
N TYR C 283 60.37 -19.88 -30.92
CA TYR C 283 59.11 -20.12 -30.21
C TYR C 283 58.17 -20.99 -31.04
N GLY C 284 58.26 -20.93 -32.37
CA GLY C 284 57.35 -21.69 -33.21
C GLY C 284 57.63 -23.17 -33.23
N THR C 285 58.90 -23.56 -33.12
CA THR C 285 59.31 -24.96 -33.16
C THR C 285 59.70 -25.50 -31.79
N GLN C 286 60.67 -24.89 -31.13
CA GLN C 286 61.18 -25.44 -29.88
C GLN C 286 60.17 -25.30 -28.74
N GLY C 287 59.58 -24.13 -28.59
CA GLY C 287 58.75 -23.85 -27.44
C GLY C 287 59.57 -23.31 -26.28
N CYS C 288 58.93 -23.32 -25.12
CA CYS C 288 59.51 -22.72 -23.92
C CYS C 288 60.59 -23.64 -23.35
N GLN C 289 61.85 -23.29 -23.65
CA GLN C 289 63.03 -23.88 -23.02
C GLN C 289 62.97 -25.41 -23.03
N VAL C 290 63.05 -25.96 -24.23
CA VAL C 290 63.12 -27.42 -24.40
C VAL C 290 64.54 -27.82 -24.77
C1 NAG D . -21.32 1.25 13.67
C2 NAG D . -21.09 2.70 13.27
C3 NAG D . -22.39 3.32 12.75
C4 NAG D . -23.01 2.47 11.65
C5 NAG D . -23.12 1.01 12.10
C6 NAG D . -23.57 0.07 11.00
C7 NAG D . -19.77 4.54 14.23
C8 NAG D . -19.33 5.22 15.49
N2 NAG D . -20.57 3.48 14.39
O3 NAG D . -22.12 4.63 12.24
O4 NAG D . -24.33 2.93 11.38
O5 NAG D . -21.84 0.53 12.56
O6 NAG D . -23.34 -1.29 11.35
O7 NAG D . -19.43 4.94 13.13
C1 NAG D . -24.43 3.50 10.05
C2 NAG D . -25.86 3.28 9.55
C3 NAG D . -26.04 3.91 8.18
C4 NAG D . -25.62 5.38 8.22
C5 NAG D . -24.21 5.53 8.77
C6 NAG D . -23.80 6.96 8.98
C7 NAG D . -27.40 1.39 9.77
C8 NAG D . -27.57 -0.10 9.69
N2 NAG D . -26.18 1.86 9.51
O3 NAG D . -27.41 3.80 7.80
O4 NAG D . -25.69 6.02 6.95
O5 NAG D . -24.13 4.89 10.06
O6 NAG D . -24.82 7.68 9.67
O7 NAG D . -28.34 2.13 10.07
C1 BMA D . -25.54 5.19 5.75
C2 BMA D . -25.59 6.16 4.54
C3 BMA D . -25.45 5.38 3.24
C4 BMA D . -24.26 4.40 3.28
C5 BMA D . -24.29 3.56 4.57
C6 BMA D . -23.08 2.64 4.72
O2 BMA D . -24.51 7.07 4.59
O3 BMA D . -25.31 6.26 2.13
O4 BMA D . -24.30 3.54 2.16
O5 BMA D . -24.33 4.44 5.71
O6 BMA D . -23.25 1.88 5.90
C1 NAG E . 21.50 -45.62 -1.83
C2 NAG E . 22.58 -45.78 -0.78
C3 NAG E . 22.30 -47.03 0.05
C4 NAG E . 20.86 -47.05 0.56
C5 NAG E . 19.84 -46.62 -0.50
C6 NAG E . 18.48 -46.33 0.06
C7 NAG E . 25.01 -45.43 -0.77
C8 NAG E . 26.29 -45.58 -1.54
N2 NAG E . 23.90 -45.85 -1.39
O3 NAG E . 23.22 -47.03 1.14
O4 NAG E . 20.47 -48.37 0.94
O5 NAG E . 20.27 -45.44 -1.20
O6 NAG E . 17.50 -46.21 -0.96
O7 NAG E . 24.99 -44.96 0.37
C1 NAG E . 21.23 -49.03 1.98
C2 NAG E . 20.32 -50.04 2.70
C3 NAG E . 21.13 -50.81 3.75
C4 NAG E . 22.38 -51.43 3.13
C5 NAG E . 23.19 -50.36 2.42
C6 NAG E . 24.39 -50.91 1.69
C7 NAG E . 18.00 -49.97 3.49
C8 NAG E . 16.93 -49.15 4.13
N2 NAG E . 19.18 -49.38 3.32
O3 NAG E . 20.30 -51.84 4.31
O4 NAG E . 23.17 -52.03 4.15
O5 NAG E . 22.37 -49.71 1.43
O6 NAG E . 25.01 -49.92 0.89
O7 NAG E . 17.81 -51.14 3.14
C1 NAG F . 31.99 33.77 2.46
C2 NAG F . 33.04 34.86 2.44
C3 NAG F . 32.58 36.00 1.54
C4 NAG F . 32.20 35.48 0.15
C5 NAG F . 31.26 34.27 0.25
C6 NAG F . 31.05 33.60 -1.08
C7 NAG F . 34.54 35.77 4.16
C8 NAG F . 34.66 36.24 5.57
N2 NAG F . 33.33 35.35 3.78
O3 NAG F . 33.64 36.95 1.45
O4 NAG F . 31.51 36.49 -0.57
O5 NAG F . 31.78 33.28 1.14
O6 NAG F . 32.28 33.13 -1.63
O7 NAG F . 35.49 35.76 3.39
C1 NAG F . 32.37 37.41 -1.25
C2 NAG F . 31.71 37.80 -2.57
C3 NAG F . 32.53 38.88 -3.29
C4 NAG F . 32.84 40.05 -2.35
C5 NAG F . 33.44 39.53 -1.04
C6 NAG F . 33.65 40.61 -0.02
C7 NAG F . 30.55 36.50 -4.30
C8 NAG F . 30.55 35.23 -5.10
N2 NAG F . 31.56 36.63 -3.42
O3 NAG F . 31.75 39.31 -4.39
O4 NAG F . 33.81 40.93 -2.93
O5 NAG F . 32.55 38.57 -0.45
O6 NAG F . 34.26 40.10 1.16
O7 NAG F . 29.70 37.36 -4.45
C1 BMA F . 33.35 41.69 -4.06
C2 BMA F . 33.95 43.11 -4.02
C3 BMA F . 33.65 43.85 -5.34
C4 BMA F . 33.95 42.97 -6.57
C5 BMA F . 33.28 41.60 -6.45
C6 BMA F . 33.68 40.67 -7.57
O2 BMA F . 35.36 43.07 -3.88
O3 BMA F . 34.39 45.06 -5.42
O4 BMA F . 33.49 43.62 -7.75
O5 BMA F . 33.73 41.01 -5.24
O6 BMA F . 35.09 40.58 -7.53
C1 MAN F . 33.51 46.15 -5.76
C2 MAN F . 34.41 47.32 -6.23
C3 MAN F . 35.22 47.84 -5.05
C4 MAN F . 34.31 48.19 -3.86
C5 MAN F . 33.46 46.96 -3.48
C6 MAN F . 32.45 47.25 -2.38
O2 MAN F . 33.63 48.43 -6.69
O3 MAN F . 36.00 48.98 -5.42
O4 MAN F . 35.10 48.58 -2.74
O5 MAN F . 32.73 46.52 -4.64
O6 MAN F . 33.16 47.40 -1.16
C1 MAN F . 35.54 39.41 -8.24
C2 MAN F . 35.55 38.23 -7.25
C3 MAN F . 36.61 38.46 -6.17
C4 MAN F . 37.96 38.82 -6.78
C5 MAN F . 37.81 40.00 -7.75
C6 MAN F . 39.09 40.36 -8.48
O2 MAN F . 35.93 37.00 -7.90
O3 MAN F . 36.74 37.33 -5.29
O4 MAN F . 38.88 39.18 -5.76
O5 MAN F . 36.82 39.65 -8.75
O6 MAN F . 38.81 41.41 -9.38
C1 NAG G . 21.01 -17.69 -36.71
C2 NAG G . 22.31 -17.68 -37.50
C3 NAG G . 22.82 -19.11 -37.66
C4 NAG G . 22.90 -19.84 -36.32
C5 NAG G . 21.61 -19.66 -35.52
C6 NAG G . 21.73 -20.15 -34.10
C7 NAG G . 23.09 -16.38 -39.42
C8 NAG G . 22.72 -15.80 -40.76
N2 NAG G . 22.12 -17.06 -38.79
O3 NAG G . 24.12 -19.07 -38.26
O4 NAG G . 23.04 -21.24 -36.56
O5 NAG G . 21.24 -18.28 -35.45
O6 NAG G . 22.49 -19.25 -33.30
O7 NAG G . 24.21 -16.23 -38.94
C1 NAG G . 24.38 -21.70 -36.51
C2 NAG G . 24.36 -23.11 -35.90
C3 NAG G . 25.75 -23.72 -35.93
C4 NAG G . 26.30 -23.70 -37.36
C5 NAG G . 26.31 -22.27 -37.86
C6 NAG G . 26.77 -22.15 -39.30
C7 NAG G . 23.10 -24.06 -34.03
C8 NAG G . 22.64 -23.86 -32.60
N2 NAG G . 23.84 -23.07 -34.54
O3 NAG G . 25.67 -25.07 -35.46
O4 NAG G . 27.61 -24.26 -37.40
O5 NAG G . 24.97 -21.74 -37.81
O6 NAG G . 25.92 -22.89 -40.18
O7 NAG G . 22.80 -25.05 -34.67
C1 BMA G . 27.53 -25.47 -38.17
C2 BMA G . 28.96 -25.94 -38.50
C3 BMA G . 28.90 -27.26 -39.29
C4 BMA G . 27.99 -28.30 -38.60
C5 BMA G . 26.62 -27.69 -38.21
C6 BMA G . 25.80 -28.63 -37.36
O2 BMA G . 29.68 -26.21 -37.31
O3 BMA G . 30.19 -27.81 -39.45
O4 BMA G . 27.79 -29.41 -39.46
O5 BMA G . 26.84 -26.49 -37.47
O6 BMA G . 26.63 -29.06 -36.29
C1 MAN G . 30.58 -27.72 -40.83
C2 MAN G . 31.36 -29.01 -41.16
C3 MAN G . 32.66 -29.04 -40.35
C4 MAN G . 33.46 -27.74 -40.54
C5 MAN G . 32.57 -26.52 -40.22
C6 MAN G . 33.25 -25.20 -40.50
O2 MAN G . 31.76 -29.05 -42.52
O3 MAN G . 33.46 -30.17 -40.67
O4 MAN G . 34.60 -27.73 -39.70
O5 MAN G . 31.38 -26.58 -41.03
O6 MAN G . 34.30 -25.03 -39.55
C1 MAN G . 25.83 -29.64 -35.24
C2 MAN G . 25.55 -28.53 -34.20
C3 MAN G . 26.84 -28.12 -33.50
C4 MAN G . 27.59 -29.36 -32.96
C5 MAN G . 27.80 -30.38 -34.09
C6 MAN G . 28.44 -31.67 -33.61
O2 MAN G . 24.68 -29.00 -33.16
O3 MAN G . 26.60 -27.20 -32.45
O4 MAN G . 28.85 -28.97 -32.44
O5 MAN G . 26.52 -30.72 -34.67
O6 MAN G . 28.68 -32.50 -34.75
PB PBM H . -20.79 -11.26 27.38
O5 A2G I . -0.29 -41.86 -30.23
C1 A2G I . -0.39 -42.97 -29.27
C2 A2G I . -1.78 -42.98 -28.63
N2 A2G I . -1.85 -44.06 -27.61
C3 A2G I . -2.81 -43.16 -29.65
O3 A2G I . -4.15 -43.12 -29.03
C4 A2G I . -2.74 -42.11 -30.69
O4 A2G I . -3.14 -40.86 -30.10
C5 A2G I . -1.33 -41.94 -31.27
C6 A2G I . -1.29 -40.69 -32.10
O6 A2G I . -2.08 -40.85 -33.24
C7 A2G I . -2.76 -43.93 -26.47
O7 A2G I . -3.43 -42.96 -26.37
C8 A2G I . -2.84 -45.03 -25.42
PB PBM J . -0.44 17.58 15.98
PB PBM K . 19.61 -19.45 -7.90
PB PBM L . 40.47 5.51 -22.20
#